data_1YCK
# 
_entry.id   1YCK 
# 
_audit_conform.dict_name       mmcif_pdbx.dic 
_audit_conform.dict_version    5.398 
_audit_conform.dict_location   http://mmcif.pdb.org/dictionaries/ascii/mmcif_pdbx.dic 
# 
loop_
_database_2.database_id 
_database_2.database_code 
_database_2.pdbx_database_accession 
_database_2.pdbx_DOI 
PDB   1YCK         pdb_00001yck 10.2210/pdb1yck/pdb 
RCSB  RCSB031378   ?            ?                   
WWPDB D_1000031378 ?            ?                   
# 
loop_
_pdbx_audit_revision_history.ordinal 
_pdbx_audit_revision_history.data_content_type 
_pdbx_audit_revision_history.major_revision 
_pdbx_audit_revision_history.minor_revision 
_pdbx_audit_revision_history.revision_date 
1 'Structure model' 1 0 2005-03-22 
2 'Structure model' 1 1 2008-04-30 
3 'Structure model' 1 2 2011-07-13 
4 'Structure model' 1 3 2023-10-25 
5 'Structure model' 1 4 2024-10-30 
# 
_pdbx_audit_revision_details.ordinal             1 
_pdbx_audit_revision_details.revision_ordinal    1 
_pdbx_audit_revision_details.data_content_type   'Structure model' 
_pdbx_audit_revision_details.provider            repository 
_pdbx_audit_revision_details.type                'Initial release' 
_pdbx_audit_revision_details.description         ? 
_pdbx_audit_revision_details.details             ? 
# 
loop_
_pdbx_audit_revision_group.ordinal 
_pdbx_audit_revision_group.revision_ordinal 
_pdbx_audit_revision_group.data_content_type 
_pdbx_audit_revision_group.group 
1 2 'Structure model' 'Version format compliance' 
2 3 'Structure model' 'Version format compliance' 
3 4 'Structure model' 'Data collection'           
4 4 'Structure model' 'Database references'       
5 4 'Structure model' 'Refinement description'    
6 5 'Structure model' 'Structure summary'         
# 
loop_
_pdbx_audit_revision_category.ordinal 
_pdbx_audit_revision_category.revision_ordinal 
_pdbx_audit_revision_category.data_content_type 
_pdbx_audit_revision_category.category 
1 4 'Structure model' chem_comp_atom                
2 4 'Structure model' chem_comp_bond                
3 4 'Structure model' database_2                    
4 4 'Structure model' pdbx_initial_refinement_model 
5 5 'Structure model' pdbx_entry_details            
6 5 'Structure model' pdbx_modification_feature     
# 
loop_
_pdbx_audit_revision_item.ordinal 
_pdbx_audit_revision_item.revision_ordinal 
_pdbx_audit_revision_item.data_content_type 
_pdbx_audit_revision_item.item 
1 4 'Structure model' '_database_2.pdbx_DOI'                
2 4 'Structure model' '_database_2.pdbx_database_accession' 
# 
_pdbx_database_status.status_code                     REL 
_pdbx_database_status.entry_id                        1YCK 
_pdbx_database_status.recvd_initial_deposition_date   2004-12-22 
_pdbx_database_status.deposit_site                    RCSB 
_pdbx_database_status.process_site                    PDBJ 
_pdbx_database_status.status_code_sf                  REL 
_pdbx_database_status.status_code_mr                  ? 
_pdbx_database_status.SG_entry                        ? 
_pdbx_database_status.pdb_format_compatible           Y 
_pdbx_database_status.status_code_cs                  ? 
_pdbx_database_status.status_code_nmr_data            ? 
_pdbx_database_status.methods_development_category    ? 
# 
loop_
_pdbx_database_related.db_name 
_pdbx_database_related.db_id 
_pdbx_database_related.details 
_pdbx_database_related.content_type 
PDB 1SK3 'human homologous protein'      unspecified 
PDB 1SK4 'human homologous protein'      unspecified 
PDB 1TWQ 'human homologous protein'      unspecified 
PDB 1OHT 'Drosophila homologous protein' unspecified 
PDB 1S2J 'Drosophila homologous protein' unspecified 
PDB 1SXR 'Drosophila homologous protein' unspecified 
# 
loop_
_audit_author.name 
_audit_author.pdbx_ordinal 
'Guan, R.'       1 
'Wang, Q.'       2 
'Sundberg, E.J.' 3 
'Mariuzza, R.A.' 4 
# 
_citation.id                        primary 
_citation.title                     'Crystal structure of human peptidoglycan recognition protein S (PGRP-S) at 1.70 A resolution.' 
_citation.journal_abbrev            J.Mol.Biol. 
_citation.journal_volume            347 
_citation.page_first                683 
_citation.page_last                 691 
_citation.year                      2005 
_citation.journal_id_ASTM           JMOBAK 
_citation.country                   UK 
_citation.journal_id_ISSN           0022-2836 
_citation.journal_id_CSD            0070 
_citation.book_publisher            ? 
_citation.pdbx_database_id_PubMed   15769462 
_citation.pdbx_database_id_DOI      10.1016/j.jmb.2005.01.070 
# 
loop_
_citation_author.citation_id 
_citation_author.name 
_citation_author.ordinal 
_citation_author.identifier_ORCID 
primary 'Guan, R.'       1 ? 
primary 'Wang, Q.'       2 ? 
primary 'Sundberg, E.J.' 3 ? 
primary 'Mariuzza, R.A.' 4 ? 
# 
loop_
_entity.id 
_entity.type 
_entity.src_method 
_entity.pdbx_description 
_entity.formula_weight 
_entity.pdbx_number_of_molecules 
_entity.pdbx_ec 
_entity.pdbx_mutation 
_entity.pdbx_fragment 
_entity.details 
1 polymer man 'Peptidoglycan recognition protein' 19456.941 1   ? ? ? ? 
2 water   nat water                               18.015    200 ? ? ? ? 
# 
_entity_name_com.entity_id   1 
_entity_name_com.name        'peptidoglycan recognition protein S, SBBI68, PGRP-S, UNQ639/PRO1269' 
# 
_entity_poly.entity_id                      1 
_entity_poly.type                           'polypeptide(L)' 
_entity_poly.nstd_linkage                   no 
_entity_poly.nstd_monomer                   no 
_entity_poly.pdbx_seq_one_letter_code       
;QETEDPACCSPIVPRNEWKALASECAQHLSLPLRYVVVSHTAGSSCNTPASCQQQARNVQHYHMKTLGWCDVGYNFLIGE
DGLVYEGRGWNFTGAHSGHLWNPMSIGISFMGNYMDRVPTPQAIRAAQGLLACGVAQGALRSNYVLKGHRDVQRTLSPGN
QLYHLIQNWPHYRSP
;
_entity_poly.pdbx_seq_one_letter_code_can   
;QETEDPACCSPIVPRNEWKALASECAQHLSLPLRYVVVSHTAGSSCNTPASCQQQARNVQHYHMKTLGWCDVGYNFLIGE
DGLVYEGRGWNFTGAHSGHLWNPMSIGISFMGNYMDRVPTPQAIRAAQGLLACGVAQGALRSNYVLKGHRDVQRTLSPGN
QLYHLIQNWPHYRSP
;
_entity_poly.pdbx_strand_id                 A 
_entity_poly.pdbx_target_identifier         ? 
# 
_pdbx_entity_nonpoly.entity_id   2 
_pdbx_entity_nonpoly.name        water 
_pdbx_entity_nonpoly.comp_id     HOH 
# 
loop_
_entity_poly_seq.entity_id 
_entity_poly_seq.num 
_entity_poly_seq.mon_id 
_entity_poly_seq.hetero 
1 1   GLN n 
1 2   GLU n 
1 3   THR n 
1 4   GLU n 
1 5   ASP n 
1 6   PRO n 
1 7   ALA n 
1 8   CYS n 
1 9   CYS n 
1 10  SER n 
1 11  PRO n 
1 12  ILE n 
1 13  VAL n 
1 14  PRO n 
1 15  ARG n 
1 16  ASN n 
1 17  GLU n 
1 18  TRP n 
1 19  LYS n 
1 20  ALA n 
1 21  LEU n 
1 22  ALA n 
1 23  SER n 
1 24  GLU n 
1 25  CYS n 
1 26  ALA n 
1 27  GLN n 
1 28  HIS n 
1 29  LEU n 
1 30  SER n 
1 31  LEU n 
1 32  PRO n 
1 33  LEU n 
1 34  ARG n 
1 35  TYR n 
1 36  VAL n 
1 37  VAL n 
1 38  VAL n 
1 39  SER n 
1 40  HIS n 
1 41  THR n 
1 42  ALA n 
1 43  GLY n 
1 44  SER n 
1 45  SER n 
1 46  CYS n 
1 47  ASN n 
1 48  THR n 
1 49  PRO n 
1 50  ALA n 
1 51  SER n 
1 52  CYS n 
1 53  GLN n 
1 54  GLN n 
1 55  GLN n 
1 56  ALA n 
1 57  ARG n 
1 58  ASN n 
1 59  VAL n 
1 60  GLN n 
1 61  HIS n 
1 62  TYR n 
1 63  HIS n 
1 64  MET n 
1 65  LYS n 
1 66  THR n 
1 67  LEU n 
1 68  GLY n 
1 69  TRP n 
1 70  CYS n 
1 71  ASP n 
1 72  VAL n 
1 73  GLY n 
1 74  TYR n 
1 75  ASN n 
1 76  PHE n 
1 77  LEU n 
1 78  ILE n 
1 79  GLY n 
1 80  GLU n 
1 81  ASP n 
1 82  GLY n 
1 83  LEU n 
1 84  VAL n 
1 85  TYR n 
1 86  GLU n 
1 87  GLY n 
1 88  ARG n 
1 89  GLY n 
1 90  TRP n 
1 91  ASN n 
1 92  PHE n 
1 93  THR n 
1 94  GLY n 
1 95  ALA n 
1 96  HIS n 
1 97  SER n 
1 98  GLY n 
1 99  HIS n 
1 100 LEU n 
1 101 TRP n 
1 102 ASN n 
1 103 PRO n 
1 104 MET n 
1 105 SER n 
1 106 ILE n 
1 107 GLY n 
1 108 ILE n 
1 109 SER n 
1 110 PHE n 
1 111 MET n 
1 112 GLY n 
1 113 ASN n 
1 114 TYR n 
1 115 MET n 
1 116 ASP n 
1 117 ARG n 
1 118 VAL n 
1 119 PRO n 
1 120 THR n 
1 121 PRO n 
1 122 GLN n 
1 123 ALA n 
1 124 ILE n 
1 125 ARG n 
1 126 ALA n 
1 127 ALA n 
1 128 GLN n 
1 129 GLY n 
1 130 LEU n 
1 131 LEU n 
1 132 ALA n 
1 133 CYS n 
1 134 GLY n 
1 135 VAL n 
1 136 ALA n 
1 137 GLN n 
1 138 GLY n 
1 139 ALA n 
1 140 LEU n 
1 141 ARG n 
1 142 SER n 
1 143 ASN n 
1 144 TYR n 
1 145 VAL n 
1 146 LEU n 
1 147 LYS n 
1 148 GLY n 
1 149 HIS n 
1 150 ARG n 
1 151 ASP n 
1 152 VAL n 
1 153 GLN n 
1 154 ARG n 
1 155 THR n 
1 156 LEU n 
1 157 SER n 
1 158 PRO n 
1 159 GLY n 
1 160 ASN n 
1 161 GLN n 
1 162 LEU n 
1 163 TYR n 
1 164 HIS n 
1 165 LEU n 
1 166 ILE n 
1 167 GLN n 
1 168 ASN n 
1 169 TRP n 
1 170 PRO n 
1 171 HIS n 
1 172 TYR n 
1 173 ARG n 
1 174 SER n 
1 175 PRO n 
# 
_entity_src_gen.entity_id                          1 
_entity_src_gen.pdbx_src_id                        1 
_entity_src_gen.pdbx_alt_source_flag               sample 
_entity_src_gen.pdbx_seq_type                      ? 
_entity_src_gen.pdbx_beg_seq_num                   ? 
_entity_src_gen.pdbx_end_seq_num                   ? 
_entity_src_gen.gene_src_common_name               human 
_entity_src_gen.gene_src_genus                     Homo 
_entity_src_gen.pdbx_gene_src_gene                 ? 
_entity_src_gen.gene_src_species                   ? 
_entity_src_gen.gene_src_strain                    ? 
_entity_src_gen.gene_src_tissue                    ? 
_entity_src_gen.gene_src_tissue_fraction           ? 
_entity_src_gen.gene_src_details                   ? 
_entity_src_gen.pdbx_gene_src_fragment             ? 
_entity_src_gen.pdbx_gene_src_scientific_name      'Homo sapiens' 
_entity_src_gen.pdbx_gene_src_ncbi_taxonomy_id     9606 
_entity_src_gen.pdbx_gene_src_variant              ? 
_entity_src_gen.pdbx_gene_src_cell_line            ? 
_entity_src_gen.pdbx_gene_src_atcc                 ? 
_entity_src_gen.pdbx_gene_src_organ                ? 
_entity_src_gen.pdbx_gene_src_organelle            ? 
_entity_src_gen.pdbx_gene_src_cell                 ? 
_entity_src_gen.pdbx_gene_src_cellular_location    ? 
_entity_src_gen.host_org_common_name               ? 
_entity_src_gen.pdbx_host_org_scientific_name      'Escherichia coli' 
_entity_src_gen.pdbx_host_org_ncbi_taxonomy_id     562 
_entity_src_gen.host_org_genus                     Escherichia 
_entity_src_gen.pdbx_host_org_gene                 ? 
_entity_src_gen.pdbx_host_org_organ                ? 
_entity_src_gen.host_org_species                   ? 
_entity_src_gen.pdbx_host_org_tissue               ? 
_entity_src_gen.pdbx_host_org_tissue_fraction      ? 
_entity_src_gen.pdbx_host_org_strain               ? 
_entity_src_gen.pdbx_host_org_variant              ? 
_entity_src_gen.pdbx_host_org_cell_line            ? 
_entity_src_gen.pdbx_host_org_atcc                 ? 
_entity_src_gen.pdbx_host_org_culture_collection   ? 
_entity_src_gen.pdbx_host_org_cell                 ? 
_entity_src_gen.pdbx_host_org_organelle            ? 
_entity_src_gen.pdbx_host_org_cellular_location    ? 
_entity_src_gen.pdbx_host_org_vector_type          plasmid 
_entity_src_gen.pdbx_host_org_vector               ? 
_entity_src_gen.host_org_details                   ? 
_entity_src_gen.expression_system_id               ? 
_entity_src_gen.plasmid_name                       pT7-7 
_entity_src_gen.plasmid_details                    ? 
_entity_src_gen.pdbx_description                   ? 
# 
loop_
_chem_comp.id 
_chem_comp.type 
_chem_comp.mon_nstd_flag 
_chem_comp.name 
_chem_comp.pdbx_synonyms 
_chem_comp.formula 
_chem_comp.formula_weight 
ALA 'L-peptide linking' y ALANINE         ? 'C3 H7 N O2'     89.093  
ARG 'L-peptide linking' y ARGININE        ? 'C6 H15 N4 O2 1' 175.209 
ASN 'L-peptide linking' y ASPARAGINE      ? 'C4 H8 N2 O3'    132.118 
ASP 'L-peptide linking' y 'ASPARTIC ACID' ? 'C4 H7 N O4'     133.103 
CYS 'L-peptide linking' y CYSTEINE        ? 'C3 H7 N O2 S'   121.158 
GLN 'L-peptide linking' y GLUTAMINE       ? 'C5 H10 N2 O3'   146.144 
GLU 'L-peptide linking' y 'GLUTAMIC ACID' ? 'C5 H9 N O4'     147.129 
GLY 'peptide linking'   y GLYCINE         ? 'C2 H5 N O2'     75.067  
HIS 'L-peptide linking' y HISTIDINE       ? 'C6 H10 N3 O2 1' 156.162 
HOH non-polymer         . WATER           ? 'H2 O'           18.015  
ILE 'L-peptide linking' y ISOLEUCINE      ? 'C6 H13 N O2'    131.173 
LEU 'L-peptide linking' y LEUCINE         ? 'C6 H13 N O2'    131.173 
LYS 'L-peptide linking' y LYSINE          ? 'C6 H15 N2 O2 1' 147.195 
MET 'L-peptide linking' y METHIONINE      ? 'C5 H11 N O2 S'  149.211 
PHE 'L-peptide linking' y PHENYLALANINE   ? 'C9 H11 N O2'    165.189 
PRO 'L-peptide linking' y PROLINE         ? 'C5 H9 N O2'     115.130 
SER 'L-peptide linking' y SERINE          ? 'C3 H7 N O3'     105.093 
THR 'L-peptide linking' y THREONINE       ? 'C4 H9 N O3'     119.119 
TRP 'L-peptide linking' y TRYPTOPHAN      ? 'C11 H12 N2 O2'  204.225 
TYR 'L-peptide linking' y TYROSINE        ? 'C9 H11 N O3'    181.189 
VAL 'L-peptide linking' y VALINE          ? 'C5 H11 N O2'    117.146 
# 
loop_
_pdbx_poly_seq_scheme.asym_id 
_pdbx_poly_seq_scheme.entity_id 
_pdbx_poly_seq_scheme.seq_id 
_pdbx_poly_seq_scheme.mon_id 
_pdbx_poly_seq_scheme.ndb_seq_num 
_pdbx_poly_seq_scheme.pdb_seq_num 
_pdbx_poly_seq_scheme.auth_seq_num 
_pdbx_poly_seq_scheme.pdb_mon_id 
_pdbx_poly_seq_scheme.auth_mon_id 
_pdbx_poly_seq_scheme.pdb_strand_id 
_pdbx_poly_seq_scheme.pdb_ins_code 
_pdbx_poly_seq_scheme.hetero 
A 1 1   GLN 1   1   ?   ?   ?   A . n 
A 1 2   GLU 2   2   ?   ?   ?   A . n 
A 1 3   THR 3   3   ?   ?   ?   A . n 
A 1 4   GLU 4   4   ?   ?   ?   A . n 
A 1 5   ASP 5   5   ?   ?   ?   A . n 
A 1 6   PRO 6   6   ?   ?   ?   A . n 
A 1 7   ALA 7   7   ?   ?   ?   A . n 
A 1 8   CYS 8   8   ?   ?   ?   A . n 
A 1 9   CYS 9   9   9   CYS CYS A . n 
A 1 10  SER 10  10  10  SER SER A . n 
A 1 11  PRO 11  11  11  PRO PRO A . n 
A 1 12  ILE 12  12  12  ILE ILE A . n 
A 1 13  VAL 13  13  13  VAL VAL A . n 
A 1 14  PRO 14  14  14  PRO PRO A . n 
A 1 15  ARG 15  15  15  ARG ARG A . n 
A 1 16  ASN 16  16  16  ASN ASN A . n 
A 1 17  GLU 17  17  17  GLU GLU A . n 
A 1 18  TRP 18  18  18  TRP TRP A . n 
A 1 19  LYS 19  19  19  LYS LYS A . n 
A 1 20  ALA 20  20  20  ALA ALA A . n 
A 1 21  LEU 21  21  21  LEU LEU A . n 
A 1 22  ALA 22  22  22  ALA ALA A . n 
A 1 23  SER 23  23  23  SER SER A . n 
A 1 24  GLU 24  24  24  GLU GLU A . n 
A 1 25  CYS 25  25  25  CYS CYS A . n 
A 1 26  ALA 26  26  26  ALA ALA A . n 
A 1 27  GLN 27  27  27  GLN GLN A . n 
A 1 28  HIS 28  28  28  HIS HIS A . n 
A 1 29  LEU 29  29  29  LEU LEU A . n 
A 1 30  SER 30  30  30  SER SER A . n 
A 1 31  LEU 31  31  31  LEU LEU A . n 
A 1 32  PRO 32  32  32  PRO PRO A . n 
A 1 33  LEU 33  33  33  LEU LEU A . n 
A 1 34  ARG 34  34  34  ARG ARG A . n 
A 1 35  TYR 35  35  35  TYR TYR A . n 
A 1 36  VAL 36  36  36  VAL VAL A . n 
A 1 37  VAL 37  37  37  VAL VAL A . n 
A 1 38  VAL 38  38  38  VAL VAL A . n 
A 1 39  SER 39  39  39  SER SER A . n 
A 1 40  HIS 40  40  40  HIS HIS A . n 
A 1 41  THR 41  41  41  THR THR A . n 
A 1 42  ALA 42  42  42  ALA ALA A . n 
A 1 43  GLY 43  43  43  GLY GLY A . n 
A 1 44  SER 44  44  44  SER SER A . n 
A 1 45  SER 45  45  45  SER SER A . n 
A 1 46  CYS 46  46  46  CYS CYS A . n 
A 1 47  ASN 47  47  47  ASN ASN A . n 
A 1 48  THR 48  48  48  THR THR A . n 
A 1 49  PRO 49  49  49  PRO PRO A . n 
A 1 50  ALA 50  50  50  ALA ALA A . n 
A 1 51  SER 51  51  51  SER SER A . n 
A 1 52  CYS 52  52  52  CYS CYS A . n 
A 1 53  GLN 53  53  53  GLN GLN A . n 
A 1 54  GLN 54  54  54  GLN GLN A . n 
A 1 55  GLN 55  55  55  GLN GLN A . n 
A 1 56  ALA 56  56  56  ALA ALA A . n 
A 1 57  ARG 57  57  57  ARG ARG A . n 
A 1 58  ASN 58  58  58  ASN ASN A . n 
A 1 59  VAL 59  59  59  VAL VAL A . n 
A 1 60  GLN 60  60  60  GLN GLN A . n 
A 1 61  HIS 61  61  61  HIS HIS A . n 
A 1 62  TYR 62  62  62  TYR TYR A . n 
A 1 63  HIS 63  63  63  HIS HIS A . n 
A 1 64  MET 64  64  64  MET MET A . n 
A 1 65  LYS 65  65  65  LYS LYS A . n 
A 1 66  THR 66  66  66  THR THR A . n 
A 1 67  LEU 67  67  67  LEU LEU A . n 
A 1 68  GLY 68  68  68  GLY GLY A . n 
A 1 69  TRP 69  69  69  TRP TRP A . n 
A 1 70  CYS 70  70  70  CYS CYS A . n 
A 1 71  ASP 71  71  71  ASP ASP A . n 
A 1 72  VAL 72  72  72  VAL VAL A . n 
A 1 73  GLY 73  73  73  GLY GLY A . n 
A 1 74  TYR 74  74  74  TYR TYR A . n 
A 1 75  ASN 75  75  75  ASN ASN A . n 
A 1 76  PHE 76  76  76  PHE PHE A . n 
A 1 77  LEU 77  77  77  LEU LEU A . n 
A 1 78  ILE 78  78  78  ILE ILE A . n 
A 1 79  GLY 79  79  79  GLY GLY A . n 
A 1 80  GLU 80  80  80  GLU GLU A . n 
A 1 81  ASP 81  81  81  ASP ASP A . n 
A 1 82  GLY 82  82  82  GLY GLY A . n 
A 1 83  LEU 83  83  83  LEU LEU A . n 
A 1 84  VAL 84  84  84  VAL VAL A . n 
A 1 85  TYR 85  85  85  TYR TYR A . n 
A 1 86  GLU 86  86  86  GLU GLU A . n 
A 1 87  GLY 87  87  87  GLY GLY A . n 
A 1 88  ARG 88  88  88  ARG ARG A . n 
A 1 89  GLY 89  89  89  GLY GLY A . n 
A 1 90  TRP 90  90  90  TRP TRP A . n 
A 1 91  ASN 91  91  91  ASN ASN A . n 
A 1 92  PHE 92  92  92  PHE PHE A . n 
A 1 93  THR 93  93  93  THR THR A . n 
A 1 94  GLY 94  94  94  GLY GLY A . n 
A 1 95  ALA 95  95  95  ALA ALA A . n 
A 1 96  HIS 96  96  96  HIS HIS A . n 
A 1 97  SER 97  97  97  SER SER A . n 
A 1 98  GLY 98  98  98  GLY GLY A . n 
A 1 99  HIS 99  99  99  HIS HIS A . n 
A 1 100 LEU 100 100 100 LEU LEU A . n 
A 1 101 TRP 101 101 101 TRP TRP A . n 
A 1 102 ASN 102 102 102 ASN ASN A . n 
A 1 103 PRO 103 103 103 PRO PRO A . n 
A 1 104 MET 104 104 104 MET MET A . n 
A 1 105 SER 105 105 105 SER SER A . n 
A 1 106 ILE 106 106 106 ILE ILE A . n 
A 1 107 GLY 107 107 107 GLY GLY A . n 
A 1 108 ILE 108 108 108 ILE ILE A . n 
A 1 109 SER 109 109 109 SER SER A . n 
A 1 110 PHE 110 110 110 PHE PHE A . n 
A 1 111 MET 111 111 111 MET MET A . n 
A 1 112 GLY 112 112 112 GLY GLY A . n 
A 1 113 ASN 113 113 113 ASN ASN A . n 
A 1 114 TYR 114 114 114 TYR TYR A . n 
A 1 115 MET 115 115 115 MET MET A . n 
A 1 116 ASP 116 116 116 ASP ASP A . n 
A 1 117 ARG 117 117 117 ARG ARG A . n 
A 1 118 VAL 118 118 118 VAL VAL A . n 
A 1 119 PRO 119 119 119 PRO PRO A . n 
A 1 120 THR 120 120 120 THR THR A . n 
A 1 121 PRO 121 121 121 PRO PRO A . n 
A 1 122 GLN 122 122 122 GLN GLN A . n 
A 1 123 ALA 123 123 123 ALA ALA A . n 
A 1 124 ILE 124 124 124 ILE ILE A . n 
A 1 125 ARG 125 125 125 ARG ARG A . n 
A 1 126 ALA 126 126 126 ALA ALA A . n 
A 1 127 ALA 127 127 127 ALA ALA A . n 
A 1 128 GLN 128 128 128 GLN GLN A . n 
A 1 129 GLY 129 129 129 GLY GLY A . n 
A 1 130 LEU 130 130 130 LEU LEU A . n 
A 1 131 LEU 131 131 131 LEU LEU A . n 
A 1 132 ALA 132 132 132 ALA ALA A . n 
A 1 133 CYS 133 133 133 CYS CYS A . n 
A 1 134 GLY 134 134 134 GLY GLY A . n 
A 1 135 VAL 135 135 135 VAL VAL A . n 
A 1 136 ALA 136 136 136 ALA ALA A . n 
A 1 137 GLN 137 137 137 GLN GLN A . n 
A 1 138 GLY 138 138 138 GLY GLY A . n 
A 1 139 ALA 139 139 139 ALA ALA A . n 
A 1 140 LEU 140 140 140 LEU LEU A . n 
A 1 141 ARG 141 141 141 ARG ARG A . n 
A 1 142 SER 142 142 142 SER SER A . n 
A 1 143 ASN 143 143 143 ASN ASN A . n 
A 1 144 TYR 144 144 144 TYR TYR A . n 
A 1 145 VAL 145 145 145 VAL VAL A . n 
A 1 146 LEU 146 146 146 LEU LEU A . n 
A 1 147 LYS 147 147 147 LYS LYS A . n 
A 1 148 GLY 148 148 148 GLY GLY A . n 
A 1 149 HIS 149 149 149 HIS HIS A . n 
A 1 150 ARG 150 150 150 ARG ARG A . n 
A 1 151 ASP 151 151 151 ASP ASP A . n 
A 1 152 VAL 152 152 152 VAL VAL A . n 
A 1 153 GLN 153 153 153 GLN GLN A . n 
A 1 154 ARG 154 154 154 ARG ARG A . n 
A 1 155 THR 155 155 155 THR THR A . n 
A 1 156 LEU 156 156 156 LEU LEU A . n 
A 1 157 SER 157 157 157 SER SER A . n 
A 1 158 PRO 158 158 158 PRO PRO A . n 
A 1 159 GLY 159 159 159 GLY GLY A . n 
A 1 160 ASN 160 160 160 ASN ASN A . n 
A 1 161 GLN 161 161 161 GLN GLN A . n 
A 1 162 LEU 162 162 162 LEU LEU A . n 
A 1 163 TYR 163 163 163 TYR TYR A . n 
A 1 164 HIS 164 164 164 HIS HIS A . n 
A 1 165 LEU 165 165 165 LEU LEU A . n 
A 1 166 ILE 166 166 166 ILE ILE A . n 
A 1 167 GLN 167 167 167 GLN GLN A . n 
A 1 168 ASN 168 168 168 ASN ASN A . n 
A 1 169 TRP 169 169 169 TRP TRP A . n 
A 1 170 PRO 170 170 170 PRO PRO A . n 
A 1 171 HIS 171 171 171 HIS HIS A . n 
A 1 172 TYR 172 172 172 TYR TYR A . n 
A 1 173 ARG 173 173 173 ARG ARG A . n 
A 1 174 SER 174 174 174 SER SER A . n 
A 1 175 PRO 175 175 175 PRO PRO A . n 
# 
loop_
_pdbx_nonpoly_scheme.asym_id 
_pdbx_nonpoly_scheme.entity_id 
_pdbx_nonpoly_scheme.mon_id 
_pdbx_nonpoly_scheme.ndb_seq_num 
_pdbx_nonpoly_scheme.pdb_seq_num 
_pdbx_nonpoly_scheme.auth_seq_num 
_pdbx_nonpoly_scheme.pdb_mon_id 
_pdbx_nonpoly_scheme.auth_mon_id 
_pdbx_nonpoly_scheme.pdb_strand_id 
_pdbx_nonpoly_scheme.pdb_ins_code 
B 2 HOH 1   176 1   HOH HOH A . 
B 2 HOH 2   177 2   HOH HOH A . 
B 2 HOH 3   178 3   HOH HOH A . 
B 2 HOH 4   179 4   HOH HOH A . 
B 2 HOH 5   180 5   HOH HOH A . 
B 2 HOH 6   181 6   HOH HOH A . 
B 2 HOH 7   182 7   HOH HOH A . 
B 2 HOH 8   183 8   HOH HOH A . 
B 2 HOH 9   184 9   HOH HOH A . 
B 2 HOH 10  185 10  HOH HOH A . 
B 2 HOH 11  186 11  HOH HOH A . 
B 2 HOH 12  187 12  HOH HOH A . 
B 2 HOH 13  188 13  HOH HOH A . 
B 2 HOH 14  189 14  HOH HOH A . 
B 2 HOH 15  190 15  HOH HOH A . 
B 2 HOH 16  191 16  HOH HOH A . 
B 2 HOH 17  192 17  HOH HOH A . 
B 2 HOH 18  193 18  HOH HOH A . 
B 2 HOH 19  194 19  HOH HOH A . 
B 2 HOH 20  195 20  HOH HOH A . 
B 2 HOH 21  196 21  HOH HOH A . 
B 2 HOH 22  197 22  HOH HOH A . 
B 2 HOH 23  198 23  HOH HOH A . 
B 2 HOH 24  199 24  HOH HOH A . 
B 2 HOH 25  200 25  HOH HOH A . 
B 2 HOH 26  201 26  HOH HOH A . 
B 2 HOH 27  202 27  HOH HOH A . 
B 2 HOH 28  203 28  HOH HOH A . 
B 2 HOH 29  204 29  HOH HOH A . 
B 2 HOH 30  205 30  HOH HOH A . 
B 2 HOH 31  206 31  HOH HOH A . 
B 2 HOH 32  207 32  HOH HOH A . 
B 2 HOH 33  208 33  HOH HOH A . 
B 2 HOH 34  209 34  HOH HOH A . 
B 2 HOH 35  210 35  HOH HOH A . 
B 2 HOH 36  211 36  HOH HOH A . 
B 2 HOH 37  212 37  HOH HOH A . 
B 2 HOH 38  213 38  HOH HOH A . 
B 2 HOH 39  214 39  HOH HOH A . 
B 2 HOH 40  215 40  HOH HOH A . 
B 2 HOH 41  216 41  HOH HOH A . 
B 2 HOH 42  217 42  HOH HOH A . 
B 2 HOH 43  218 43  HOH HOH A . 
B 2 HOH 44  219 44  HOH HOH A . 
B 2 HOH 45  220 45  HOH HOH A . 
B 2 HOH 46  221 46  HOH HOH A . 
B 2 HOH 47  222 47  HOH HOH A . 
B 2 HOH 48  223 48  HOH HOH A . 
B 2 HOH 49  224 49  HOH HOH A . 
B 2 HOH 50  225 50  HOH HOH A . 
B 2 HOH 51  226 51  HOH HOH A . 
B 2 HOH 52  227 52  HOH HOH A . 
B 2 HOH 53  228 53  HOH HOH A . 
B 2 HOH 54  229 54  HOH HOH A . 
B 2 HOH 55  230 55  HOH HOH A . 
B 2 HOH 56  231 56  HOH HOH A . 
B 2 HOH 57  232 57  HOH HOH A . 
B 2 HOH 58  233 58  HOH HOH A . 
B 2 HOH 59  234 59  HOH HOH A . 
B 2 HOH 60  235 60  HOH HOH A . 
B 2 HOH 61  236 61  HOH HOH A . 
B 2 HOH 62  237 62  HOH HOH A . 
B 2 HOH 63  238 63  HOH HOH A . 
B 2 HOH 64  239 64  HOH HOH A . 
B 2 HOH 65  240 65  HOH HOH A . 
B 2 HOH 66  241 66  HOH HOH A . 
B 2 HOH 67  242 67  HOH HOH A . 
B 2 HOH 68  243 68  HOH HOH A . 
B 2 HOH 69  244 69  HOH HOH A . 
B 2 HOH 70  245 70  HOH HOH A . 
B 2 HOH 71  246 71  HOH HOH A . 
B 2 HOH 72  247 72  HOH HOH A . 
B 2 HOH 73  248 73  HOH HOH A . 
B 2 HOH 74  249 74  HOH HOH A . 
B 2 HOH 75  250 75  HOH HOH A . 
B 2 HOH 76  251 76  HOH HOH A . 
B 2 HOH 77  252 77  HOH HOH A . 
B 2 HOH 78  253 78  HOH HOH A . 
B 2 HOH 79  254 79  HOH HOH A . 
B 2 HOH 80  255 80  HOH HOH A . 
B 2 HOH 81  256 81  HOH HOH A . 
B 2 HOH 82  257 82  HOH HOH A . 
B 2 HOH 83  258 83  HOH HOH A . 
B 2 HOH 84  259 84  HOH HOH A . 
B 2 HOH 85  260 85  HOH HOH A . 
B 2 HOH 86  261 86  HOH HOH A . 
B 2 HOH 87  262 87  HOH HOH A . 
B 2 HOH 88  263 88  HOH HOH A . 
B 2 HOH 89  264 89  HOH HOH A . 
B 2 HOH 90  265 90  HOH HOH A . 
B 2 HOH 91  266 91  HOH HOH A . 
B 2 HOH 92  267 92  HOH HOH A . 
B 2 HOH 93  268 93  HOH HOH A . 
B 2 HOH 94  269 94  HOH HOH A . 
B 2 HOH 95  270 95  HOH HOH A . 
B 2 HOH 96  271 96  HOH HOH A . 
B 2 HOH 97  272 97  HOH HOH A . 
B 2 HOH 98  273 98  HOH HOH A . 
B 2 HOH 99  274 99  HOH HOH A . 
B 2 HOH 100 275 100 HOH HOH A . 
B 2 HOH 101 276 101 HOH HOH A . 
B 2 HOH 102 277 102 HOH HOH A . 
B 2 HOH 103 278 103 HOH HOH A . 
B 2 HOH 104 279 104 HOH HOH A . 
B 2 HOH 105 280 105 HOH HOH A . 
B 2 HOH 106 281 106 HOH HOH A . 
B 2 HOH 107 282 107 HOH HOH A . 
B 2 HOH 108 283 108 HOH HOH A . 
B 2 HOH 109 284 109 HOH HOH A . 
B 2 HOH 110 285 110 HOH HOH A . 
B 2 HOH 111 286 111 HOH HOH A . 
B 2 HOH 112 287 112 HOH HOH A . 
B 2 HOH 113 288 113 HOH HOH A . 
B 2 HOH 114 289 114 HOH HOH A . 
B 2 HOH 115 290 115 HOH HOH A . 
B 2 HOH 116 291 116 HOH HOH A . 
B 2 HOH 117 292 117 HOH HOH A . 
B 2 HOH 118 293 118 HOH HOH A . 
B 2 HOH 119 294 119 HOH HOH A . 
B 2 HOH 120 295 120 HOH HOH A . 
B 2 HOH 121 296 121 HOH HOH A . 
B 2 HOH 122 297 122 HOH HOH A . 
B 2 HOH 123 298 123 HOH HOH A . 
B 2 HOH 124 299 124 HOH HOH A . 
B 2 HOH 125 300 125 HOH HOH A . 
B 2 HOH 126 301 126 HOH HOH A . 
B 2 HOH 127 302 127 HOH HOH A . 
B 2 HOH 128 303 128 HOH HOH A . 
B 2 HOH 129 304 129 HOH HOH A . 
B 2 HOH 130 305 130 HOH HOH A . 
B 2 HOH 131 306 131 HOH HOH A . 
B 2 HOH 132 307 132 HOH HOH A . 
B 2 HOH 133 308 133 HOH HOH A . 
B 2 HOH 134 309 134 HOH HOH A . 
B 2 HOH 135 310 135 HOH HOH A . 
B 2 HOH 136 311 136 HOH HOH A . 
B 2 HOH 137 312 137 HOH HOH A . 
B 2 HOH 138 313 138 HOH HOH A . 
B 2 HOH 139 314 139 HOH HOH A . 
B 2 HOH 140 315 140 HOH HOH A . 
B 2 HOH 141 316 141 HOH HOH A . 
B 2 HOH 142 317 142 HOH HOH A . 
B 2 HOH 143 318 143 HOH HOH A . 
B 2 HOH 144 319 144 HOH HOH A . 
B 2 HOH 145 320 145 HOH HOH A . 
B 2 HOH 146 321 146 HOH HOH A . 
B 2 HOH 147 322 147 HOH HOH A . 
B 2 HOH 148 323 148 HOH HOH A . 
B 2 HOH 149 324 149 HOH HOH A . 
B 2 HOH 150 325 150 HOH HOH A . 
B 2 HOH 151 326 151 HOH HOH A . 
B 2 HOH 152 327 152 HOH HOH A . 
B 2 HOH 153 328 153 HOH HOH A . 
B 2 HOH 154 329 154 HOH HOH A . 
B 2 HOH 155 330 155 HOH HOH A . 
B 2 HOH 156 331 156 HOH HOH A . 
B 2 HOH 157 332 157 HOH HOH A . 
B 2 HOH 158 333 158 HOH HOH A . 
B 2 HOH 159 334 159 HOH HOH A . 
B 2 HOH 160 335 160 HOH HOH A . 
B 2 HOH 161 336 161 HOH HOH A . 
B 2 HOH 162 337 162 HOH HOH A . 
B 2 HOH 163 338 163 HOH HOH A . 
B 2 HOH 164 339 164 HOH HOH A . 
B 2 HOH 165 340 165 HOH HOH A . 
B 2 HOH 166 341 166 HOH HOH A . 
B 2 HOH 167 342 167 HOH HOH A . 
B 2 HOH 168 343 168 HOH HOH A . 
B 2 HOH 169 344 169 HOH HOH A . 
B 2 HOH 170 345 170 HOH HOH A . 
B 2 HOH 171 346 171 HOH HOH A . 
B 2 HOH 172 347 172 HOH HOH A . 
B 2 HOH 173 348 173 HOH HOH A . 
B 2 HOH 174 349 174 HOH HOH A . 
B 2 HOH 175 350 175 HOH HOH A . 
B 2 HOH 176 351 176 HOH HOH A . 
B 2 HOH 177 352 177 HOH HOH A . 
B 2 HOH 178 353 178 HOH HOH A . 
B 2 HOH 179 354 179 HOH HOH A . 
B 2 HOH 180 355 180 HOH HOH A . 
B 2 HOH 181 356 181 HOH HOH A . 
B 2 HOH 182 357 182 HOH HOH A . 
B 2 HOH 183 358 183 HOH HOH A . 
B 2 HOH 184 359 184 HOH HOH A . 
B 2 HOH 185 360 185 HOH HOH A . 
B 2 HOH 186 361 186 HOH HOH A . 
B 2 HOH 187 362 187 HOH HOH A . 
B 2 HOH 188 363 188 HOH HOH A . 
B 2 HOH 189 364 189 HOH HOH A . 
B 2 HOH 190 365 190 HOH HOH A . 
B 2 HOH 191 366 191 HOH HOH A . 
B 2 HOH 192 367 192 HOH HOH A . 
B 2 HOH 193 368 193 HOH HOH A . 
B 2 HOH 194 369 194 HOH HOH A . 
B 2 HOH 195 370 195 HOH HOH A . 
B 2 HOH 196 371 196 HOH HOH A . 
B 2 HOH 197 372 197 HOH HOH A . 
B 2 HOH 198 373 198 HOH HOH A . 
B 2 HOH 199 374 199 HOH HOH A . 
B 2 HOH 200 375 200 HOH HOH A . 
# 
loop_
_software.name 
_software.classification 
_software.version 
_software.citation_id 
_software.pdbx_ordinal 
CNS          refinement       1.1            ? 1 
CrystalClear 'data reduction' '(MSC/RIGAKU)' ? 2 
CrystalClear 'data scaling'   '(MSC/RIGAKU)' ? 3 
AMoRE        phasing          .              ? 4 
# 
_cell.entry_id           1YCK 
_cell.length_a           72.120 
_cell.length_b           72.120 
_cell.length_c           51.790 
_cell.angle_alpha        90.00 
_cell.angle_beta         90.00 
_cell.angle_gamma        120.00 
_cell.Z_PDB              6 
_cell.pdbx_unique_axis   ? 
# 
_symmetry.entry_id                         1YCK 
_symmetry.space_group_name_H-M             'P 32 2 1' 
_symmetry.pdbx_full_space_group_name_H-M   ? 
_symmetry.cell_setting                     ? 
_symmetry.Int_Tables_number                154 
_symmetry.space_group_name_Hall            ? 
# 
_exptl.entry_id          1YCK 
_exptl.method            'X-RAY DIFFRACTION' 
_exptl.crystals_number   4 
# 
_exptl_crystal.id                    1 
_exptl_crystal.density_meas          ? 
_exptl_crystal.density_Matthews      2.04 
_exptl_crystal.density_percent_sol   39.8 
_exptl_crystal.description           ? 
_exptl_crystal.F_000                 ? 
_exptl_crystal.preparation           ? 
# 
_exptl_crystal_grow.crystal_id      1 
_exptl_crystal_grow.method          'VAPOR DIFFUSION, HANGING DROP' 
_exptl_crystal_grow.temp            293 
_exptl_crystal_grow.temp_details    ? 
_exptl_crystal_grow.pH              5.6 
_exptl_crystal_grow.pdbx_details    
'PEG 4000, Sodium Citrate, Sodium Acetate, pH 5.6, VAPOR DIFFUSION, HANGING DROP, temperature 293K' 
_exptl_crystal_grow.pdbx_pH_range   . 
# 
_diffrn.id                     1 
_diffrn.ambient_temp           100 
_diffrn.ambient_temp_details   ? 
_diffrn.crystal_id             1 
# 
_diffrn_detector.diffrn_id              1 
_diffrn_detector.detector               'IMAGE PLATE' 
_diffrn_detector.type                   'RIGAKU RAXIS IV' 
_diffrn_detector.pdbx_collection_date   2004-05-06 
_diffrn_detector.details                ? 
# 
_diffrn_radiation.diffrn_id                        1 
_diffrn_radiation.wavelength_id                    1 
_diffrn_radiation.pdbx_monochromatic_or_laue_m_l   M 
_diffrn_radiation.monochromator                    'Si 111 CHANNEL' 
_diffrn_radiation.pdbx_diffrn_protocol             'SINGLE WAVELENGTH' 
_diffrn_radiation.pdbx_scattering_type             x-ray 
# 
_diffrn_radiation_wavelength.id           1 
_diffrn_radiation_wavelength.wavelength   1.5418 
_diffrn_radiation_wavelength.wt           1.0 
# 
_diffrn_source.diffrn_id                   1 
_diffrn_source.source                      'ROTATING ANODE' 
_diffrn_source.type                        RIGAKU 
_diffrn_source.pdbx_synchrotron_site       ? 
_diffrn_source.pdbx_synchrotron_beamline   ? 
_diffrn_source.pdbx_wavelength             1.5418 
_diffrn_source.pdbx_wavelength_list        ? 
# 
_reflns.entry_id                     1YCK 
_reflns.observed_criterion_sigma_I   0 
_reflns.observed_criterion_sigma_F   0 
_reflns.d_resolution_low             40 
_reflns.d_resolution_high            1.65 
_reflns.number_obs                   19042 
_reflns.number_all                   19042 
_reflns.percent_possible_obs         99.8 
_reflns.pdbx_Rmerge_I_obs            0.067 
_reflns.pdbx_Rsym_value              ? 
_reflns.pdbx_netI_over_sigmaI        ? 
_reflns.B_iso_Wilson_estimate        20.3 
_reflns.pdbx_redundancy              ? 
_reflns.R_free_details               ? 
_reflns.limit_h_max                  ? 
_reflns.limit_h_min                  ? 
_reflns.limit_k_max                  ? 
_reflns.limit_k_min                  ? 
_reflns.limit_l_max                  ? 
_reflns.limit_l_min                  ? 
_reflns.observed_criterion_F_max     ? 
_reflns.observed_criterion_F_min     ? 
_reflns.pdbx_chi_squared             ? 
_reflns.pdbx_scaling_rejects         ? 
_reflns.pdbx_diffrn_id               1 
_reflns.pdbx_ordinal                 1 
# 
_reflns_shell.d_res_high             1.65 
_reflns_shell.d_res_low              1.71 
_reflns_shell.percent_possible_all   100 
_reflns_shell.Rmerge_I_obs           0.246 
_reflns_shell.pdbx_Rsym_value        ? 
_reflns_shell.meanI_over_sigI_obs    6.4 
_reflns_shell.pdbx_redundancy        6.5 
_reflns_shell.percent_possible_obs   ? 
_reflns_shell.number_unique_all      1090 
_reflns_shell.number_measured_all    ? 
_reflns_shell.number_measured_obs    ? 
_reflns_shell.number_unique_obs      ? 
_reflns_shell.pdbx_chi_squared       ? 
_reflns_shell.pdbx_diffrn_id         ? 
_reflns_shell.pdbx_ordinal           1 
# 
_refine.entry_id                                 1YCK 
_refine.ls_number_reflns_obs                     17429 
_refine.ls_number_reflns_all                     17428 
_refine.pdbx_ls_sigma_I                          0 
_refine.pdbx_ls_sigma_F                          0.0 
_refine.pdbx_data_cutoff_high_absF               1170490.79 
_refine.pdbx_data_cutoff_low_absF                0.000000 
_refine.pdbx_data_cutoff_high_rms_absF           ? 
_refine.ls_d_res_low                             39.87 
_refine.ls_d_res_high                            1.70 
_refine.ls_percent_reflns_obs                    99.8 
_refine.ls_R_factor_obs                          0.183 
_refine.ls_R_factor_all                          0.191 
_refine.ls_R_factor_R_work                       0.183 
_refine.ls_R_factor_R_free                       0.21 
_refine.ls_R_factor_R_free_error                 0.007 
_refine.ls_R_factor_R_free_error_details         ? 
_refine.ls_percent_reflns_R_free                 4.9 
_refine.ls_number_reflns_R_free                  799 
_refine.ls_number_parameters                     ? 
_refine.ls_number_restraints                     ? 
_refine.occupancy_min                            ? 
_refine.occupancy_max                            ? 
_refine.correlation_coeff_Fo_to_Fc               ? 
_refine.correlation_coeff_Fo_to_Fc_free          ? 
_refine.B_iso_mean                               22.3 
_refine.aniso_B[1][1]                            0.34 
_refine.aniso_B[2][2]                            0.34 
_refine.aniso_B[3][3]                            -0.68 
_refine.aniso_B[1][2]                            -0.03 
_refine.aniso_B[1][3]                            0.00 
_refine.aniso_B[2][3]                            0.00 
_refine.solvent_model_details                    'FLAT MODEL' 
_refine.solvent_model_param_ksol                 0.361298 
_refine.solvent_model_param_bsol                 39.8465 
_refine.pdbx_solvent_vdw_probe_radii             ? 
_refine.pdbx_solvent_ion_probe_radii             ? 
_refine.pdbx_solvent_shrinkage_radii             ? 
_refine.pdbx_ls_cross_valid_method               THROUGHOUT 
_refine.details                                  ? 
_refine.pdbx_starting_model                      'PDB entry 1SK3' 
_refine.pdbx_method_to_determine_struct          'MOLECULAR REPLACEMENT' 
_refine.pdbx_isotropic_thermal_model             RESTRAINED 
_refine.pdbx_stereochemistry_target_values       'Engh & Huber' 
_refine.pdbx_stereochem_target_val_spec_case     ? 
_refine.pdbx_R_Free_selection_details            RANDOM 
_refine.pdbx_overall_ESU_R                       ? 
_refine.pdbx_overall_ESU_R_Free                  ? 
_refine.overall_SU_ML                            ? 
_refine.overall_SU_B                             ? 
_refine.ls_redundancy_reflns_obs                 ? 
_refine.B_iso_min                                ? 
_refine.B_iso_max                                ? 
_refine.overall_SU_R_Cruickshank_DPI             ? 
_refine.overall_SU_R_free                        ? 
_refine.ls_wR_factor_R_free                      ? 
_refine.ls_wR_factor_R_work                      ? 
_refine.overall_FOM_free_R_set                   ? 
_refine.overall_FOM_work_R_set                   ? 
_refine.pdbx_refine_id                           'X-RAY DIFFRACTION' 
_refine.pdbx_diffrn_id                           1 
_refine.pdbx_TLS_residual_ADP_flag               ? 
_refine.pdbx_overall_phase_error                 ? 
_refine.pdbx_overall_SU_R_free_Cruickshank_DPI   ? 
_refine.pdbx_overall_SU_R_Blow_DPI               ? 
_refine.pdbx_overall_SU_R_free_Blow_DPI          ? 
# 
_refine_analyze.entry_id                        1YCK 
_refine_analyze.Luzzati_coordinate_error_obs    0.19 
_refine_analyze.Luzzati_sigma_a_obs             0.13 
_refine_analyze.Luzzati_d_res_low_obs           5.00 
_refine_analyze.Luzzati_coordinate_error_free   0.20 
_refine_analyze.Luzzati_sigma_a_free            0.08 
_refine_analyze.Luzzati_d_res_low_free          ? 
_refine_analyze.number_disordered_residues      ? 
_refine_analyze.occupancy_sum_hydrogen          ? 
_refine_analyze.occupancy_sum_non_hydrogen      ? 
_refine_analyze.pdbx_Luzzati_d_res_high_obs     ? 
_refine_analyze.pdbx_refine_id                  'X-RAY DIFFRACTION' 
# 
_refine_hist.pdbx_refine_id                   'X-RAY DIFFRACTION' 
_refine_hist.cycle_id                         LAST 
_refine_hist.pdbx_number_atoms_protein        1306 
_refine_hist.pdbx_number_atoms_nucleic_acid   0 
_refine_hist.pdbx_number_atoms_ligand         0 
_refine_hist.number_atoms_solvent             200 
_refine_hist.number_atoms_total               1506 
_refine_hist.d_res_high                       1.70 
_refine_hist.d_res_low                        39.87 
# 
loop_
_refine_ls_restr.type 
_refine_ls_restr.dev_ideal 
_refine_ls_restr.dev_ideal_target 
_refine_ls_restr.weight 
_refine_ls_restr.number 
_refine_ls_restr.pdbx_refine_id 
_refine_ls_restr.pdbx_restraint_function 
c_bond_d           0.010 ? ? ? 'X-RAY DIFFRACTION' ? 
c_angle_deg        1.4   ? ? ? 'X-RAY DIFFRACTION' ? 
c_dihedral_angle_d 25.2  ? ? ? 'X-RAY DIFFRACTION' ? 
c_improper_angle_d 1.35  ? ? ? 'X-RAY DIFFRACTION' ? 
# 
_refine_ls_shell.pdbx_total_number_of_bins_used   6 
_refine_ls_shell.d_res_high                       1.70 
_refine_ls_shell.d_res_low                        1.81 
_refine_ls_shell.number_reflns_R_work             2724 
_refine_ls_shell.R_factor_R_work                  0.272 
_refine_ls_shell.percent_reflns_obs               99.8 
_refine_ls_shell.R_factor_R_free                  0.266 
_refine_ls_shell.R_factor_R_free_error            0.022 
_refine_ls_shell.percent_reflns_R_free            5.3 
_refine_ls_shell.number_reflns_R_free             151 
_refine_ls_shell.number_reflns_obs                ? 
_refine_ls_shell.redundancy_reflns_obs            ? 
_refine_ls_shell.number_reflns_all                ? 
_refine_ls_shell.pdbx_refine_id                   'X-RAY DIFFRACTION' 
_refine_ls_shell.R_factor_all                     ? 
# 
loop_
_pdbx_xplor_file.serial_no 
_pdbx_xplor_file.param_file 
_pdbx_xplor_file.topol_file 
_pdbx_xplor_file.pdbx_refine_id 
1 PROTEIN_REP.PARAM PROTEIN.TOP 'X-RAY DIFFRACTION' 
2 WATER_REP.PARAM   ?           'X-RAY DIFFRACTION' 
3 ION.PARAM         ?           'X-RAY DIFFRACTION' 
# 
_struct.entry_id                  1YCK 
_struct.title                     'Crystal structure of human peptidoglycan recognition protein (PGRP-S)' 
_struct.pdbx_model_details        ? 
_struct.pdbx_CASP_flag            ? 
_struct.pdbx_model_type_details   ? 
# 
_struct_keywords.entry_id        1YCK 
_struct_keywords.pdbx_keywords   'IMMUNE SYSTEM' 
_struct_keywords.text            'PGRP-S, peptidoglycan recognition, innate immunity, pattern recognition proteins, IMMUNE SYSTEM' 
# 
loop_
_struct_asym.id 
_struct_asym.pdbx_blank_PDB_chainid_flag 
_struct_asym.pdbx_modified 
_struct_asym.entity_id 
_struct_asym.details 
A N N 1 ? 
B N N 2 ? 
# 
_struct_ref.id                         1 
_struct_ref.db_name                    UNP 
_struct_ref.db_code                    PGRP_HUMAN 
_struct_ref.pdbx_db_accession          O75594 
_struct_ref.entity_id                  1 
_struct_ref.pdbx_seq_one_letter_code   
;QETEDPACCSPIVPRNEWKALASECAQHLSLPLRYVVVSHTAGSSCNTPASCQQQARNVQHYHMKTLGWCDVGYNFLIGE
DGLVYEGRGWNFTGAHSGHLWNPMSIGISFMGNYMDRVPTPQAIRAAQGLLACGVAQGALRSNYVLKGHRDVQRTLSPGN
QLYHLIQNWPHYRSP
;
_struct_ref.pdbx_align_begin           22 
_struct_ref.pdbx_db_isoform            ? 
# 
_struct_ref_seq.align_id                      1 
_struct_ref_seq.ref_id                        1 
_struct_ref_seq.pdbx_PDB_id_code              1YCK 
_struct_ref_seq.pdbx_strand_id                A 
_struct_ref_seq.seq_align_beg                 1 
_struct_ref_seq.pdbx_seq_align_beg_ins_code   ? 
_struct_ref_seq.seq_align_end                 175 
_struct_ref_seq.pdbx_seq_align_end_ins_code   ? 
_struct_ref_seq.pdbx_db_accession             O75594 
_struct_ref_seq.db_align_beg                  22 
_struct_ref_seq.pdbx_db_align_beg_ins_code    ? 
_struct_ref_seq.db_align_end                  196 
_struct_ref_seq.pdbx_db_align_end_ins_code    ? 
_struct_ref_seq.pdbx_auth_seq_align_beg       1 
_struct_ref_seq.pdbx_auth_seq_align_end       175 
# 
_pdbx_struct_assembly.id                   1 
_pdbx_struct_assembly.details              author_defined_assembly 
_pdbx_struct_assembly.method_details       ? 
_pdbx_struct_assembly.oligomeric_details   monomeric 
_pdbx_struct_assembly.oligomeric_count     1 
# 
_pdbx_struct_assembly_gen.assembly_id       1 
_pdbx_struct_assembly_gen.oper_expression   1 
_pdbx_struct_assembly_gen.asym_id_list      A,B 
# 
_pdbx_struct_oper_list.id                   1 
_pdbx_struct_oper_list.type                 'identity operation' 
_pdbx_struct_oper_list.name                 1_555 
_pdbx_struct_oper_list.symmetry_operation   x,y,z 
_pdbx_struct_oper_list.matrix[1][1]         1.0000000000 
_pdbx_struct_oper_list.matrix[1][2]         0.0000000000 
_pdbx_struct_oper_list.matrix[1][3]         0.0000000000 
_pdbx_struct_oper_list.vector[1]            0.0000000000 
_pdbx_struct_oper_list.matrix[2][1]         0.0000000000 
_pdbx_struct_oper_list.matrix[2][2]         1.0000000000 
_pdbx_struct_oper_list.matrix[2][3]         0.0000000000 
_pdbx_struct_oper_list.vector[2]            0.0000000000 
_pdbx_struct_oper_list.matrix[3][1]         0.0000000000 
_pdbx_struct_oper_list.matrix[3][2]         0.0000000000 
_pdbx_struct_oper_list.matrix[3][3]         1.0000000000 
_pdbx_struct_oper_list.vector[3]            0.0000000000 
# 
loop_
_struct_conf.conf_type_id 
_struct_conf.id 
_struct_conf.pdbx_PDB_helix_id 
_struct_conf.beg_label_comp_id 
_struct_conf.beg_label_asym_id 
_struct_conf.beg_label_seq_id 
_struct_conf.pdbx_beg_PDB_ins_code 
_struct_conf.end_label_comp_id 
_struct_conf.end_label_asym_id 
_struct_conf.end_label_seq_id 
_struct_conf.pdbx_end_PDB_ins_code 
_struct_conf.beg_auth_comp_id 
_struct_conf.beg_auth_asym_id 
_struct_conf.beg_auth_seq_id 
_struct_conf.end_auth_comp_id 
_struct_conf.end_auth_asym_id 
_struct_conf.end_auth_seq_id 
_struct_conf.pdbx_PDB_helix_class 
_struct_conf.details 
_struct_conf.pdbx_PDB_helix_length 
HELX_P HELX_P1 1 PRO A 14  ? LYS A 19  ? PRO A 14  LYS A 19  1 ? 6  
HELX_P HELX_P2 2 THR A 48  ? THR A 66  ? THR A 48  THR A 66  1 ? 19 
HELX_P HELX_P3 3 TRP A 101 ? PRO A 103 ? TRP A 101 PRO A 103 5 ? 3  
HELX_P HELX_P4 4 THR A 120 ? GLN A 137 ? THR A 120 GLN A 137 1 ? 18 
HELX_P HELX_P5 5 ARG A 150 ? VAL A 152 ? ARG A 150 VAL A 152 5 ? 3  
HELX_P HELX_P6 6 GLY A 159 ? GLN A 167 ? GLY A 159 GLN A 167 1 ? 9  
# 
_struct_conf_type.id          HELX_P 
_struct_conf_type.criteria    ? 
_struct_conf_type.reference   ? 
# 
loop_
_struct_conn.id 
_struct_conn.conn_type_id 
_struct_conn.pdbx_leaving_atom_flag 
_struct_conn.pdbx_PDB_id 
_struct_conn.ptnr1_label_asym_id 
_struct_conn.ptnr1_label_comp_id 
_struct_conn.ptnr1_label_seq_id 
_struct_conn.ptnr1_label_atom_id 
_struct_conn.pdbx_ptnr1_label_alt_id 
_struct_conn.pdbx_ptnr1_PDB_ins_code 
_struct_conn.pdbx_ptnr1_standard_comp_id 
_struct_conn.ptnr1_symmetry 
_struct_conn.ptnr2_label_asym_id 
_struct_conn.ptnr2_label_comp_id 
_struct_conn.ptnr2_label_seq_id 
_struct_conn.ptnr2_label_atom_id 
_struct_conn.pdbx_ptnr2_label_alt_id 
_struct_conn.pdbx_ptnr2_PDB_ins_code 
_struct_conn.ptnr1_auth_asym_id 
_struct_conn.ptnr1_auth_comp_id 
_struct_conn.ptnr1_auth_seq_id 
_struct_conn.ptnr2_auth_asym_id 
_struct_conn.ptnr2_auth_comp_id 
_struct_conn.ptnr2_auth_seq_id 
_struct_conn.ptnr2_symmetry 
_struct_conn.pdbx_ptnr3_label_atom_id 
_struct_conn.pdbx_ptnr3_label_seq_id 
_struct_conn.pdbx_ptnr3_label_comp_id 
_struct_conn.pdbx_ptnr3_label_asym_id 
_struct_conn.pdbx_ptnr3_label_alt_id 
_struct_conn.pdbx_ptnr3_PDB_ins_code 
_struct_conn.details 
_struct_conn.pdbx_dist_value 
_struct_conn.pdbx_value_order 
_struct_conn.pdbx_role 
disulf1 disulf ? ? A CYS 9  SG ? ? ? 1_555 A CYS 133 SG ? ? A CYS 9  A CYS 133 1_555 ? ? ? ? ? ? ? 2.060 ? ? 
disulf2 disulf ? ? A CYS 25 SG ? ? ? 1_555 A CYS 70  SG ? ? A CYS 25 A CYS 70  1_555 ? ? ? ? ? ? ? 2.040 ? ? 
disulf3 disulf ? ? A CYS 46 SG ? ? ? 1_555 A CYS 52  SG ? ? A CYS 46 A CYS 52  1_555 ? ? ? ? ? ? ? 2.051 ? ? 
# 
_struct_conn_type.id          disulf 
_struct_conn_type.criteria    ? 
_struct_conn_type.reference   ? 
# 
loop_
_pdbx_modification_feature.ordinal 
_pdbx_modification_feature.label_comp_id 
_pdbx_modification_feature.label_asym_id 
_pdbx_modification_feature.label_seq_id 
_pdbx_modification_feature.label_alt_id 
_pdbx_modification_feature.modified_residue_label_comp_id 
_pdbx_modification_feature.modified_residue_label_asym_id 
_pdbx_modification_feature.modified_residue_label_seq_id 
_pdbx_modification_feature.modified_residue_label_alt_id 
_pdbx_modification_feature.auth_comp_id 
_pdbx_modification_feature.auth_asym_id 
_pdbx_modification_feature.auth_seq_id 
_pdbx_modification_feature.PDB_ins_code 
_pdbx_modification_feature.symmetry 
_pdbx_modification_feature.modified_residue_auth_comp_id 
_pdbx_modification_feature.modified_residue_auth_asym_id 
_pdbx_modification_feature.modified_residue_auth_seq_id 
_pdbx_modification_feature.modified_residue_PDB_ins_code 
_pdbx_modification_feature.modified_residue_symmetry 
_pdbx_modification_feature.comp_id_linking_atom 
_pdbx_modification_feature.modified_residue_id_linking_atom 
_pdbx_modification_feature.modified_residue_id 
_pdbx_modification_feature.ref_pcm_id 
_pdbx_modification_feature.ref_comp_id 
_pdbx_modification_feature.type 
_pdbx_modification_feature.category 
1 CYS A 9  ? CYS A 133 ? CYS A 9  ? 1_555 CYS A 133 ? 1_555 SG SG . . . None 'Disulfide bridge' 
2 CYS A 25 ? CYS A 70  ? CYS A 25 ? 1_555 CYS A 70  ? 1_555 SG SG . . . None 'Disulfide bridge' 
3 CYS A 46 ? CYS A 52  ? CYS A 46 ? 1_555 CYS A 52  ? 1_555 SG SG . . . None 'Disulfide bridge' 
# 
loop_
_struct_mon_prot_cis.pdbx_id 
_struct_mon_prot_cis.label_comp_id 
_struct_mon_prot_cis.label_seq_id 
_struct_mon_prot_cis.label_asym_id 
_struct_mon_prot_cis.label_alt_id 
_struct_mon_prot_cis.pdbx_PDB_ins_code 
_struct_mon_prot_cis.auth_comp_id 
_struct_mon_prot_cis.auth_seq_id 
_struct_mon_prot_cis.auth_asym_id 
_struct_mon_prot_cis.pdbx_label_comp_id_2 
_struct_mon_prot_cis.pdbx_label_seq_id_2 
_struct_mon_prot_cis.pdbx_label_asym_id_2 
_struct_mon_prot_cis.pdbx_PDB_ins_code_2 
_struct_mon_prot_cis.pdbx_auth_comp_id_2 
_struct_mon_prot_cis.pdbx_auth_seq_id_2 
_struct_mon_prot_cis.pdbx_auth_asym_id_2 
_struct_mon_prot_cis.pdbx_PDB_model_num 
_struct_mon_prot_cis.pdbx_omega_angle 
1 LEU 31  A . ? LEU 31  A PRO 32  A ? PRO 32  A 1 -7.71 
2 SER 157 A . ? SER 157 A PRO 158 A ? PRO 158 A 1 6.83  
3 SER 174 A . ? SER 174 A PRO 175 A ? PRO 175 A 1 6.53  
# 
_struct_sheet.id               A 
_struct_sheet.type             ? 
_struct_sheet.number_strands   5 
_struct_sheet.details          ? 
# 
loop_
_struct_sheet_order.sheet_id 
_struct_sheet_order.range_id_1 
_struct_sheet_order.range_id_2 
_struct_sheet_order.offset 
_struct_sheet_order.sense 
A 1 2 ? anti-parallel 
A 2 3 ? parallel      
A 3 4 ? parallel      
A 4 5 ? parallel      
# 
loop_
_struct_sheet_range.sheet_id 
_struct_sheet_range.id 
_struct_sheet_range.beg_label_comp_id 
_struct_sheet_range.beg_label_asym_id 
_struct_sheet_range.beg_label_seq_id 
_struct_sheet_range.pdbx_beg_PDB_ins_code 
_struct_sheet_range.end_label_comp_id 
_struct_sheet_range.end_label_asym_id 
_struct_sheet_range.end_label_seq_id 
_struct_sheet_range.pdbx_end_PDB_ins_code 
_struct_sheet_range.beg_auth_comp_id 
_struct_sheet_range.beg_auth_asym_id 
_struct_sheet_range.beg_auth_seq_id 
_struct_sheet_range.end_auth_comp_id 
_struct_sheet_range.end_auth_asym_id 
_struct_sheet_range.end_auth_seq_id 
A 1 VAL A 84  ? GLU A 86  ? VAL A 84  GLU A 86  
A 2 PHE A 76  ? ILE A 78  ? PHE A 76  ILE A 78  
A 3 SER A 105 ? PHE A 110 ? SER A 105 PHE A 110 
A 4 LEU A 33  ? HIS A 40  ? LEU A 33  HIS A 40  
A 5 LEU A 140 ? GLY A 148 ? LEU A 140 GLY A 148 
# 
loop_
_pdbx_struct_sheet_hbond.sheet_id 
_pdbx_struct_sheet_hbond.range_id_1 
_pdbx_struct_sheet_hbond.range_id_2 
_pdbx_struct_sheet_hbond.range_1_label_atom_id 
_pdbx_struct_sheet_hbond.range_1_label_comp_id 
_pdbx_struct_sheet_hbond.range_1_label_asym_id 
_pdbx_struct_sheet_hbond.range_1_label_seq_id 
_pdbx_struct_sheet_hbond.range_1_PDB_ins_code 
_pdbx_struct_sheet_hbond.range_1_auth_atom_id 
_pdbx_struct_sheet_hbond.range_1_auth_comp_id 
_pdbx_struct_sheet_hbond.range_1_auth_asym_id 
_pdbx_struct_sheet_hbond.range_1_auth_seq_id 
_pdbx_struct_sheet_hbond.range_2_label_atom_id 
_pdbx_struct_sheet_hbond.range_2_label_comp_id 
_pdbx_struct_sheet_hbond.range_2_label_asym_id 
_pdbx_struct_sheet_hbond.range_2_label_seq_id 
_pdbx_struct_sheet_hbond.range_2_PDB_ins_code 
_pdbx_struct_sheet_hbond.range_2_auth_atom_id 
_pdbx_struct_sheet_hbond.range_2_auth_comp_id 
_pdbx_struct_sheet_hbond.range_2_auth_asym_id 
_pdbx_struct_sheet_hbond.range_2_auth_seq_id 
A 1 2 O TYR A 85  ? O TYR A 85  N LEU A 77  ? N LEU A 77  
A 2 3 N ILE A 78  ? N ILE A 78  O SER A 109 ? O SER A 109 
A 3 4 O PHE A 110 ? O PHE A 110 N SER A 39  ? N SER A 39  
A 4 5 N ARG A 34  ? N ARG A 34  O VAL A 145 ? O VAL A 145 
# 
_pdbx_entry_details.entry_id                   1YCK 
_pdbx_entry_details.compound_details           ? 
_pdbx_entry_details.source_details             ? 
_pdbx_entry_details.nonpolymer_details         ? 
_pdbx_entry_details.sequence_details           ? 
_pdbx_entry_details.has_ligand_of_interest     ? 
_pdbx_entry_details.has_protein_modification   Y 
# 
loop_
_pdbx_validate_close_contact.id 
_pdbx_validate_close_contact.PDB_model_num 
_pdbx_validate_close_contact.auth_atom_id_1 
_pdbx_validate_close_contact.auth_asym_id_1 
_pdbx_validate_close_contact.auth_comp_id_1 
_pdbx_validate_close_contact.auth_seq_id_1 
_pdbx_validate_close_contact.PDB_ins_code_1 
_pdbx_validate_close_contact.label_alt_id_1 
_pdbx_validate_close_contact.auth_atom_id_2 
_pdbx_validate_close_contact.auth_asym_id_2 
_pdbx_validate_close_contact.auth_comp_id_2 
_pdbx_validate_close_contact.auth_seq_id_2 
_pdbx_validate_close_contact.PDB_ins_code_2 
_pdbx_validate_close_contact.label_alt_id_2 
_pdbx_validate_close_contact.dist 
1 1 NE2 A HIS 99 ? ? O A HOH 313 ? ? 2.01 
2 1 CD2 A HIS 99 ? ? O A HOH 313 ? ? 2.05 
3 1 CE1 A HIS 99 ? ? O A HOH 313 ? ? 2.07 
4 1 CG  A HIS 99 ? ? O A HOH 313 ? ? 2.11 
5 1 ND1 A HIS 99 ? ? O A HOH 313 ? ? 2.12 
6 1 OE1 A GLN 27 ? ? O A HOH 298 ? ? 2.18 
# 
_pdbx_validate_symm_contact.id                1 
_pdbx_validate_symm_contact.PDB_model_num     1 
_pdbx_validate_symm_contact.auth_atom_id_1    O 
_pdbx_validate_symm_contact.auth_asym_id_1    A 
_pdbx_validate_symm_contact.auth_comp_id_1    HOH 
_pdbx_validate_symm_contact.auth_seq_id_1     316 
_pdbx_validate_symm_contact.PDB_ins_code_1    ? 
_pdbx_validate_symm_contact.label_alt_id_1    ? 
_pdbx_validate_symm_contact.site_symmetry_1   1_555 
_pdbx_validate_symm_contact.auth_atom_id_2    O 
_pdbx_validate_symm_contact.auth_asym_id_2    A 
_pdbx_validate_symm_contact.auth_comp_id_2    HOH 
_pdbx_validate_symm_contact.auth_seq_id_2     316 
_pdbx_validate_symm_contact.PDB_ins_code_2    ? 
_pdbx_validate_symm_contact.label_alt_id_2    ? 
_pdbx_validate_symm_contact.site_symmetry_2   5_555 
_pdbx_validate_symm_contact.dist              1.65 
# 
_pdbx_validate_rmsd_angle.id                         1 
_pdbx_validate_rmsd_angle.PDB_model_num              1 
_pdbx_validate_rmsd_angle.auth_atom_id_1             CB 
_pdbx_validate_rmsd_angle.auth_asym_id_1             A 
_pdbx_validate_rmsd_angle.auth_comp_id_1             ASP 
_pdbx_validate_rmsd_angle.auth_seq_id_1              81 
_pdbx_validate_rmsd_angle.PDB_ins_code_1             ? 
_pdbx_validate_rmsd_angle.label_alt_id_1             ? 
_pdbx_validate_rmsd_angle.auth_atom_id_2             CG 
_pdbx_validate_rmsd_angle.auth_asym_id_2             A 
_pdbx_validate_rmsd_angle.auth_comp_id_2             ASP 
_pdbx_validate_rmsd_angle.auth_seq_id_2              81 
_pdbx_validate_rmsd_angle.PDB_ins_code_2             ? 
_pdbx_validate_rmsd_angle.label_alt_id_2             ? 
_pdbx_validate_rmsd_angle.auth_atom_id_3             OD2 
_pdbx_validate_rmsd_angle.auth_asym_id_3             A 
_pdbx_validate_rmsd_angle.auth_comp_id_3             ASP 
_pdbx_validate_rmsd_angle.auth_seq_id_3              81 
_pdbx_validate_rmsd_angle.PDB_ins_code_3             ? 
_pdbx_validate_rmsd_angle.label_alt_id_3             ? 
_pdbx_validate_rmsd_angle.angle_value                124.45 
_pdbx_validate_rmsd_angle.angle_target_value         118.30 
_pdbx_validate_rmsd_angle.angle_deviation            6.15 
_pdbx_validate_rmsd_angle.angle_standard_deviation   0.90 
_pdbx_validate_rmsd_angle.linker_flag                N 
# 
loop_
_pdbx_validate_torsion.id 
_pdbx_validate_torsion.PDB_model_num 
_pdbx_validate_torsion.auth_comp_id 
_pdbx_validate_torsion.auth_asym_id 
_pdbx_validate_torsion.auth_seq_id 
_pdbx_validate_torsion.PDB_ins_code 
_pdbx_validate_torsion.label_alt_id 
_pdbx_validate_torsion.phi 
_pdbx_validate_torsion.psi 
1 1 HIS A 96  ? ? -142.89 -25.94  
2 1 HIS A 171 ? ? 83.74   -14.19  
3 1 SER A 174 ? ? 73.27   -143.59 
# 
loop_
_pdbx_struct_special_symmetry.id 
_pdbx_struct_special_symmetry.PDB_model_num 
_pdbx_struct_special_symmetry.auth_asym_id 
_pdbx_struct_special_symmetry.auth_comp_id 
_pdbx_struct_special_symmetry.auth_seq_id 
_pdbx_struct_special_symmetry.PDB_ins_code 
_pdbx_struct_special_symmetry.label_asym_id 
_pdbx_struct_special_symmetry.label_comp_id 
_pdbx_struct_special_symmetry.label_seq_id 
1 1 A HOH 178 ? B HOH . 
2 1 A HOH 181 ? B HOH . 
# 
loop_
_pdbx_unobs_or_zero_occ_residues.id 
_pdbx_unobs_or_zero_occ_residues.PDB_model_num 
_pdbx_unobs_or_zero_occ_residues.polymer_flag 
_pdbx_unobs_or_zero_occ_residues.occupancy_flag 
_pdbx_unobs_or_zero_occ_residues.auth_asym_id 
_pdbx_unobs_or_zero_occ_residues.auth_comp_id 
_pdbx_unobs_or_zero_occ_residues.auth_seq_id 
_pdbx_unobs_or_zero_occ_residues.PDB_ins_code 
_pdbx_unobs_or_zero_occ_residues.label_asym_id 
_pdbx_unobs_or_zero_occ_residues.label_comp_id 
_pdbx_unobs_or_zero_occ_residues.label_seq_id 
1 1 Y 1 A GLN 1 ? A GLN 1 
2 1 Y 1 A GLU 2 ? A GLU 2 
3 1 Y 1 A THR 3 ? A THR 3 
4 1 Y 1 A GLU 4 ? A GLU 4 
5 1 Y 1 A ASP 5 ? A ASP 5 
6 1 Y 1 A PRO 6 ? A PRO 6 
7 1 Y 1 A ALA 7 ? A ALA 7 
8 1 Y 1 A CYS 8 ? A CYS 8 
# 
loop_
_chem_comp_atom.comp_id 
_chem_comp_atom.atom_id 
_chem_comp_atom.type_symbol 
_chem_comp_atom.pdbx_aromatic_flag 
_chem_comp_atom.pdbx_stereo_config 
_chem_comp_atom.pdbx_ordinal 
ALA N    N N N 1   
ALA CA   C N S 2   
ALA C    C N N 3   
ALA O    O N N 4   
ALA CB   C N N 5   
ALA OXT  O N N 6   
ALA H    H N N 7   
ALA H2   H N N 8   
ALA HA   H N N 9   
ALA HB1  H N N 10  
ALA HB2  H N N 11  
ALA HB3  H N N 12  
ALA HXT  H N N 13  
ARG N    N N N 14  
ARG CA   C N S 15  
ARG C    C N N 16  
ARG O    O N N 17  
ARG CB   C N N 18  
ARG CG   C N N 19  
ARG CD   C N N 20  
ARG NE   N N N 21  
ARG CZ   C N N 22  
ARG NH1  N N N 23  
ARG NH2  N N N 24  
ARG OXT  O N N 25  
ARG H    H N N 26  
ARG H2   H N N 27  
ARG HA   H N N 28  
ARG HB2  H N N 29  
ARG HB3  H N N 30  
ARG HG2  H N N 31  
ARG HG3  H N N 32  
ARG HD2  H N N 33  
ARG HD3  H N N 34  
ARG HE   H N N 35  
ARG HH11 H N N 36  
ARG HH12 H N N 37  
ARG HH21 H N N 38  
ARG HH22 H N N 39  
ARG HXT  H N N 40  
ASN N    N N N 41  
ASN CA   C N S 42  
ASN C    C N N 43  
ASN O    O N N 44  
ASN CB   C N N 45  
ASN CG   C N N 46  
ASN OD1  O N N 47  
ASN ND2  N N N 48  
ASN OXT  O N N 49  
ASN H    H N N 50  
ASN H2   H N N 51  
ASN HA   H N N 52  
ASN HB2  H N N 53  
ASN HB3  H N N 54  
ASN HD21 H N N 55  
ASN HD22 H N N 56  
ASN HXT  H N N 57  
ASP N    N N N 58  
ASP CA   C N S 59  
ASP C    C N N 60  
ASP O    O N N 61  
ASP CB   C N N 62  
ASP CG   C N N 63  
ASP OD1  O N N 64  
ASP OD2  O N N 65  
ASP OXT  O N N 66  
ASP H    H N N 67  
ASP H2   H N N 68  
ASP HA   H N N 69  
ASP HB2  H N N 70  
ASP HB3  H N N 71  
ASP HD2  H N N 72  
ASP HXT  H N N 73  
CYS N    N N N 74  
CYS CA   C N R 75  
CYS C    C N N 76  
CYS O    O N N 77  
CYS CB   C N N 78  
CYS SG   S N N 79  
CYS OXT  O N N 80  
CYS H    H N N 81  
CYS H2   H N N 82  
CYS HA   H N N 83  
CYS HB2  H N N 84  
CYS HB3  H N N 85  
CYS HG   H N N 86  
CYS HXT  H N N 87  
GLN N    N N N 88  
GLN CA   C N S 89  
GLN C    C N N 90  
GLN O    O N N 91  
GLN CB   C N N 92  
GLN CG   C N N 93  
GLN CD   C N N 94  
GLN OE1  O N N 95  
GLN NE2  N N N 96  
GLN OXT  O N N 97  
GLN H    H N N 98  
GLN H2   H N N 99  
GLN HA   H N N 100 
GLN HB2  H N N 101 
GLN HB3  H N N 102 
GLN HG2  H N N 103 
GLN HG3  H N N 104 
GLN HE21 H N N 105 
GLN HE22 H N N 106 
GLN HXT  H N N 107 
GLU N    N N N 108 
GLU CA   C N S 109 
GLU C    C N N 110 
GLU O    O N N 111 
GLU CB   C N N 112 
GLU CG   C N N 113 
GLU CD   C N N 114 
GLU OE1  O N N 115 
GLU OE2  O N N 116 
GLU OXT  O N N 117 
GLU H    H N N 118 
GLU H2   H N N 119 
GLU HA   H N N 120 
GLU HB2  H N N 121 
GLU HB3  H N N 122 
GLU HG2  H N N 123 
GLU HG3  H N N 124 
GLU HE2  H N N 125 
GLU HXT  H N N 126 
GLY N    N N N 127 
GLY CA   C N N 128 
GLY C    C N N 129 
GLY O    O N N 130 
GLY OXT  O N N 131 
GLY H    H N N 132 
GLY H2   H N N 133 
GLY HA2  H N N 134 
GLY HA3  H N N 135 
GLY HXT  H N N 136 
HIS N    N N N 137 
HIS CA   C N S 138 
HIS C    C N N 139 
HIS O    O N N 140 
HIS CB   C N N 141 
HIS CG   C Y N 142 
HIS ND1  N Y N 143 
HIS CD2  C Y N 144 
HIS CE1  C Y N 145 
HIS NE2  N Y N 146 
HIS OXT  O N N 147 
HIS H    H N N 148 
HIS H2   H N N 149 
HIS HA   H N N 150 
HIS HB2  H N N 151 
HIS HB3  H N N 152 
HIS HD1  H N N 153 
HIS HD2  H N N 154 
HIS HE1  H N N 155 
HIS HE2  H N N 156 
HIS HXT  H N N 157 
HOH O    O N N 158 
HOH H1   H N N 159 
HOH H2   H N N 160 
ILE N    N N N 161 
ILE CA   C N S 162 
ILE C    C N N 163 
ILE O    O N N 164 
ILE CB   C N S 165 
ILE CG1  C N N 166 
ILE CG2  C N N 167 
ILE CD1  C N N 168 
ILE OXT  O N N 169 
ILE H    H N N 170 
ILE H2   H N N 171 
ILE HA   H N N 172 
ILE HB   H N N 173 
ILE HG12 H N N 174 
ILE HG13 H N N 175 
ILE HG21 H N N 176 
ILE HG22 H N N 177 
ILE HG23 H N N 178 
ILE HD11 H N N 179 
ILE HD12 H N N 180 
ILE HD13 H N N 181 
ILE HXT  H N N 182 
LEU N    N N N 183 
LEU CA   C N S 184 
LEU C    C N N 185 
LEU O    O N N 186 
LEU CB   C N N 187 
LEU CG   C N N 188 
LEU CD1  C N N 189 
LEU CD2  C N N 190 
LEU OXT  O N N 191 
LEU H    H N N 192 
LEU H2   H N N 193 
LEU HA   H N N 194 
LEU HB2  H N N 195 
LEU HB3  H N N 196 
LEU HG   H N N 197 
LEU HD11 H N N 198 
LEU HD12 H N N 199 
LEU HD13 H N N 200 
LEU HD21 H N N 201 
LEU HD22 H N N 202 
LEU HD23 H N N 203 
LEU HXT  H N N 204 
LYS N    N N N 205 
LYS CA   C N S 206 
LYS C    C N N 207 
LYS O    O N N 208 
LYS CB   C N N 209 
LYS CG   C N N 210 
LYS CD   C N N 211 
LYS CE   C N N 212 
LYS NZ   N N N 213 
LYS OXT  O N N 214 
LYS H    H N N 215 
LYS H2   H N N 216 
LYS HA   H N N 217 
LYS HB2  H N N 218 
LYS HB3  H N N 219 
LYS HG2  H N N 220 
LYS HG3  H N N 221 
LYS HD2  H N N 222 
LYS HD3  H N N 223 
LYS HE2  H N N 224 
LYS HE3  H N N 225 
LYS HZ1  H N N 226 
LYS HZ2  H N N 227 
LYS HZ3  H N N 228 
LYS HXT  H N N 229 
MET N    N N N 230 
MET CA   C N S 231 
MET C    C N N 232 
MET O    O N N 233 
MET CB   C N N 234 
MET CG   C N N 235 
MET SD   S N N 236 
MET CE   C N N 237 
MET OXT  O N N 238 
MET H    H N N 239 
MET H2   H N N 240 
MET HA   H N N 241 
MET HB2  H N N 242 
MET HB3  H N N 243 
MET HG2  H N N 244 
MET HG3  H N N 245 
MET HE1  H N N 246 
MET HE2  H N N 247 
MET HE3  H N N 248 
MET HXT  H N N 249 
PHE N    N N N 250 
PHE CA   C N S 251 
PHE C    C N N 252 
PHE O    O N N 253 
PHE CB   C N N 254 
PHE CG   C Y N 255 
PHE CD1  C Y N 256 
PHE CD2  C Y N 257 
PHE CE1  C Y N 258 
PHE CE2  C Y N 259 
PHE CZ   C Y N 260 
PHE OXT  O N N 261 
PHE H    H N N 262 
PHE H2   H N N 263 
PHE HA   H N N 264 
PHE HB2  H N N 265 
PHE HB3  H N N 266 
PHE HD1  H N N 267 
PHE HD2  H N N 268 
PHE HE1  H N N 269 
PHE HE2  H N N 270 
PHE HZ   H N N 271 
PHE HXT  H N N 272 
PRO N    N N N 273 
PRO CA   C N S 274 
PRO C    C N N 275 
PRO O    O N N 276 
PRO CB   C N N 277 
PRO CG   C N N 278 
PRO CD   C N N 279 
PRO OXT  O N N 280 
PRO H    H N N 281 
PRO HA   H N N 282 
PRO HB2  H N N 283 
PRO HB3  H N N 284 
PRO HG2  H N N 285 
PRO HG3  H N N 286 
PRO HD2  H N N 287 
PRO HD3  H N N 288 
PRO HXT  H N N 289 
SER N    N N N 290 
SER CA   C N S 291 
SER C    C N N 292 
SER O    O N N 293 
SER CB   C N N 294 
SER OG   O N N 295 
SER OXT  O N N 296 
SER H    H N N 297 
SER H2   H N N 298 
SER HA   H N N 299 
SER HB2  H N N 300 
SER HB3  H N N 301 
SER HG   H N N 302 
SER HXT  H N N 303 
THR N    N N N 304 
THR CA   C N S 305 
THR C    C N N 306 
THR O    O N N 307 
THR CB   C N R 308 
THR OG1  O N N 309 
THR CG2  C N N 310 
THR OXT  O N N 311 
THR H    H N N 312 
THR H2   H N N 313 
THR HA   H N N 314 
THR HB   H N N 315 
THR HG1  H N N 316 
THR HG21 H N N 317 
THR HG22 H N N 318 
THR HG23 H N N 319 
THR HXT  H N N 320 
TRP N    N N N 321 
TRP CA   C N S 322 
TRP C    C N N 323 
TRP O    O N N 324 
TRP CB   C N N 325 
TRP CG   C Y N 326 
TRP CD1  C Y N 327 
TRP CD2  C Y N 328 
TRP NE1  N Y N 329 
TRP CE2  C Y N 330 
TRP CE3  C Y N 331 
TRP CZ2  C Y N 332 
TRP CZ3  C Y N 333 
TRP CH2  C Y N 334 
TRP OXT  O N N 335 
TRP H    H N N 336 
TRP H2   H N N 337 
TRP HA   H N N 338 
TRP HB2  H N N 339 
TRP HB3  H N N 340 
TRP HD1  H N N 341 
TRP HE1  H N N 342 
TRP HE3  H N N 343 
TRP HZ2  H N N 344 
TRP HZ3  H N N 345 
TRP HH2  H N N 346 
TRP HXT  H N N 347 
TYR N    N N N 348 
TYR CA   C N S 349 
TYR C    C N N 350 
TYR O    O N N 351 
TYR CB   C N N 352 
TYR CG   C Y N 353 
TYR CD1  C Y N 354 
TYR CD2  C Y N 355 
TYR CE1  C Y N 356 
TYR CE2  C Y N 357 
TYR CZ   C Y N 358 
TYR OH   O N N 359 
TYR OXT  O N N 360 
TYR H    H N N 361 
TYR H2   H N N 362 
TYR HA   H N N 363 
TYR HB2  H N N 364 
TYR HB3  H N N 365 
TYR HD1  H N N 366 
TYR HD2  H N N 367 
TYR HE1  H N N 368 
TYR HE2  H N N 369 
TYR HH   H N N 370 
TYR HXT  H N N 371 
VAL N    N N N 372 
VAL CA   C N S 373 
VAL C    C N N 374 
VAL O    O N N 375 
VAL CB   C N N 376 
VAL CG1  C N N 377 
VAL CG2  C N N 378 
VAL OXT  O N N 379 
VAL H    H N N 380 
VAL H2   H N N 381 
VAL HA   H N N 382 
VAL HB   H N N 383 
VAL HG11 H N N 384 
VAL HG12 H N N 385 
VAL HG13 H N N 386 
VAL HG21 H N N 387 
VAL HG22 H N N 388 
VAL HG23 H N N 389 
VAL HXT  H N N 390 
# 
loop_
_chem_comp_bond.comp_id 
_chem_comp_bond.atom_id_1 
_chem_comp_bond.atom_id_2 
_chem_comp_bond.value_order 
_chem_comp_bond.pdbx_aromatic_flag 
_chem_comp_bond.pdbx_stereo_config 
_chem_comp_bond.pdbx_ordinal 
ALA N   CA   sing N N 1   
ALA N   H    sing N N 2   
ALA N   H2   sing N N 3   
ALA CA  C    sing N N 4   
ALA CA  CB   sing N N 5   
ALA CA  HA   sing N N 6   
ALA C   O    doub N N 7   
ALA C   OXT  sing N N 8   
ALA CB  HB1  sing N N 9   
ALA CB  HB2  sing N N 10  
ALA CB  HB3  sing N N 11  
ALA OXT HXT  sing N N 12  
ARG N   CA   sing N N 13  
ARG N   H    sing N N 14  
ARG N   H2   sing N N 15  
ARG CA  C    sing N N 16  
ARG CA  CB   sing N N 17  
ARG CA  HA   sing N N 18  
ARG C   O    doub N N 19  
ARG C   OXT  sing N N 20  
ARG CB  CG   sing N N 21  
ARG CB  HB2  sing N N 22  
ARG CB  HB3  sing N N 23  
ARG CG  CD   sing N N 24  
ARG CG  HG2  sing N N 25  
ARG CG  HG3  sing N N 26  
ARG CD  NE   sing N N 27  
ARG CD  HD2  sing N N 28  
ARG CD  HD3  sing N N 29  
ARG NE  CZ   sing N N 30  
ARG NE  HE   sing N N 31  
ARG CZ  NH1  sing N N 32  
ARG CZ  NH2  doub N N 33  
ARG NH1 HH11 sing N N 34  
ARG NH1 HH12 sing N N 35  
ARG NH2 HH21 sing N N 36  
ARG NH2 HH22 sing N N 37  
ARG OXT HXT  sing N N 38  
ASN N   CA   sing N N 39  
ASN N   H    sing N N 40  
ASN N   H2   sing N N 41  
ASN CA  C    sing N N 42  
ASN CA  CB   sing N N 43  
ASN CA  HA   sing N N 44  
ASN C   O    doub N N 45  
ASN C   OXT  sing N N 46  
ASN CB  CG   sing N N 47  
ASN CB  HB2  sing N N 48  
ASN CB  HB3  sing N N 49  
ASN CG  OD1  doub N N 50  
ASN CG  ND2  sing N N 51  
ASN ND2 HD21 sing N N 52  
ASN ND2 HD22 sing N N 53  
ASN OXT HXT  sing N N 54  
ASP N   CA   sing N N 55  
ASP N   H    sing N N 56  
ASP N   H2   sing N N 57  
ASP CA  C    sing N N 58  
ASP CA  CB   sing N N 59  
ASP CA  HA   sing N N 60  
ASP C   O    doub N N 61  
ASP C   OXT  sing N N 62  
ASP CB  CG   sing N N 63  
ASP CB  HB2  sing N N 64  
ASP CB  HB3  sing N N 65  
ASP CG  OD1  doub N N 66  
ASP CG  OD2  sing N N 67  
ASP OD2 HD2  sing N N 68  
ASP OXT HXT  sing N N 69  
CYS N   CA   sing N N 70  
CYS N   H    sing N N 71  
CYS N   H2   sing N N 72  
CYS CA  C    sing N N 73  
CYS CA  CB   sing N N 74  
CYS CA  HA   sing N N 75  
CYS C   O    doub N N 76  
CYS C   OXT  sing N N 77  
CYS CB  SG   sing N N 78  
CYS CB  HB2  sing N N 79  
CYS CB  HB3  sing N N 80  
CYS SG  HG   sing N N 81  
CYS OXT HXT  sing N N 82  
GLN N   CA   sing N N 83  
GLN N   H    sing N N 84  
GLN N   H2   sing N N 85  
GLN CA  C    sing N N 86  
GLN CA  CB   sing N N 87  
GLN CA  HA   sing N N 88  
GLN C   O    doub N N 89  
GLN C   OXT  sing N N 90  
GLN CB  CG   sing N N 91  
GLN CB  HB2  sing N N 92  
GLN CB  HB3  sing N N 93  
GLN CG  CD   sing N N 94  
GLN CG  HG2  sing N N 95  
GLN CG  HG3  sing N N 96  
GLN CD  OE1  doub N N 97  
GLN CD  NE2  sing N N 98  
GLN NE2 HE21 sing N N 99  
GLN NE2 HE22 sing N N 100 
GLN OXT HXT  sing N N 101 
GLU N   CA   sing N N 102 
GLU N   H    sing N N 103 
GLU N   H2   sing N N 104 
GLU CA  C    sing N N 105 
GLU CA  CB   sing N N 106 
GLU CA  HA   sing N N 107 
GLU C   O    doub N N 108 
GLU C   OXT  sing N N 109 
GLU CB  CG   sing N N 110 
GLU CB  HB2  sing N N 111 
GLU CB  HB3  sing N N 112 
GLU CG  CD   sing N N 113 
GLU CG  HG2  sing N N 114 
GLU CG  HG3  sing N N 115 
GLU CD  OE1  doub N N 116 
GLU CD  OE2  sing N N 117 
GLU OE2 HE2  sing N N 118 
GLU OXT HXT  sing N N 119 
GLY N   CA   sing N N 120 
GLY N   H    sing N N 121 
GLY N   H2   sing N N 122 
GLY CA  C    sing N N 123 
GLY CA  HA2  sing N N 124 
GLY CA  HA3  sing N N 125 
GLY C   O    doub N N 126 
GLY C   OXT  sing N N 127 
GLY OXT HXT  sing N N 128 
HIS N   CA   sing N N 129 
HIS N   H    sing N N 130 
HIS N   H2   sing N N 131 
HIS CA  C    sing N N 132 
HIS CA  CB   sing N N 133 
HIS CA  HA   sing N N 134 
HIS C   O    doub N N 135 
HIS C   OXT  sing N N 136 
HIS CB  CG   sing N N 137 
HIS CB  HB2  sing N N 138 
HIS CB  HB3  sing N N 139 
HIS CG  ND1  sing Y N 140 
HIS CG  CD2  doub Y N 141 
HIS ND1 CE1  doub Y N 142 
HIS ND1 HD1  sing N N 143 
HIS CD2 NE2  sing Y N 144 
HIS CD2 HD2  sing N N 145 
HIS CE1 NE2  sing Y N 146 
HIS CE1 HE1  sing N N 147 
HIS NE2 HE2  sing N N 148 
HIS OXT HXT  sing N N 149 
HOH O   H1   sing N N 150 
HOH O   H2   sing N N 151 
ILE N   CA   sing N N 152 
ILE N   H    sing N N 153 
ILE N   H2   sing N N 154 
ILE CA  C    sing N N 155 
ILE CA  CB   sing N N 156 
ILE CA  HA   sing N N 157 
ILE C   O    doub N N 158 
ILE C   OXT  sing N N 159 
ILE CB  CG1  sing N N 160 
ILE CB  CG2  sing N N 161 
ILE CB  HB   sing N N 162 
ILE CG1 CD1  sing N N 163 
ILE CG1 HG12 sing N N 164 
ILE CG1 HG13 sing N N 165 
ILE CG2 HG21 sing N N 166 
ILE CG2 HG22 sing N N 167 
ILE CG2 HG23 sing N N 168 
ILE CD1 HD11 sing N N 169 
ILE CD1 HD12 sing N N 170 
ILE CD1 HD13 sing N N 171 
ILE OXT HXT  sing N N 172 
LEU N   CA   sing N N 173 
LEU N   H    sing N N 174 
LEU N   H2   sing N N 175 
LEU CA  C    sing N N 176 
LEU CA  CB   sing N N 177 
LEU CA  HA   sing N N 178 
LEU C   O    doub N N 179 
LEU C   OXT  sing N N 180 
LEU CB  CG   sing N N 181 
LEU CB  HB2  sing N N 182 
LEU CB  HB3  sing N N 183 
LEU CG  CD1  sing N N 184 
LEU CG  CD2  sing N N 185 
LEU CG  HG   sing N N 186 
LEU CD1 HD11 sing N N 187 
LEU CD1 HD12 sing N N 188 
LEU CD1 HD13 sing N N 189 
LEU CD2 HD21 sing N N 190 
LEU CD2 HD22 sing N N 191 
LEU CD2 HD23 sing N N 192 
LEU OXT HXT  sing N N 193 
LYS N   CA   sing N N 194 
LYS N   H    sing N N 195 
LYS N   H2   sing N N 196 
LYS CA  C    sing N N 197 
LYS CA  CB   sing N N 198 
LYS CA  HA   sing N N 199 
LYS C   O    doub N N 200 
LYS C   OXT  sing N N 201 
LYS CB  CG   sing N N 202 
LYS CB  HB2  sing N N 203 
LYS CB  HB3  sing N N 204 
LYS CG  CD   sing N N 205 
LYS CG  HG2  sing N N 206 
LYS CG  HG3  sing N N 207 
LYS CD  CE   sing N N 208 
LYS CD  HD2  sing N N 209 
LYS CD  HD3  sing N N 210 
LYS CE  NZ   sing N N 211 
LYS CE  HE2  sing N N 212 
LYS CE  HE3  sing N N 213 
LYS NZ  HZ1  sing N N 214 
LYS NZ  HZ2  sing N N 215 
LYS NZ  HZ3  sing N N 216 
LYS OXT HXT  sing N N 217 
MET N   CA   sing N N 218 
MET N   H    sing N N 219 
MET N   H2   sing N N 220 
MET CA  C    sing N N 221 
MET CA  CB   sing N N 222 
MET CA  HA   sing N N 223 
MET C   O    doub N N 224 
MET C   OXT  sing N N 225 
MET CB  CG   sing N N 226 
MET CB  HB2  sing N N 227 
MET CB  HB3  sing N N 228 
MET CG  SD   sing N N 229 
MET CG  HG2  sing N N 230 
MET CG  HG3  sing N N 231 
MET SD  CE   sing N N 232 
MET CE  HE1  sing N N 233 
MET CE  HE2  sing N N 234 
MET CE  HE3  sing N N 235 
MET OXT HXT  sing N N 236 
PHE N   CA   sing N N 237 
PHE N   H    sing N N 238 
PHE N   H2   sing N N 239 
PHE CA  C    sing N N 240 
PHE CA  CB   sing N N 241 
PHE CA  HA   sing N N 242 
PHE C   O    doub N N 243 
PHE C   OXT  sing N N 244 
PHE CB  CG   sing N N 245 
PHE CB  HB2  sing N N 246 
PHE CB  HB3  sing N N 247 
PHE CG  CD1  doub Y N 248 
PHE CG  CD2  sing Y N 249 
PHE CD1 CE1  sing Y N 250 
PHE CD1 HD1  sing N N 251 
PHE CD2 CE2  doub Y N 252 
PHE CD2 HD2  sing N N 253 
PHE CE1 CZ   doub Y N 254 
PHE CE1 HE1  sing N N 255 
PHE CE2 CZ   sing Y N 256 
PHE CE2 HE2  sing N N 257 
PHE CZ  HZ   sing N N 258 
PHE OXT HXT  sing N N 259 
PRO N   CA   sing N N 260 
PRO N   CD   sing N N 261 
PRO N   H    sing N N 262 
PRO CA  C    sing N N 263 
PRO CA  CB   sing N N 264 
PRO CA  HA   sing N N 265 
PRO C   O    doub N N 266 
PRO C   OXT  sing N N 267 
PRO CB  CG   sing N N 268 
PRO CB  HB2  sing N N 269 
PRO CB  HB3  sing N N 270 
PRO CG  CD   sing N N 271 
PRO CG  HG2  sing N N 272 
PRO CG  HG3  sing N N 273 
PRO CD  HD2  sing N N 274 
PRO CD  HD3  sing N N 275 
PRO OXT HXT  sing N N 276 
SER N   CA   sing N N 277 
SER N   H    sing N N 278 
SER N   H2   sing N N 279 
SER CA  C    sing N N 280 
SER CA  CB   sing N N 281 
SER CA  HA   sing N N 282 
SER C   O    doub N N 283 
SER C   OXT  sing N N 284 
SER CB  OG   sing N N 285 
SER CB  HB2  sing N N 286 
SER CB  HB3  sing N N 287 
SER OG  HG   sing N N 288 
SER OXT HXT  sing N N 289 
THR N   CA   sing N N 290 
THR N   H    sing N N 291 
THR N   H2   sing N N 292 
THR CA  C    sing N N 293 
THR CA  CB   sing N N 294 
THR CA  HA   sing N N 295 
THR C   O    doub N N 296 
THR C   OXT  sing N N 297 
THR CB  OG1  sing N N 298 
THR CB  CG2  sing N N 299 
THR CB  HB   sing N N 300 
THR OG1 HG1  sing N N 301 
THR CG2 HG21 sing N N 302 
THR CG2 HG22 sing N N 303 
THR CG2 HG23 sing N N 304 
THR OXT HXT  sing N N 305 
TRP N   CA   sing N N 306 
TRP N   H    sing N N 307 
TRP N   H2   sing N N 308 
TRP CA  C    sing N N 309 
TRP CA  CB   sing N N 310 
TRP CA  HA   sing N N 311 
TRP C   O    doub N N 312 
TRP C   OXT  sing N N 313 
TRP CB  CG   sing N N 314 
TRP CB  HB2  sing N N 315 
TRP CB  HB3  sing N N 316 
TRP CG  CD1  doub Y N 317 
TRP CG  CD2  sing Y N 318 
TRP CD1 NE1  sing Y N 319 
TRP CD1 HD1  sing N N 320 
TRP CD2 CE2  doub Y N 321 
TRP CD2 CE3  sing Y N 322 
TRP NE1 CE2  sing Y N 323 
TRP NE1 HE1  sing N N 324 
TRP CE2 CZ2  sing Y N 325 
TRP CE3 CZ3  doub Y N 326 
TRP CE3 HE3  sing N N 327 
TRP CZ2 CH2  doub Y N 328 
TRP CZ2 HZ2  sing N N 329 
TRP CZ3 CH2  sing Y N 330 
TRP CZ3 HZ3  sing N N 331 
TRP CH2 HH2  sing N N 332 
TRP OXT HXT  sing N N 333 
TYR N   CA   sing N N 334 
TYR N   H    sing N N 335 
TYR N   H2   sing N N 336 
TYR CA  C    sing N N 337 
TYR CA  CB   sing N N 338 
TYR CA  HA   sing N N 339 
TYR C   O    doub N N 340 
TYR C   OXT  sing N N 341 
TYR CB  CG   sing N N 342 
TYR CB  HB2  sing N N 343 
TYR CB  HB3  sing N N 344 
TYR CG  CD1  doub Y N 345 
TYR CG  CD2  sing Y N 346 
TYR CD1 CE1  sing Y N 347 
TYR CD1 HD1  sing N N 348 
TYR CD2 CE2  doub Y N 349 
TYR CD2 HD2  sing N N 350 
TYR CE1 CZ   doub Y N 351 
TYR CE1 HE1  sing N N 352 
TYR CE2 CZ   sing Y N 353 
TYR CE2 HE2  sing N N 354 
TYR CZ  OH   sing N N 355 
TYR OH  HH   sing N N 356 
TYR OXT HXT  sing N N 357 
VAL N   CA   sing N N 358 
VAL N   H    sing N N 359 
VAL N   H2   sing N N 360 
VAL CA  C    sing N N 361 
VAL CA  CB   sing N N 362 
VAL CA  HA   sing N N 363 
VAL C   O    doub N N 364 
VAL C   OXT  sing N N 365 
VAL CB  CG1  sing N N 366 
VAL CB  CG2  sing N N 367 
VAL CB  HB   sing N N 368 
VAL CG1 HG11 sing N N 369 
VAL CG1 HG12 sing N N 370 
VAL CG1 HG13 sing N N 371 
VAL CG2 HG21 sing N N 372 
VAL CG2 HG22 sing N N 373 
VAL CG2 HG23 sing N N 374 
VAL OXT HXT  sing N N 375 
# 
_pdbx_initial_refinement_model.id               1 
_pdbx_initial_refinement_model.entity_id_list   ? 
_pdbx_initial_refinement_model.type             'experimental model' 
_pdbx_initial_refinement_model.source_name      PDB 
_pdbx_initial_refinement_model.accession_code   1SK3 
_pdbx_initial_refinement_model.details          'PDB entry 1SK3' 
# 
_atom_sites.entry_id                    1YCK 
_atom_sites.fract_transf_matrix[1][1]   -0.00783206 
_atom_sites.fract_transf_matrix[1][2]   -0.00147135 
_atom_sites.fract_transf_matrix[1][3]   -0.01388668 
_atom_sites.fract_transf_matrix[2][1]   -0.01595011 
_atom_sites.fract_transf_matrix[2][2]   0.00134336 
_atom_sites.fract_transf_matrix[2][3]   -0.00037607 
_atom_sites.fract_transf_matrix[3][1]   0.00167061 
_atom_sites.fract_transf_matrix[3][2]   0.01900809 
_atom_sites.fract_transf_matrix[3][3]   -0.00295621 
_atom_sites.fract_transf_vector[1]      0.394254 
_atom_sites.fract_transf_vector[2]      0.208475 
_atom_sites.fract_transf_vector[3]      0.313816 
# 
loop_
_atom_type.symbol 
C 
N 
O 
S 
# 
loop_
_atom_site.group_PDB 
_atom_site.id 
_atom_site.type_symbol 
_atom_site.label_atom_id 
_atom_site.label_alt_id 
_atom_site.label_comp_id 
_atom_site.label_asym_id 
_atom_site.label_entity_id 
_atom_site.label_seq_id 
_atom_site.pdbx_PDB_ins_code 
_atom_site.Cartn_x 
_atom_site.Cartn_y 
_atom_site.Cartn_z 
_atom_site.occupancy 
_atom_site.B_iso_or_equiv 
_atom_site.pdbx_formal_charge 
_atom_site.auth_seq_id 
_atom_site.auth_comp_id 
_atom_site.auth_asym_id 
_atom_site.auth_atom_id 
_atom_site.pdbx_PDB_model_num 
ATOM   1    N N   . CYS A 1 9   ? 9.845   -13.399 -7.198  1.00 38.67 ? 9   CYS A N   1 
ATOM   2    C CA  . CYS A 1 9   ? 9.349   -12.149 -6.554  1.00 37.91 ? 9   CYS A CA  1 
ATOM   3    C C   . CYS A 1 9   ? 10.085  -11.922 -5.233  1.00 36.54 ? 9   CYS A C   1 
ATOM   4    O O   . CYS A 1 9   ? 10.749  -12.821 -4.698  1.00 37.46 ? 9   CYS A O   1 
ATOM   5    C CB  . CYS A 1 9   ? 7.818   -12.202 -6.329  1.00 38.40 ? 9   CYS A CB  1 
ATOM   6    S SG  . CYS A 1 9   ? 6.961   -10.625 -5.914  1.00 42.63 ? 9   CYS A SG  1 
ATOM   7    N N   . SER A 1 10  ? 9.984   -10.704 -4.721  1.00 33.91 ? 10  SER A N   1 
ATOM   8    C CA  . SER A 1 10  ? 10.503  -10.419 -3.403  1.00 30.89 ? 10  SER A CA  1 
ATOM   9    C C   . SER A 1 10  ? 9.487   -10.907 -2.379  1.00 27.88 ? 10  SER A C   1 
ATOM   10   O O   . SER A 1 10  ? 8.299   -11.121 -2.688  1.00 27.02 ? 10  SER A O   1 
ATOM   11   C CB  . SER A 1 10  ? 10.787  -8.928  -3.241  1.00 31.83 ? 10  SER A CB  1 
ATOM   12   O OG  . SER A 1 10  ? 9.811   -8.153  -3.902  1.00 33.28 ? 10  SER A OG  1 
ATOM   13   N N   . PRO A 1 11  ? 9.973   -11.104 -1.168  1.00 24.65 ? 11  PRO A N   1 
ATOM   14   C CA  . PRO A 1 11  ? 9.176   -11.686 -0.091  1.00 22.64 ? 11  PRO A CA  1 
ATOM   15   C C   . PRO A 1 11  ? 7.982   -10.825 0.347   1.00 21.07 ? 11  PRO A C   1 
ATOM   16   O O   . PRO A 1 11  ? 8.057   -9.619  0.526   1.00 20.54 ? 11  PRO A O   1 
ATOM   17   C CB  . PRO A 1 11  ? 10.192  -11.858 1.052   1.00 22.79 ? 11  PRO A CB  1 
ATOM   18   C CG  . PRO A 1 11  ? 11.544  -11.745 0.399   1.00 23.96 ? 11  PRO A CG  1 
ATOM   19   C CD  . PRO A 1 11  ? 11.353  -10.791 -0.753  1.00 24.99 ? 11  PRO A CD  1 
ATOM   20   N N   . ILE A 1 12  ? 6.850   -11.484 0.495   1.00 19.45 ? 12  ILE A N   1 
ATOM   21   C CA  . ILE A 1 12  ? 5.691   -10.809 1.058   1.00 18.03 ? 12  ILE A CA  1 
ATOM   22   C C   . ILE A 1 12  ? 5.221   -11.648 2.209   1.00 17.52 ? 12  ILE A C   1 
ATOM   23   O O   . ILE A 1 12  ? 5.175   -12.879 2.113   1.00 17.46 ? 12  ILE A O   1 
ATOM   24   C CB  . ILE A 1 12  ? 4.583   -10.669 -0.009  1.00 17.27 ? 12  ILE A CB  1 
ATOM   25   C CG1 . ILE A 1 12  ? 5.044   -9.740  -1.131  1.00 18.54 ? 12  ILE A CG1 1 
ATOM   26   C CG2 . ILE A 1 12  ? 3.278   -10.173 0.646   1.00 16.72 ? 12  ILE A CG2 1 
ATOM   27   C CD1 . ILE A 1 12  ? 4.117   -9.716  -2.339  1.00 20.00 ? 12  ILE A CD1 1 
ATOM   28   N N   . VAL A 1 13  ? 4.863   -11.002 3.312   1.00 16.46 ? 13  VAL A N   1 
ATOM   29   C CA  . VAL A 1 13  ? 4.334   -11.740 4.432   1.00 15.98 ? 13  VAL A CA  1 
ATOM   30   C C   . VAL A 1 13  ? 2.895   -12.091 4.088   1.00 16.56 ? 13  VAL A C   1 
ATOM   31   O O   . VAL A 1 13  ? 2.054   -11.201 3.916   1.00 15.55 ? 13  VAL A O   1 
ATOM   32   C CB  . VAL A 1 13  ? 4.336   -10.890 5.683   1.00 14.76 ? 13  VAL A CB  1 
ATOM   33   C CG1 . VAL A 1 13  ? 3.712   -11.659 6.854   1.00 15.27 ? 13  VAL A CG1 1 
ATOM   34   C CG2 . VAL A 1 13  ? 5.770   -10.438 6.009   1.00 16.25 ? 13  VAL A CG2 1 
ATOM   35   N N   . PRO A 1 14  ? 2.585   -13.375 3.991   1.00 16.27 ? 14  PRO A N   1 
ATOM   36   C CA  . PRO A 1 14  ? 1.220   -13.759 3.586   1.00 16.63 ? 14  PRO A CA  1 
ATOM   37   C C   . PRO A 1 14  ? 0.205   -13.443 4.674   1.00 16.01 ? 14  PRO A C   1 
ATOM   38   O O   . PRO A 1 14  ? 0.560   -13.364 5.845   1.00 15.63 ? 14  PRO A O   1 
ATOM   39   C CB  . PRO A 1 14  ? 1.305   -15.279 3.364   1.00 16.25 ? 14  PRO A CB  1 
ATOM   40   C CG  . PRO A 1 14  ? 2.552   -15.731 4.041   1.00 16.87 ? 14  PRO A CG  1 
ATOM   41   C CD  . PRO A 1 14  ? 3.473   -14.523 4.226   1.00 16.60 ? 14  PRO A CD  1 
ATOM   42   N N   . ARG A 1 15  ? -1.050  -13.262 4.282   1.00 17.22 ? 15  ARG A N   1 
ATOM   43   C CA  . ARG A 1 15  ? -2.096  -12.910 5.236   1.00 18.24 ? 15  ARG A CA  1 
ATOM   44   C C   . ARG A 1 15  ? -2.099  -13.791 6.460   1.00 19.09 ? 15  ARG A C   1 
ATOM   45   O O   . ARG A 1 15  ? -2.223  -13.304 7.586   1.00 19.57 ? 15  ARG A O   1 
ATOM   46   C CB  . ARG A 1 15  ? -3.483  -13.059 4.606   1.00 18.97 ? 15  ARG A CB  1 
ATOM   47   C CG  . ARG A 1 15  ? -3.791  -12.205 3.455   1.00 21.36 ? 15  ARG A CG  1 
ATOM   48   C CD  . ARG A 1 15  ? -5.162  -12.576 2.908   1.00 22.02 ? 15  ARG A CD  1 
ATOM   49   N NE  . ARG A 1 15  ? -6.241  -12.170 3.821   1.00 20.81 ? 15  ARG A NE  1 
ATOM   50   C CZ  . ARG A 1 15  ? -6.801  -10.969 3.778   1.00 18.66 ? 15  ARG A CZ  1 
ATOM   51   N NH1 . ARG A 1 15  ? -6.372  -10.069 2.895   1.00 18.23 ? 15  ARG A NH1 1 
ATOM   52   N NH2 . ARG A 1 15  ? -7.760  -10.644 4.638   1.00 17.39 ? 15  ARG A NH2 1 
ATOM   53   N N   . ASN A 1 16  ? -2.030  -15.106 6.245   1.00 20.36 ? 16  ASN A N   1 
ATOM   54   C CA  . ASN A 1 16  ? -2.137  -16.019 7.365   1.00 22.00 ? 16  ASN A CA  1 
ATOM   55   C C   . ASN A 1 16  ? -1.008  -15.843 8.347   1.00 21.36 ? 16  ASN A C   1 
ATOM   56   O O   . ASN A 1 16  ? -1.162  -16.096 9.538   1.00 22.36 ? 16  ASN A O   1 
ATOM   57   C CB  . ASN A 1 16  ? -2.225  -17.469 6.896   1.00 23.14 ? 16  ASN A CB  1 
ATOM   58   C CG  . ASN A 1 16  ? -3.620  -18.059 7.124   1.00 29.20 ? 16  ASN A CG  1 
ATOM   59   O OD1 . ASN A 1 16  ? -4.651  -17.418 6.826   1.00 34.24 ? 16  ASN A OD1 1 
ATOM   60   N ND2 . ASN A 1 16  ? -3.662  -19.278 7.665   1.00 34.84 ? 16  ASN A ND2 1 
ATOM   61   N N   . GLU A 1 17  ? 0.131   -15.393 7.849   1.00 21.40 ? 17  GLU A N   1 
ATOM   62   C CA  . GLU A 1 17  ? 1.278   -15.183 8.726   1.00 21.02 ? 17  GLU A CA  1 
ATOM   63   C C   . GLU A 1 17  ? 1.124   -13.991 9.651   1.00 20.11 ? 17  GLU A C   1 
ATOM   64   O O   . GLU A 1 17  ? 1.590   -14.024 10.788  1.00 20.19 ? 17  GLU A O   1 
ATOM   65   C CB  . GLU A 1 17  ? 2.560   -15.060 7.925   1.00 20.80 ? 17  GLU A CB  1 
ATOM   66   C CG  . GLU A 1 17  ? 3.760   -15.502 8.718   1.00 22.55 ? 17  GLU A CG  1 
ATOM   67   C CD  . GLU A 1 17  ? 5.004   -15.577 7.864   1.00 23.35 ? 17  GLU A CD  1 
ATOM   68   O OE1 . GLU A 1 17  ? 5.913   -14.758 8.096   1.00 26.38 ? 17  GLU A OE1 1 
ATOM   69   O OE2 . GLU A 1 17  ? 5.043   -16.414 6.943   1.00 25.86 ? 17  GLU A OE2 1 
ATOM   70   N N   . TRP A 1 18  ? 0.463   -12.932 9.189   1.00 18.13 ? 18  TRP A N   1 
ATOM   71   C CA  . TRP A 1 18  ? 0.159   -11.860 10.121  1.00 17.17 ? 18  TRP A CA  1 
ATOM   72   C C   . TRP A 1 18  ? -1.185  -12.050 10.823  1.00 17.00 ? 18  TRP A C   1 
ATOM   73   O O   . TRP A 1 18  ? -1.609  -11.190 11.582  1.00 17.33 ? 18  TRP A O   1 
ATOM   74   C CB  . TRP A 1 18  ? 0.344   -10.448 9.532   1.00 16.63 ? 18  TRP A CB  1 
ATOM   75   C CG  . TRP A 1 18  ? -0.450  -10.030 8.266   1.00 13.63 ? 18  TRP A CG  1 
ATOM   76   C CD1 . TRP A 1 18  ? -0.054  -10.147 6.962   1.00 14.75 ? 18  TRP A CD1 1 
ATOM   77   C CD2 . TRP A 1 18  ? -1.703  -9.324  8.234   1.00 13.39 ? 18  TRP A CD2 1 
ATOM   78   N NE1 . TRP A 1 18  ? -0.993  -9.583  6.126   1.00 12.95 ? 18  TRP A NE1 1 
ATOM   79   C CE2 . TRP A 1 18  ? -2.013  -9.071  6.885   1.00 12.69 ? 18  TRP A CE2 1 
ATOM   80   C CE3 . TRP A 1 18  ? -2.589  -8.869  9.215   1.00 14.78 ? 18  TRP A CE3 1 
ATOM   81   C CZ2 . TRP A 1 18  ? -3.182  -8.404  6.487   1.00 15.61 ? 18  TRP A CZ2 1 
ATOM   82   C CZ3 . TRP A 1 18  ? -3.749  -8.205  8.816   1.00 14.13 ? 18  TRP A CZ3 1 
ATOM   83   C CH2 . TRP A 1 18  ? -4.031  -7.988  7.467   1.00 12.92 ? 18  TRP A CH2 1 
ATOM   84   N N   . LYS A 1 19  ? -1.808  -13.199 10.581  1.00 16.96 ? 19  LYS A N   1 
ATOM   85   C CA  . LYS A 1 19  ? -3.024  -13.624 11.302  1.00 17.90 ? 19  LYS A CA  1 
ATOM   86   C C   . LYS A 1 19  ? -4.205  -12.720 10.970  1.00 16.70 ? 19  LYS A C   1 
ATOM   87   O O   . LYS A 1 19  ? -5.021  -12.388 11.834  1.00 17.63 ? 19  LYS A O   1 
ATOM   88   C CB  . LYS A 1 19  ? -2.785  -13.686 12.813  1.00 18.61 ? 19  LYS A CB  1 
ATOM   89   C CG  . LYS A 1 19  ? -1.398  -14.167 13.190  1.00 24.28 ? 19  LYS A CG  1 
ATOM   90   C CD  . LYS A 1 19  ? -1.241  -15.645 12.959  1.00 28.87 ? 19  LYS A CD  1 
ATOM   91   C CE  . LYS A 1 19  ? -0.080  -16.202 13.816  1.00 30.97 ? 19  LYS A CE  1 
ATOM   92   N NZ  . LYS A 1 19  ? 0.976   -15.181 14.104  1.00 33.43 ? 19  LYS A NZ  1 
ATOM   93   N N   . ALA A 1 20  ? -4.286  -12.352 9.696   1.00 16.03 ? 20  ALA A N   1 
ATOM   94   C CA  . ALA A 1 20  ? -5.357  -11.515 9.177   1.00 14.76 ? 20  ALA A CA  1 
ATOM   95   C C   . ALA A 1 20  ? -6.704  -12.209 9.303   1.00 15.27 ? 20  ALA A C   1 
ATOM   96   O O   . ALA A 1 20  ? -6.807  -13.417 9.066   1.00 16.05 ? 20  ALA A O   1 
ATOM   97   C CB  . ALA A 1 20  ? -5.088  -11.234 7.685   1.00 13.90 ? 20  ALA A CB  1 
ATOM   98   N N   . LEU A 1 21  ? -7.756  -11.462 9.639   1.00 14.97 ? 21  LEU A N   1 
ATOM   99   C CA  . LEU A 1 21  ? -9.100  -11.975 9.387   1.00 15.36 ? 21  LEU A CA  1 
ATOM   100  C C   . LEU A 1 21  ? -9.260  -12.307 7.895   1.00 15.78 ? 21  LEU A C   1 
ATOM   101  O O   . LEU A 1 21  ? -8.607  -11.715 7.036   1.00 15.60 ? 21  LEU A O   1 
ATOM   102  C CB  . LEU A 1 21  ? -10.146 -10.916 9.753   1.00 15.52 ? 21  LEU A CB  1 
ATOM   103  C CG  . LEU A 1 21  ? -10.124 -10.479 11.205  1.00 15.48 ? 21  LEU A CG  1 
ATOM   104  C CD1 . LEU A 1 21  ? -11.002 -9.237  11.385  1.00 18.95 ? 21  LEU A CD1 1 
ATOM   105  C CD2 . LEU A 1 21  ? -10.566 -11.672 12.091  1.00 17.56 ? 21  LEU A CD2 1 
ATOM   106  N N   . ALA A 1 22  ? -10.144 -13.252 7.594   1.00 16.23 ? 22  ALA A N   1 
ATOM   107  C CA  . ALA A 1 22  ? -10.405 -13.602 6.202   1.00 17.28 ? 22  ALA A CA  1 
ATOM   108  C C   . ALA A 1 22  ? -11.036 -12.433 5.457   1.00 17.27 ? 22  ALA A C   1 
ATOM   109  O O   . ALA A 1 22  ? -11.844 -11.699 6.021   1.00 17.50 ? 22  ALA A O   1 
ATOM   110  C CB  . ALA A 1 22  ? -11.328 -14.803 6.157   1.00 17.39 ? 22  ALA A CB  1 
ATOM   111  N N   . SER A 1 23  ? -10.693 -12.282 4.183   1.00 17.95 ? 23  SER A N   1 
ATOM   112  C CA  . SER A 1 23  ? -11.343 -11.276 3.341   1.00 18.69 ? 23  SER A CA  1 
ATOM   113  C C   . SER A 1 23  ? -12.789 -11.646 3.045   1.00 19.95 ? 23  SER A C   1 
ATOM   114  O O   . SER A 1 23  ? -13.109 -12.829 2.845   1.00 19.59 ? 23  SER A O   1 
ATOM   115  C CB  . SER A 1 23  ? -10.595 -11.104 2.016   1.00 19.24 ? 23  SER A CB  1 
ATOM   116  O OG  . SER A 1 23  ? -11.306 -10.210 1.172   1.00 20.79 ? 23  SER A OG  1 
ATOM   117  N N   . GLU A 1 24  ? -13.671 -10.651 3.028   1.00 20.42 ? 24  GLU A N   1 
ATOM   118  C CA  . GLU A 1 24  ? -15.022 -10.864 2.506   1.00 21.70 ? 24  GLU A CA  1 
ATOM   119  C C   . GLU A 1 24  ? -15.231 -10.201 1.152   1.00 21.65 ? 24  GLU A C   1 
ATOM   120  O O   . GLU A 1 24  ? -16.372 -10.076 0.686   1.00 22.26 ? 24  GLU A O   1 
ATOM   121  C CB  . GLU A 1 24  ? -16.058 -10.357 3.498   1.00 22.66 ? 24  GLU A CB  1 
ATOM   122  C CG  . GLU A 1 24  ? -15.911 -10.969 4.874   1.00 25.41 ? 24  GLU A CG  1 
ATOM   123  C CD  . GLU A 1 24  ? -16.722 -10.244 5.927   1.00 31.70 ? 24  GLU A CD  1 
ATOM   124  O OE1 . GLU A 1 24  ? -17.768 -9.660  5.589   1.00 36.74 ? 24  GLU A OE1 1 
ATOM   125  O OE2 . GLU A 1 24  ? -16.300 -10.247 7.098   1.00 36.95 ? 24  GLU A OE2 1 
ATOM   126  N N   . CYS A 1 25  ? -14.136 -9.778  0.524   1.00 21.39 ? 25  CYS A N   1 
ATOM   127  C CA  . CYS A 1 25  ? -14.191 -9.056  -0.748  1.00 22.41 ? 25  CYS A CA  1 
ATOM   128  C C   . CYS A 1 25  ? -14.449 -9.983  -1.928  1.00 22.75 ? 25  CYS A C   1 
ATOM   129  O O   . CYS A 1 25  ? -13.989 -11.122 -1.937  1.00 23.97 ? 25  CYS A O   1 
ATOM   130  C CB  . CYS A 1 25  ? -12.874 -8.304  -0.977  1.00 21.83 ? 25  CYS A CB  1 
ATOM   131  S SG  . CYS A 1 25  ? -12.492 -7.136  0.354   1.00 21.79 ? 25  CYS A SG  1 
ATOM   132  N N   . ALA A 1 26  ? -15.165 -9.495  -2.939  1.00 23.98 ? 26  ALA A N   1 
ATOM   133  C CA  . ALA A 1 26  ? -15.443 -10.332 -4.106  1.00 24.22 ? 26  ALA A CA  1 
ATOM   134  C C   . ALA A 1 26  ? -14.910 -9.742  -5.404  1.00 24.53 ? 26  ALA A C   1 
ATOM   135  O O   . ALA A 1 26  ? -14.665 -10.484 -6.351  1.00 24.94 ? 26  ALA A O   1 
ATOM   136  C CB  . ALA A 1 26  ? -16.926 -10.600 -4.226  1.00 24.04 ? 26  ALA A CB  1 
ATOM   137  N N   . GLN A 1 27  ? -14.704 -8.425  -5.438  1.00 24.92 ? 27  GLN A N   1 
ATOM   138  C CA  . GLN A 1 27  ? -14.314 -7.725  -6.671  1.00 25.51 ? 27  GLN A CA  1 
ATOM   139  C C   . GLN A 1 27  ? -12.852 -7.920  -7.077  1.00 25.18 ? 27  GLN A C   1 
ATOM   140  O O   . GLN A 1 27  ? -11.924 -7.622  -6.309  1.00 24.58 ? 27  GLN A O   1 
ATOM   141  C CB  . GLN A 1 27  ? -14.606 -6.227  -6.546  1.00 26.46 ? 27  GLN A CB  1 
ATOM   142  C CG  . GLN A 1 27  ? -15.528 -5.669  -7.602  1.00 32.20 ? 27  GLN A CG  1 
ATOM   143  C CD  . GLN A 1 27  ? -14.821 -5.394  -8.901  1.00 37.21 ? 27  GLN A CD  1 
ATOM   144  O OE1 . GLN A 1 27  ? -14.199 -4.327  -9.065  1.00 40.87 ? 27  GLN A OE1 1 
ATOM   145  N NE2 . GLN A 1 27  ? -14.911 -6.338  -9.844  1.00 36.52 ? 27  GLN A NE2 1 
ATOM   146  N N   . HIS A 1 28  ? -12.645 -8.417  -8.291  1.00 24.23 ? 28  HIS A N   1 
ATOM   147  C CA  . HIS A 1 28  ? -11.297 -8.616  -8.813  1.00 24.36 ? 28  HIS A CA  1 
ATOM   148  C C   . HIS A 1 28  ? -10.845 -7.443  -9.670  1.00 23.86 ? 28  HIS A C   1 
ATOM   149  O O   . HIS A 1 28  ? -11.646 -6.841  -10.389 1.00 24.32 ? 28  HIS A O   1 
ATOM   150  C CB  . HIS A 1 28  ? -11.259 -9.861  -9.690  1.00 24.96 ? 28  HIS A CB  1 
ATOM   151  C CG  . HIS A 1 28  ? -11.348 -11.137 -8.929  1.00 27.23 ? 28  HIS A CG  1 
ATOM   152  N ND1 . HIS A 1 28  ? -10.305 -12.030 -8.863  1.00 30.76 ? 28  HIS A ND1 1 
ATOM   153  C CD2 . HIS A 1 28  ? -12.357 -11.677 -8.208  1.00 30.89 ? 28  HIS A CD2 1 
ATOM   154  C CE1 . HIS A 1 28  ? -10.666 -13.070 -8.131  1.00 30.73 ? 28  HIS A CE1 1 
ATOM   155  N NE2 . HIS A 1 28  ? -11.908 -12.880 -7.721  1.00 31.49 ? 28  HIS A NE2 1 
ATOM   156  N N   . LEU A 1 29  ? -9.554  -7.139  -9.620  1.00 22.61 ? 29  LEU A N   1 
ATOM   157  C CA  . LEU A 1 29  ? -8.975  -6.139  -10.503 1.00 21.91 ? 29  LEU A CA  1 
ATOM   158  C C   . LEU A 1 29  ? -8.824  -6.700  -11.907 1.00 22.99 ? 29  LEU A C   1 
ATOM   159  O O   . LEU A 1 29  ? -8.612  -7.899  -12.088 1.00 23.13 ? 29  LEU A O   1 
ATOM   160  C CB  . LEU A 1 29  ? -7.597  -5.702  -10.007 1.00 21.49 ? 29  LEU A CB  1 
ATOM   161  C CG  . LEU A 1 29  ? -7.631  -4.844  -8.748  1.00 19.93 ? 29  LEU A CG  1 
ATOM   162  C CD1 . LEU A 1 29  ? -6.225  -4.730  -8.179  1.00 19.94 ? 29  LEU A CD1 1 
ATOM   163  C CD2 . LEU A 1 29  ? -8.226  -3.471  -9.037  1.00 19.81 ? 29  LEU A CD2 1 
ATOM   164  N N   . SER A 1 30  ? -8.921  -5.824  -12.894 1.00 23.28 ? 30  SER A N   1 
ATOM   165  C CA  . SER A 1 30  ? -8.648  -6.205  -14.256 1.00 23.89 ? 30  SER A CA  1 
ATOM   166  C C   . SER A 1 30  ? -7.209  -5.772  -14.604 1.00 23.21 ? 30  SER A C   1 
ATOM   167  O O   . SER A 1 30  ? -6.943  -4.606  -14.913 1.00 23.59 ? 30  SER A O   1 
ATOM   168  C CB  . SER A 1 30  ? -9.724  -5.586  -15.159 1.00 24.32 ? 30  SER A CB  1 
ATOM   169  O OG  . SER A 1 30  ? -9.435  -5.789  -16.516 1.00 28.45 ? 30  SER A OG  1 
ATOM   170  N N   . LEU A 1 31  ? -6.265  -6.708  -14.508 1.00 21.94 ? 31  LEU A N   1 
ATOM   171  C CA  . LEU A 1 31  ? -4.859  -6.413  -14.749 1.00 21.27 ? 31  LEU A CA  1 
ATOM   172  C C   . LEU A 1 31  ? -4.578  -6.339  -16.254 1.00 21.79 ? 31  LEU A C   1 
ATOM   173  O O   . LEU A 1 31  ? -5.417  -6.790  -17.034 1.00 21.91 ? 31  LEU A O   1 
ATOM   174  C CB  . LEU A 1 31  ? -3.995  -7.499  -14.104 1.00 20.54 ? 31  LEU A CB  1 
ATOM   175  C CG  . LEU A 1 31  ? -4.237  -7.723  -12.610 1.00 21.28 ? 31  LEU A CG  1 
ATOM   176  C CD1 . LEU A 1 31  ? -3.271  -8.814  -12.129 1.00 22.25 ? 31  LEU A CD1 1 
ATOM   177  C CD2 . LEU A 1 31  ? -4.049  -6.439  -11.827 1.00 22.34 ? 31  LEU A CD2 1 
ATOM   178  N N   . PRO A 1 32  ? -3.451  -5.758  -16.677 1.00 21.85 ? 32  PRO A N   1 
ATOM   179  C CA  . PRO A 1 32  ? -2.516  -5.031  -15.816 1.00 21.37 ? 32  PRO A CA  1 
ATOM   180  C C   . PRO A 1 32  ? -3.015  -3.612  -15.574 1.00 21.51 ? 32  PRO A C   1 
ATOM   181  O O   . PRO A 1 32  ? -3.812  -3.072  -16.363 1.00 21.65 ? 32  PRO A O   1 
ATOM   182  C CB  . PRO A 1 32  ? -1.246  -4.990  -16.661 1.00 22.07 ? 32  PRO A CB  1 
ATOM   183  C CG  . PRO A 1 32  ? -1.768  -4.933  -18.092 1.00 21.93 ? 32  PRO A CG  1 
ATOM   184  C CD  . PRO A 1 32  ? -2.992  -5.768  -18.084 1.00 22.15 ? 32  PRO A CD  1 
ATOM   185  N N   . LEU A 1 33  ? -2.558  -3.007  -14.482 1.00 20.87 ? 33  LEU A N   1 
ATOM   186  C CA  . LEU A 1 33  ? -3.079  -1.703  -14.072 1.00 20.69 ? 33  LEU A CA  1 
ATOM   187  C C   . LEU A 1 33  ? -2.137  -0.587  -14.474 1.00 20.49 ? 33  LEU A C   1 
ATOM   188  O O   . LEU A 1 33  ? -0.936  -0.776  -14.577 1.00 20.47 ? 33  LEU A O   1 
ATOM   189  C CB  . LEU A 1 33  ? -3.279  -1.668  -12.558 1.00 20.60 ? 33  LEU A CB  1 
ATOM   190  C CG  . LEU A 1 33  ? -4.346  -2.620  -12.037 1.00 21.71 ? 33  LEU A CG  1 
ATOM   191  C CD1 . LEU A 1 33  ? -4.445  -2.521  -10.533 1.00 24.92 ? 33  LEU A CD1 1 
ATOM   192  C CD2 . LEU A 1 33  ? -5.662  -2.307  -12.704 1.00 23.22 ? 33  LEU A CD2 1 
ATOM   193  N N   . ARG A 1 34  ? -2.683  0.601   -14.698 1.00 21.36 ? 34  ARG A N   1 
ATOM   194  C CA  . ARG A 1 34  ? -1.840  1.696   -15.179 1.00 21.90 ? 34  ARG A CA  1 
ATOM   195  C C   . ARG A 1 34  ? -1.225  2.524   -14.059 1.00 20.85 ? 34  ARG A C   1 
ATOM   196  O O   . ARG A 1 34  ? -0.334  3.327   -14.311 1.00 20.97 ? 34  ARG A O   1 
ATOM   197  C CB  . ARG A 1 34  ? -2.664  2.639   -16.059 1.00 23.32 ? 34  ARG A CB  1 
ATOM   198  C CG  . ARG A 1 34  ? -1.987  3.063   -17.340 1.00 28.31 ? 34  ARG A CG  1 
ATOM   199  C CD  . ARG A 1 34  ? -2.985  3.340   -18.470 1.00 34.31 ? 34  ARG A CD  1 
ATOM   200  N NE  . ARG A 1 34  ? -2.474  3.005   -19.802 1.00 39.68 ? 34  ARG A NE  1 
ATOM   201  C CZ  . ARG A 1 34  ? -3.108  2.215   -20.673 1.00 42.66 ? 34  ARG A CZ  1 
ATOM   202  N NH1 . ARG A 1 34  ? -2.574  1.982   -21.868 1.00 45.00 ? 34  ARG A NH1 1 
ATOM   203  N NH2 . ARG A 1 34  ? -4.276  1.652   -20.359 1.00 44.14 ? 34  ARG A NH2 1 
ATOM   204  N N   . TYR A 1 35  ? -1.715  2.334   -12.835 1.00 19.37 ? 35  TYR A N   1 
ATOM   205  C CA  . TYR A 1 35  ? -1.344  3.226   -11.741 1.00 18.04 ? 35  TYR A CA  1 
ATOM   206  C C   . TYR A 1 35  ? -0.981  2.528   -10.445 1.00 16.97 ? 35  TYR A C   1 
ATOM   207  O O   . TYR A 1 35  ? -1.579  1.518   -10.089 1.00 16.52 ? 35  TYR A O   1 
ATOM   208  C CB  . TYR A 1 35  ? -2.534  4.106   -11.411 1.00 17.98 ? 35  TYR A CB  1 
ATOM   209  C CG  . TYR A 1 35  ? -3.001  4.983   -12.549 1.00 18.44 ? 35  TYR A CG  1 
ATOM   210  C CD1 . TYR A 1 35  ? -4.169  4.698   -13.223 1.00 22.32 ? 35  TYR A CD1 1 
ATOM   211  C CD2 . TYR A 1 35  ? -2.278  6.106   -12.923 1.00 20.57 ? 35  TYR A CD2 1 
ATOM   212  C CE1 . TYR A 1 35  ? -4.613  5.516   -14.265 1.00 24.03 ? 35  TYR A CE1 1 
ATOM   213  C CE2 . TYR A 1 35  ? -2.713  6.928   -13.967 1.00 21.59 ? 35  TYR A CE2 1 
ATOM   214  C CZ  . TYR A 1 35  ? -3.883  6.624   -14.622 1.00 24.05 ? 35  TYR A CZ  1 
ATOM   215  O OH  . TYR A 1 35  ? -4.330  7.432   -15.661 1.00 25.04 ? 35  TYR A OH  1 
ATOM   216  N N   . VAL A 1 36  ? -0.061  3.136   -9.707  1.00 16.11 ? 36  VAL A N   1 
ATOM   217  C CA  . VAL A 1 36  ? 0.121   2.809   -8.293  1.00 15.44 ? 36  VAL A CA  1 
ATOM   218  C C   . VAL A 1 36  ? -0.125  4.093   -7.508  1.00 15.34 ? 36  VAL A C   1 
ATOM   219  O O   . VAL A 1 36  ? 0.295   5.160   -7.937  1.00 15.39 ? 36  VAL A O   1 
ATOM   220  C CB  . VAL A 1 36  ? 1.549   2.357   -8.015  1.00 15.96 ? 36  VAL A CB  1 
ATOM   221  C CG1 . VAL A 1 36  ? 1.786   2.211   -6.502  1.00 16.39 ? 36  VAL A CG1 1 
ATOM   222  C CG2 . VAL A 1 36  ? 1.860   1.068   -8.759  1.00 15.81 ? 36  VAL A CG2 1 
ATOM   223  N N   . VAL A 1 37  ? -0.810  3.988   -6.376  1.00 14.06 ? 37  VAL A N   1 
ATOM   224  C CA  . VAL A 1 37  ? -1.024  5.136   -5.501  1.00 13.64 ? 37  VAL A CA  1 
ATOM   225  C C   . VAL A 1 37  ? -0.383  4.825   -4.158  1.00 13.02 ? 37  VAL A C   1 
ATOM   226  O O   . VAL A 1 37  ? -0.725  3.816   -3.532  1.00 12.80 ? 37  VAL A O   1 
ATOM   227  C CB  . VAL A 1 37  ? -2.504  5.406   -5.272  1.00 13.13 ? 37  VAL A CB  1 
ATOM   228  C CG1 . VAL A 1 37  ? -2.691  6.633   -4.383  1.00 13.62 ? 37  VAL A CG1 1 
ATOM   229  C CG2 . VAL A 1 37  ? -3.230  5.646   -6.601  1.00 14.55 ? 37  VAL A CG2 1 
ATOM   230  N N   . VAL A 1 38  ? 0.539   5.686   -3.750  1.00 12.90 ? 38  VAL A N   1 
ATOM   231  C CA  . VAL A 1 38  ? 1.284   5.493   -2.505  1.00 13.25 ? 38  VAL A CA  1 
ATOM   232  C C   . VAL A 1 38  ? 0.639   6.358   -1.451  1.00 13.44 ? 38  VAL A C   1 
ATOM   233  O O   . VAL A 1 38  ? 0.468   7.574   -1.660  1.00 13.33 ? 38  VAL A O   1 
ATOM   234  C CB  . VAL A 1 38  ? 2.764   5.898   -2.677  1.00 13.49 ? 38  VAL A CB  1 
ATOM   235  C CG1 . VAL A 1 38  ? 3.480   5.943   -1.331  1.00 14.43 ? 38  VAL A CG1 1 
ATOM   236  C CG2 . VAL A 1 38  ? 3.510   4.936   -3.654  1.00 14.02 ? 38  VAL A CG2 1 
ATOM   237  N N   . SER A 1 39  ? 0.264   5.729   -0.335  1.00 12.94 ? 39  SER A N   1 
ATOM   238  C CA  . SER A 1 39  ? -0.328  6.420   0.801   1.00 12.61 ? 39  SER A CA  1 
ATOM   239  C C   . SER A 1 39  ? 0.480   6.160   2.064   1.00 12.84 ? 39  SER A C   1 
ATOM   240  O O   . SER A 1 39  ? 1.399   5.324   2.083   1.00 11.89 ? 39  SER A O   1 
ATOM   241  C CB  . SER A 1 39  ? -1.770  5.939   1.032   1.00 12.81 ? 39  SER A CB  1 
ATOM   242  O OG  . SER A 1 39  ? -1.780  4.530   1.334   1.00 13.40 ? 39  SER A OG  1 
ATOM   243  N N   . HIS A 1 40  ? 0.139   6.894   3.121   1.00 12.88 ? 40  HIS A N   1 
ATOM   244  C CA  . HIS A 1 40  ? 0.491   6.471   4.479   1.00 13.19 ? 40  HIS A CA  1 
ATOM   245  C C   . HIS A 1 40  ? -0.782  6.198   5.278   1.00 13.73 ? 40  HIS A C   1 
ATOM   246  O O   . HIS A 1 40  ? -1.867  6.645   4.888   1.00 13.66 ? 40  HIS A O   1 
ATOM   247  C CB  . HIS A 1 40  ? 1.453   7.469   5.191   1.00 14.02 ? 40  HIS A CB  1 
ATOM   248  C CG  . HIS A 1 40  ? 0.822   8.780   5.593   1.00 15.48 ? 40  HIS A CG  1 
ATOM   249  N ND1 . HIS A 1 40  ? 1.516   9.743   6.295   1.00 16.79 ? 40  HIS A ND1 1 
ATOM   250  C CD2 . HIS A 1 40  ? -0.431  9.276   5.416   1.00 17.18 ? 40  HIS A CD2 1 
ATOM   251  C CE1 . HIS A 1 40  ? 0.727   10.784  6.513   1.00 18.05 ? 40  HIS A CE1 1 
ATOM   252  N NE2 . HIS A 1 40  ? -0.463  10.524  5.995   1.00 17.35 ? 40  HIS A NE2 1 
ATOM   253  N N   . THR A 1 41  ? -0.676  5.420   6.345   1.00 13.18 ? 41  THR A N   1 
ATOM   254  C CA  . THR A 1 41  ? -1.877  5.059   7.073   1.00 15.27 ? 41  THR A CA  1 
ATOM   255  C C   . THR A 1 41  ? -2.244  6.212   7.958   1.00 16.30 ? 41  THR A C   1 
ATOM   256  O O   . THR A 1 41  ? -3.392  6.315   8.373   1.00 17.97 ? 41  THR A O   1 
ATOM   257  C CB  . THR A 1 41  ? -1.680  3.824   7.955   1.00 15.03 ? 41  THR A CB  1 
ATOM   258  O OG1 . THR A 1 41  ? -0.558  4.019   8.826   1.00 15.13 ? 41  THR A OG1 1 
ATOM   259  C CG2 . THR A 1 41  ? -1.331  2.583   7.115   1.00 15.24 ? 41  THR A CG2 1 
ATOM   260  N N   . ALA A 1 42  ? -1.257  7.054   8.248   1.00 16.17 ? 42  ALA A N   1 
ATOM   261  C CA  . ALA A 1 42  ? -1.388  8.116   9.259   1.00 18.42 ? 42  ALA A CA  1 
ATOM   262  C C   . ALA A 1 42  ? -1.663  7.517   10.639  1.00 19.09 ? 42  ALA A C   1 
ATOM   263  O O   . ALA A 1 42  ? -2.078  8.234   11.564  1.00 20.02 ? 42  ALA A O   1 
ATOM   264  C CB  . ALA A 1 42  ? -2.486  9.089   8.888   1.00 17.98 ? 42  ALA A CB  1 
ATOM   265  N N   . GLY A 1 43  ? -1.444  6.218   10.789  1.00 18.65 ? 43  GLY A N   1 
ATOM   266  C CA  . GLY A 1 43  ? -1.561  5.580   12.098  1.00 18.44 ? 43  GLY A CA  1 
ATOM   267  C C   . GLY A 1 43  ? -0.190  5.375   12.742  1.00 17.98 ? 43  GLY A C   1 
ATOM   268  O O   . GLY A 1 43  ? 0.740   6.124   12.479  1.00 17.61 ? 43  GLY A O   1 
ATOM   269  N N   . SER A 1 44  ? -0.048  4.348   13.575  1.00 18.83 ? 44  SER A N   1 
ATOM   270  C CA  . SER A 1 44  ? 1.245   4.050   14.191  1.00 19.25 ? 44  SER A CA  1 
ATOM   271  C C   . SER A 1 44  ? 2.215   3.387   13.243  1.00 19.97 ? 44  SER A C   1 
ATOM   272  O O   . SER A 1 44  ? 1.820   2.679   12.298  1.00 19.47 ? 44  SER A O   1 
ATOM   273  C CB  . SER A 1 44  ? 1.087   3.135   15.423  1.00 19.40 ? 44  SER A CB  1 
ATOM   274  O OG  . SER A 1 44  ? 0.330   3.771   16.423  1.00 21.31 ? 44  SER A OG  1 
ATOM   275  N N   . SER A 1 45  ? 3.491   3.624   13.488  1.00 20.04 ? 45  SER A N   1 
ATOM   276  C CA  . SER A 1 45  ? 4.511   2.928   12.749  1.00 21.66 ? 45  SER A CA  1 
ATOM   277  C C   . SER A 1 45  ? 4.958   1.683   13.519  1.00 20.96 ? 45  SER A C   1 
ATOM   278  O O   . SER A 1 45  ? 4.445   1.385   14.601  1.00 21.61 ? 45  SER A O   1 
ATOM   279  C CB  . SER A 1 45  ? 5.691   3.845   12.486  1.00 22.28 ? 45  SER A CB  1 
ATOM   280  O OG  . SER A 1 45  ? 6.596   3.187   11.622  1.00 28.86 ? 45  SER A OG  1 
ATOM   281  N N   . CYS A 1 46  ? 5.916   0.955   12.961  1.00 20.13 ? 46  CYS A N   1 
ATOM   282  C CA  . CYS A 1 46  ? 6.336   -0.288  13.571  1.00 19.75 ? 46  CYS A CA  1 
ATOM   283  C C   . CYS A 1 46  ? 7.701   -0.640  12.962  1.00 20.05 ? 46  CYS A C   1 
ATOM   284  O O   . CYS A 1 46  ? 7.965   -0.308  11.808  1.00 20.69 ? 46  CYS A O   1 
ATOM   285  C CB  . CYS A 1 46  ? 5.285   -1.371  13.298  1.00 18.86 ? 46  CYS A CB  1 
ATOM   286  S SG  . CYS A 1 46  ? 5.112   -1.721  11.527  1.00 17.21 ? 46  CYS A SG  1 
ATOM   287  N N   . ASN A 1 47  ? 8.585   -1.263  13.736  1.00 19.77 ? 47  ASN A N   1 
ATOM   288  C CA  . ASN A 1 47  ? 9.891   -1.612  13.193  1.00 20.15 ? 47  ASN A CA  1 
ATOM   289  C C   . ASN A 1 47  ? 10.441  -2.988  13.555  1.00 19.19 ? 47  ASN A C   1 
ATOM   290  O O   . ASN A 1 47  ? 11.655  -3.213  13.489  1.00 19.15 ? 47  ASN A O   1 
ATOM   291  C CB  . ASN A 1 47  ? 10.914  -0.522  13.523  1.00 21.31 ? 47  ASN A CB  1 
ATOM   292  C CG  . ASN A 1 47  ? 11.168  -0.401  15.007  1.00 23.45 ? 47  ASN A CG  1 
ATOM   293  O OD1 . ASN A 1 47  ? 10.549  -1.096  15.820  1.00 25.46 ? 47  ASN A OD1 1 
ATOM   294  N ND2 . ASN A 1 47  ? 12.085  0.489   15.372  1.00 28.71 ? 47  ASN A ND2 1 
ATOM   295  N N   . THR A 1 48  ? 9.555   -3.911  13.921  1.00 17.40 ? 48  THR A N   1 
ATOM   296  C CA  . THR A 1 48  ? 9.902   -5.326  14.055  1.00 16.41 ? 48  THR A CA  1 
ATOM   297  C C   . THR A 1 48  ? 8.792   -6.165  13.453  1.00 15.59 ? 48  THR A C   1 
ATOM   298  O O   . THR A 1 48  ? 7.632   -5.690  13.349  1.00 15.74 ? 48  THR A O   1 
ATOM   299  C CB  . THR A 1 48  ? 10.073  -5.752  15.528  1.00 16.67 ? 48  THR A CB  1 
ATOM   300  O OG1 . THR A 1 48  ? 8.806   -5.662  16.196  1.00 16.40 ? 48  THR A OG1 1 
ATOM   301  C CG2 . THR A 1 48  ? 10.981  -4.783  16.261  1.00 17.11 ? 48  THR A CG2 1 
ATOM   302  N N   . PRO A 1 49  ? 9.099   -7.391  13.048  1.00 15.40 ? 49  PRO A N   1 
ATOM   303  C CA  . PRO A 1 49  ? 8.061   -8.275  12.524  1.00 15.22 ? 49  PRO A CA  1 
ATOM   304  C C   . PRO A 1 49  ? 6.895   -8.408  13.506  1.00 15.74 ? 49  PRO A C   1 
ATOM   305  O O   . PRO A 1 49  ? 5.732   -8.296  13.113  1.00 15.36 ? 49  PRO A O   1 
ATOM   306  C CB  . PRO A 1 49  ? 8.801   -9.604  12.345  1.00 16.00 ? 49  PRO A CB  1 
ATOM   307  C CG  . PRO A 1 49  ? 10.170  -9.184  11.975  1.00 14.68 ? 49  PRO A CG  1 
ATOM   308  C CD  . PRO A 1 49  ? 10.447  -8.007  12.928  1.00 15.40 ? 49  PRO A CD  1 
ATOM   309  N N   . ALA A 1 50  ? 7.206   -8.632  14.784  1.00 15.27 ? 50  ALA A N   1 
ATOM   310  C CA  . ALA A 1 50  ? 6.123   -8.752  15.769  1.00 15.94 ? 50  ALA A CA  1 
ATOM   311  C C   . ALA A 1 50  ? 5.217   -7.518  15.827  1.00 15.99 ? 50  ALA A C   1 
ATOM   312  O O   . ALA A 1 50  ? 3.975   -7.658  15.779  1.00 17.00 ? 50  ALA A O   1 
ATOM   313  C CB  . ALA A 1 50  ? 6.690   -9.113  17.174  1.00 16.51 ? 50  ALA A CB  1 
ATOM   314  N N   . SER A 1 51  ? 5.804   -6.328  15.921  1.00 15.37 ? 51  SER A N   1 
ATOM   315  C CA  . SER A 1 51  ? 4.992   -5.103  16.004  1.00 16.27 ? 51  SER A CA  1 
ATOM   316  C C   . SER A 1 51  ? 4.295   -4.776  14.686  1.00 15.29 ? 51  SER A C   1 
ATOM   317  O O   . SER A 1 51  ? 3.188   -4.221  14.678  1.00 16.41 ? 51  SER A O   1 
ATOM   318  C CB  . SER A 1 51  ? 5.799   -3.896  16.484  1.00 16.49 ? 51  SER A CB  1 
ATOM   319  O OG  . SER A 1 51  ? 6.948   -3.648  15.692  1.00 18.26 ? 51  SER A OG  1 
ATOM   320  N N   . CYS A 1 52  ? 4.946   -5.089  13.566  1.00 14.75 ? 52  CYS A N   1 
ATOM   321  C CA  . CYS A 1 52  ? 4.319   -4.797  12.277  1.00 14.19 ? 52  CYS A CA  1 
ATOM   322  C C   . CYS A 1 52  ? 3.178   -5.759  11.945  1.00 14.70 ? 52  CYS A C   1 
ATOM   323  O O   . CYS A 1 52  ? 2.191   -5.347  11.324  1.00 14.35 ? 52  CYS A O   1 
ATOM   324  C CB  . CYS A 1 52  ? 5.348   -4.758  11.140  1.00 14.18 ? 52  CYS A CB  1 
ATOM   325  S SG  . CYS A 1 52  ? 6.383   -3.285  11.144  1.00 15.46 ? 52  CYS A SG  1 
ATOM   326  N N   . GLN A 1 53  ? 3.296   -7.025  12.346  1.00 14.70 ? 53  GLN A N   1 
ATOM   327  C CA  . GLN A 1 53  ? 2.177   -7.955  12.210  1.00 16.06 ? 53  GLN A CA  1 
ATOM   328  C C   . GLN A 1 53  ? 0.990   -7.411  13.012  1.00 15.98 ? 53  GLN A C   1 
ATOM   329  O O   . GLN A 1 53  ? -0.150  -7.374  12.531  1.00 16.34 ? 53  GLN A O   1 
ATOM   330  C CB  . GLN A 1 53  ? 2.548   -9.352  12.717  1.00 16.68 ? 53  GLN A CB  1 
ATOM   331  C CG  . GLN A 1 53  ? 3.509   -10.107 11.805  1.00 19.17 ? 53  GLN A CG  1 
ATOM   332  C CD  . GLN A 1 53  ? 4.341   -11.168 12.527  1.00 27.03 ? 53  GLN A CD  1 
ATOM   333  O OE1 . GLN A 1 53  ? 5.383   -11.609 12.004  1.00 29.99 ? 53  GLN A OE1 1 
ATOM   334  N NE2 . GLN A 1 53  ? 3.902   -11.575 13.724  1.00 24.70 ? 53  GLN A NE2 1 
ATOM   335  N N   . GLN A 1 54  ? 1.256   -6.979  14.239  1.00 15.67 ? 54  GLN A N   1 
ATOM   336  C CA  . GLN A 1 54  ? 0.186   -6.382  15.058  1.00 16.21 ? 54  GLN A CA  1 
ATOM   337  C C   . GLN A 1 54  ? -0.363  -5.103  14.437  1.00 15.46 ? 54  GLN A C   1 
ATOM   338  O O   . GLN A 1 54  ? -1.575  -4.862  14.452  1.00 14.97 ? 54  GLN A O   1 
ATOM   339  C CB  . GLN A 1 54  ? 0.683   -6.114  16.486  1.00 15.92 ? 54  GLN A CB  1 
ATOM   340  C CG  . GLN A 1 54  ? -0.385  -5.541  17.443  1.00 17.97 ? 54  GLN A CG  1 
ATOM   341  C CD  . GLN A 1 54  ? -1.537  -6.499  17.653  1.00 21.12 ? 54  GLN A CD  1 
ATOM   342  O OE1 . GLN A 1 54  ? -1.333  -7.673  18.009  1.00 23.71 ? 54  GLN A OE1 1 
ATOM   343  N NE2 . GLN A 1 54  ? -2.751  -6.019  17.411  1.00 22.96 ? 54  GLN A NE2 1 
ATOM   344  N N   . GLN A 1 55  ? 0.498   -4.299  13.833  1.00 14.83 ? 55  GLN A N   1 
ATOM   345  C CA  . GLN A 1 55  ? 0.029   -3.065  13.233  1.00 14.71 ? 55  GLN A CA  1 
ATOM   346  C C   . GLN A 1 55  ? -0.830  -3.356  12.003  1.00 14.39 ? 55  GLN A C   1 
ATOM   347  O O   . GLN A 1 55  ? -1.832  -2.697  11.783  1.00 14.08 ? 55  GLN A O   1 
ATOM   348  C CB  . GLN A 1 55  ? 1.179   -2.136  12.859  1.00 15.42 ? 55  GLN A CB  1 
ATOM   349  C CG  . GLN A 1 55  ? 0.741   -0.734  12.470  1.00 16.38 ? 55  GLN A CG  1 
ATOM   350  C CD  . GLN A 1 55  ? -0.245  -0.086  13.458  1.00 21.84 ? 55  GLN A CD  1 
ATOM   351  O OE1 . GLN A 1 55  ? -0.080  -0.186  14.667  1.00 19.67 ? 55  GLN A OE1 1 
ATOM   352  N NE2 . GLN A 1 55  ? -1.267  0.561   12.926  1.00 25.05 ? 55  GLN A NE2 1 
ATOM   353  N N   . ALA A 1 56  ? -0.452  -4.356  11.208  1.00 13.49 ? 56  ALA A N   1 
ATOM   354  C CA  . ALA A 1 56  ? -1.319  -4.753  10.089  1.00 13.22 ? 56  ALA A CA  1 
ATOM   355  C C   . ALA A 1 56  ? -2.706  -5.171  10.608  1.00 14.03 ? 56  ALA A C   1 
ATOM   356  O O   . ALA A 1 56  ? -3.749  -4.796  10.038  1.00 13.69 ? 56  ALA A O   1 
ATOM   357  C CB  . ALA A 1 56  ? -0.673  -5.897  9.276   1.00 13.13 ? 56  ALA A CB  1 
ATOM   358  N N   . ARG A 1 57  ? -2.723  -5.915  11.710  1.00 13.66 ? 57  ARG A N   1 
ATOM   359  C CA  . ARG A 1 57  ? -3.995  -6.365  12.290  1.00 14.18 ? 57  ARG A CA  1 
ATOM   360  C C   . ARG A 1 57  ? -4.786  -5.160  12.781  1.00 14.60 ? 57  ARG A C   1 
ATOM   361  O O   . ARG A 1 57  ? -6.011  -5.133  12.666  1.00 15.64 ? 57  ARG A O   1 
ATOM   362  C CB  . ARG A 1 57  ? -3.755  -7.342  13.437  1.00 14.61 ? 57  ARG A CB  1 
ATOM   363  C CG  . ARG A 1 57  ? -3.329  -8.743  12.979  1.00 13.99 ? 57  ARG A CG  1 
ATOM   364  C CD  . ARG A 1 57  ? -3.387  -9.772  14.111  1.00 13.43 ? 57  ARG A CD  1 
ATOM   365  N NE  . ARG A 1 57  ? -2.428  -9.487  15.163  1.00 17.05 ? 57  ARG A NE  1 
ATOM   366  C CZ  . ARG A 1 57  ? -1.170  -9.905  15.134  1.00 18.67 ? 57  ARG A CZ  1 
ATOM   367  N NH1 . ARG A 1 57  ? -0.746  -10.623 14.099  1.00 18.24 ? 57  ARG A NH1 1 
ATOM   368  N NH2 . ARG A 1 57  ? -0.347  -9.611  16.135  1.00 20.04 ? 57  ARG A NH2 1 
ATOM   369  N N   . ASN A 1 58  ? -4.095  -4.174  13.349  1.00 14.46 ? 58  ASN A N   1 
ATOM   370  C CA  . ASN A 1 58  ? -4.784  -2.968  13.793  1.00 14.47 ? 58  ASN A CA  1 
ATOM   371  C C   . ASN A 1 58  ? -5.460  -2.225  12.651  1.00 14.71 ? 58  ASN A C   1 
ATOM   372  O O   . ASN A 1 58  ? -6.599  -1.748  12.793  1.00 14.73 ? 58  ASN A O   1 
ATOM   373  C CB  . ASN A 1 58  ? -3.852  -2.004  14.535  1.00 15.50 ? 58  ASN A CB  1 
ATOM   374  C CG  . ASN A 1 58  ? -3.362  -2.561  15.854  1.00 16.13 ? 58  ASN A CG  1 
ATOM   375  O OD1 . ASN A 1 58  ? -3.942  -3.478  16.413  1.00 16.80 ? 58  ASN A OD1 1 
ATOM   376  N ND2 . ASN A 1 58  ? -2.271  -1.987  16.359  1.00 19.95 ? 58  ASN A ND2 1 
ATOM   377  N N   . VAL A 1 59  ? -4.763  -2.119  11.526  1.00 14.05 ? 59  VAL A N   1 
ATOM   378  C CA  . VAL A 1 59  ? -5.299  -1.404  10.384  1.00 13.65 ? 59  VAL A CA  1 
ATOM   379  C C   . VAL A 1 59  ? -6.495  -2.190  9.878   1.00 13.62 ? 59  VAL A C   1 
ATOM   380  O O   . VAL A 1 59  ? -7.565  -1.623  9.593   1.00 13.49 ? 59  VAL A O   1 
ATOM   381  C CB  . VAL A 1 59  ? -4.235  -1.194  9.276   1.00 13.94 ? 59  VAL A CB  1 
ATOM   382  C CG1 . VAL A 1 59  ? -4.842  -0.460  8.106   1.00 13.28 ? 59  VAL A CG1 1 
ATOM   383  C CG2 . VAL A 1 59  ? -3.019  -0.414  9.816   1.00 14.22 ? 59  VAL A CG2 1 
ATOM   384  N N   . GLN A 1 60  ? -6.339  -3.512  9.789   1.00 13.32 ? 60  GLN A N   1 
ATOM   385  C CA  . GLN A 1 60  ? -7.421  -4.342  9.268   1.00 14.26 ? 60  GLN A CA  1 
ATOM   386  C C   . GLN A 1 60  ? -8.636  -4.228  10.157  1.00 15.31 ? 60  GLN A C   1 
ATOM   387  O O   . GLN A 1 60  ? -9.775  -4.146  9.670   1.00 14.63 ? 60  GLN A O   1 
ATOM   388  C CB  . GLN A 1 60  ? -7.002  -5.815  9.101   1.00 13.39 ? 60  GLN A CB  1 
ATOM   389  C CG  . GLN A 1 60  ? -8.112  -6.670  8.462   1.00 13.37 ? 60  GLN A CG  1 
ATOM   390  C CD  . GLN A 1 60  ? -7.801  -8.150  8.475   1.00 13.54 ? 60  GLN A CD  1 
ATOM   391  O OE1 . GLN A 1 60  ? -7.412  -8.690  9.509   1.00 12.99 ? 60  GLN A OE1 1 
ATOM   392  N NE2 . GLN A 1 60  ? -8.030  -8.823  7.335   1.00 14.13 ? 60  GLN A NE2 1 
ATOM   393  N N   . HIS A 1 61  ? -8.401  -4.231  11.463  1.00 15.86 ? 61  HIS A N   1 
ATOM   394  C CA  . HIS A 1 61  ? -9.506  -4.193  12.411  1.00 18.58 ? 61  HIS A CA  1 
ATOM   395  C C   . HIS A 1 61  ? -10.271 -2.886  12.264  1.00 18.56 ? 61  HIS A C   1 
ATOM   396  O O   . HIS A 1 61  ? -11.508 -2.866  12.267  1.00 19.16 ? 61  HIS A O   1 
ATOM   397  C CB  . HIS A 1 61  ? -8.971  -4.393  13.821  1.00 19.02 ? 61  HIS A CB  1 
ATOM   398  C CG  . HIS A 1 61  ? -10.028 -4.344  14.875  0.60 21.77 ? 61  HIS A CG  1 
ATOM   399  N ND1 . HIS A 1 61  ? -10.360 -3.186  15.547  0.60 22.94 ? 61  HIS A ND1 1 
ATOM   400  C CD2 . HIS A 1 61  ? -10.830 -5.314  15.372  0.60 23.40 ? 61  HIS A CD2 1 
ATOM   401  C CE1 . HIS A 1 61  ? -11.325 -3.447  16.411  0.60 24.58 ? 61  HIS A CE1 1 
ATOM   402  N NE2 . HIS A 1 61  ? -11.626 -4.729  16.326  0.60 25.17 ? 61  HIS A NE2 1 
ATOM   403  N N   . TYR A 1 62  ? -9.521  -1.798  12.124  1.00 18.15 ? 62  TYR A N   1 
ATOM   404  C CA  . TYR A 1 62  ? -10.104 -0.497  11.856  1.00 17.78 ? 62  TYR A CA  1 
ATOM   405  C C   . TYR A 1 62  ? -10.977 -0.540  10.586  1.00 18.01 ? 62  TYR A C   1 
ATOM   406  O O   . TYR A 1 62  ? -12.157 -0.155  10.607  1.00 18.30 ? 62  TYR A O   1 
ATOM   407  C CB  . TYR A 1 62  ? -8.981  0.540   11.739  1.00 18.17 ? 62  TYR A CB  1 
ATOM   408  C CG  . TYR A 1 62  ? -9.394  1.906   11.263  1.00 17.53 ? 62  TYR A CG  1 
ATOM   409  C CD1 . TYR A 1 62  ? -10.501 2.569   11.811  1.00 19.12 ? 62  TYR A CD1 1 
ATOM   410  C CD2 . TYR A 1 62  ? -8.647  2.570   10.289  1.00 18.73 ? 62  TYR A CD2 1 
ATOM   411  C CE1 . TYR A 1 62  ? -10.851 3.855   11.369  1.00 17.22 ? 62  TYR A CE1 1 
ATOM   412  C CE2 . TYR A 1 62  ? -8.987  3.847   9.853   1.00 19.91 ? 62  TYR A CE2 1 
ATOM   413  C CZ  . TYR A 1 62  ? -10.087 4.479   10.388  1.00 19.07 ? 62  TYR A CZ  1 
ATOM   414  O OH  . TYR A 1 62  ? -10.407 5.745   9.933   1.00 21.99 ? 62  TYR A OH  1 
ATOM   415  N N   . HIS A 1 63  ? -10.410 -1.029  9.489   1.00 16.87 ? 63  HIS A N   1 
ATOM   416  C CA  . HIS A 1 63  ? -11.118 -1.052  8.224   1.00 16.91 ? 63  HIS A CA  1 
ATOM   417  C C   . HIS A 1 63  ? -12.338 -1.948  8.217   1.00 17.68 ? 63  HIS A C   1 
ATOM   418  O O   . HIS A 1 63  ? -13.372 -1.569  7.652   1.00 19.25 ? 63  HIS A O   1 
ATOM   419  C CB  . HIS A 1 63  ? -10.162 -1.436  7.099   1.00 16.63 ? 63  HIS A CB  1 
ATOM   420  C CG  . HIS A 1 63  ? -9.188  -0.357  6.794   1.00 16.19 ? 63  HIS A CG  1 
ATOM   421  N ND1 . HIS A 1 63  ? -8.272  -0.426  5.767   1.00 13.82 ? 63  HIS A ND1 1 
ATOM   422  C CD2 . HIS A 1 63  ? -8.991  0.840   7.398   1.00 16.87 ? 63  HIS A CD2 1 
ATOM   423  C CE1 . HIS A 1 63  ? -7.561  0.688   5.740   1.00 17.18 ? 63  HIS A CE1 1 
ATOM   424  N NE2 . HIS A 1 63  ? -7.969  1.466   6.729   1.00 15.70 ? 63  HIS A NE2 1 
ATOM   425  N N   . MET A 1 64  ? -12.225 -3.125  8.837   1.00 17.66 ? 64  MET A N   1 
ATOM   426  C CA  . MET A 1 64  ? -13.324 -4.087  8.804   1.00 19.33 ? 64  MET A CA  1 
ATOM   427  C C   . MET A 1 64  ? -14.347 -3.865  9.912   1.00 21.15 ? 64  MET A C   1 
ATOM   428  O O   . MET A 1 64  ? -15.560 -3.805  9.637   1.00 22.42 ? 64  MET A O   1 
ATOM   429  C CB  . MET A 1 64  ? -12.791 -5.523  8.845   1.00 18.13 ? 64  MET A CB  1 
ATOM   430  C CG  . MET A 1 64  ? -11.987 -5.876  7.592   1.00 16.57 ? 64  MET A CG  1 
ATOM   431  S SD  . MET A 1 64  ? -11.376 -7.569  7.637   1.00 16.53 ? 64  MET A SD  1 
ATOM   432  C CE  . MET A 1 64  ? -12.898 -8.501  7.311   1.00 17.64 ? 64  MET A CE  1 
ATOM   433  N N   . LYS A 1 65  ? -13.883 -3.735  11.151  1.00 22.88 ? 65  LYS A N   1 
ATOM   434  C CA  . LYS A 1 65  ? -14.815 -3.652  12.275  1.00 24.88 ? 65  LYS A CA  1 
ATOM   435  C C   . LYS A 1 65  ? -15.408 -2.255  12.490  1.00 25.38 ? 65  LYS A C   1 
ATOM   436  O O   . LYS A 1 65  ? -16.602 -2.125  12.748  1.00 25.44 ? 65  LYS A O   1 
ATOM   437  C CB  . LYS A 1 65  ? -14.194 -4.180  13.564  1.00 25.25 ? 65  LYS A CB  1 
ATOM   438  C CG  . LYS A 1 65  ? -15.230 -4.437  14.658  1.00 29.20 ? 65  LYS A CG  1 
ATOM   439  C CD  . LYS A 1 65  ? -16.197 -5.548  14.225  1.00 35.69 ? 65  LYS A CD  1 
ATOM   440  C CE  . LYS A 1 65  ? -15.922 -5.949  12.766  1.00 37.47 ? 65  LYS A CE  1 
ATOM   441  N NZ  . LYS A 1 65  ? -16.182 -7.388  12.495  1.00 39.22 ? 65  LYS A NZ  1 
ATOM   442  N N   . THR A 1 66  ? -14.578 -1.223  12.386  1.00 25.33 ? 66  THR A N   1 
ATOM   443  C CA  . THR A 1 66  ? -15.045 0.134   12.621  1.00 25.91 ? 66  THR A CA  1 
ATOM   444  C C   . THR A 1 66  ? -15.702 0.696   11.374  1.00 25.83 ? 66  THR A C   1 
ATOM   445  O O   . THR A 1 66  ? -16.811 1.232   11.438  1.00 26.06 ? 66  THR A O   1 
ATOM   446  C CB  . THR A 1 66  ? -13.882 1.033   13.070  1.00 25.86 ? 66  THR A CB  1 
ATOM   447  O OG1 . THR A 1 66  ? -13.444 0.612   14.366  1.00 28.09 ? 66  THR A OG1 1 
ATOM   448  C CG2 . THR A 1 66  ? -14.359 2.473   13.254  1.00 25.95 ? 66  THR A CG2 1 
ATOM   449  N N   . LEU A 1 67  ? -15.028 0.556   10.239  1.00 25.35 ? 67  LEU A N   1 
ATOM   450  C CA  . LEU A 1 67  ? -15.519 1.084   8.975   1.00 24.70 ? 67  LEU A CA  1 
ATOM   451  C C   . LEU A 1 67  ? -16.430 0.157   8.168   1.00 24.74 ? 67  LEU A C   1 
ATOM   452  O O   . LEU A 1 67  ? -17.050 0.605   7.208   1.00 25.41 ? 67  LEU A O   1 
ATOM   453  C CB  . LEU A 1 67  ? -14.368 1.516   8.069   1.00 23.99 ? 67  LEU A CB  1 
ATOM   454  C CG  . LEU A 1 67  ? -13.353 2.504   8.638   1.00 24.67 ? 67  LEU A CG  1 
ATOM   455  C CD1 . LEU A 1 67  ? -12.371 2.937   7.564   1.00 22.20 ? 67  LEU A CD1 1 
ATOM   456  C CD2 . LEU A 1 67  ? -14.068 3.722   9.237   1.00 24.93 ? 67  LEU A CD2 1 
ATOM   457  N N   . GLY A 1 68  ? -16.494 -1.116  8.534   1.00 24.44 ? 68  GLY A N   1 
ATOM   458  C CA  . GLY A 1 68  ? -17.345 -2.081  7.843   1.00 24.33 ? 68  GLY A CA  1 
ATOM   459  C C   . GLY A 1 68  ? -16.925 -2.536  6.441   1.00 24.32 ? 68  GLY A C   1 
ATOM   460  O O   . GLY A 1 68  ? -17.751 -3.061  5.672   1.00 25.16 ? 68  GLY A O   1 
ATOM   461  N N   . TRP A 1 69  ? -15.653 -2.377  6.091   1.00 22.78 ? 69  TRP A N   1 
ATOM   462  C CA  . TRP A 1 69  ? -15.179 -2.785  4.772   1.00 21.87 ? 69  TRP A CA  1 
ATOM   463  C C   . TRP A 1 69  ? -14.947 -4.284  4.708   1.00 20.40 ? 69  TRP A C   1 
ATOM   464  O O   . TRP A 1 69  ? -14.852 -4.950  5.733   1.00 19.65 ? 69  TRP A O   1 
ATOM   465  C CB  . TRP A 1 69  ? -13.874 -2.071  4.421   1.00 22.71 ? 69  TRP A CB  1 
ATOM   466  C CG  . TRP A 1 69  ? -14.032 -0.599  4.300   1.00 25.42 ? 69  TRP A CG  1 
ATOM   467  C CD1 . TRP A 1 69  ? -15.205 0.119   4.385   1.00 28.55 ? 69  TRP A CD1 1 
ATOM   468  C CD2 . TRP A 1 69  ? -12.995 0.356   4.074   1.00 26.91 ? 69  TRP A CD2 1 
ATOM   469  N NE1 . TRP A 1 69  ? -14.949 1.461   4.218   1.00 30.05 ? 69  TRP A NE1 1 
ATOM   470  C CE2 . TRP A 1 69  ? -13.605 1.636   4.019   1.00 28.44 ? 69  TRP A CE2 1 
ATOM   471  C CE3 . TRP A 1 69  ? -11.609 0.267   3.889   1.00 25.21 ? 69  TRP A CE3 1 
ATOM   472  C CZ2 . TRP A 1 69  ? -12.879 2.797   3.804   1.00 28.70 ? 69  TRP A CZ2 1 
ATOM   473  C CZ3 . TRP A 1 69  ? -10.893 1.416   3.684   1.00 27.97 ? 69  TRP A CZ3 1 
ATOM   474  C CH2 . TRP A 1 69  ? -11.528 2.672   3.637   1.00 28.56 ? 69  TRP A CH2 1 
ATOM   475  N N   . CYS A 1 70  ? -14.853 -4.806  3.495   1.00 19.32 ? 70  CYS A N   1 
ATOM   476  C CA  . CYS A 1 70  ? -14.742 -6.244  3.327   1.00 19.40 ? 70  CYS A CA  1 
ATOM   477  C C   . CYS A 1 70  ? -13.349 -6.807  3.670   1.00 18.40 ? 70  CYS A C   1 
ATOM   478  O O   . CYS A 1 70  ? -13.178 -8.022  3.811   1.00 17.94 ? 70  CYS A O   1 
ATOM   479  C CB  . CYS A 1 70  ? -15.161 -6.640  1.908   1.00 20.33 ? 70  CYS A CB  1 
ATOM   480  S SG  . CYS A 1 70  ? -14.138 -5.955  0.593   1.00 21.81 ? 70  CYS A SG  1 
ATOM   481  N N   . ASP A 1 71  ? -12.365 -5.923  3.811   1.00 16.93 ? 71  ASP A N   1 
ATOM   482  C CA  . ASP A 1 71  ? -10.998 -6.340  4.166   1.00 16.17 ? 71  ASP A CA  1 
ATOM   483  C C   . ASP A 1 71  ? -10.200 -5.079  4.463   1.00 15.28 ? 71  ASP A C   1 
ATOM   484  O O   . ASP A 1 71  ? -10.666 -3.976  4.218   1.00 14.49 ? 71  ASP A O   1 
ATOM   485  C CB  . ASP A 1 71  ? -10.368 -7.083  2.972   1.00 16.83 ? 71  ASP A CB  1 
ATOM   486  C CG  . ASP A 1 71  ? -9.058  -7.802  3.317   1.00 16.18 ? 71  ASP A CG  1 
ATOM   487  O OD1 . ASP A 1 71  ? -8.660  -7.916  4.508   1.00 16.32 ? 71  ASP A OD1 1 
ATOM   488  O OD2 . ASP A 1 71  ? -8.339  -8.287  2.424   1.00 17.09 ? 71  ASP A OD2 1 
ATOM   489  N N   . VAL A 1 72  ? -8.981  -5.237  4.975   1.00 14.44 ? 72  VAL A N   1 
ATOM   490  C CA  . VAL A 1 72  ? -8.048  -4.120  4.995   1.00 14.19 ? 72  VAL A CA  1 
ATOM   491  C C   . VAL A 1 72  ? -8.079  -3.491  3.584   1.00 13.63 ? 72  VAL A C   1 
ATOM   492  O O   . VAL A 1 72  ? -8.125  -4.194  2.572   1.00 13.53 ? 72  VAL A O   1 
ATOM   493  C CB  . VAL A 1 72  ? -6.613  -4.591  5.402   1.00 13.52 ? 72  VAL A CB  1 
ATOM   494  C CG1 . VAL A 1 72  ? -5.981  -5.491  4.308   1.00 14.22 ? 72  VAL A CG1 1 
ATOM   495  C CG2 . VAL A 1 72  ? -5.712  -3.398  5.726   1.00 13.91 ? 72  VAL A CG2 1 
ATOM   496  N N   . GLY A 1 73  ? -8.094  -2.165  3.518   1.00 13.57 ? 73  GLY A N   1 
ATOM   497  C CA  . GLY A 1 73  ? -8.264  -1.446  2.259   1.00 13.64 ? 73  GLY A CA  1 
ATOM   498  C C   . GLY A 1 73  ? -7.135  -1.554  1.258   1.00 13.37 ? 73  GLY A C   1 
ATOM   499  O O   . GLY A 1 73  ? -7.344  -1.590  0.054   1.00 14.92 ? 73  GLY A O   1 
ATOM   500  N N   . TYR A 1 74  ? -5.917  -1.609  1.762   1.00 12.43 ? 74  TYR A N   1 
ATOM   501  C CA  . TYR A 1 74  ? -4.741  -1.511  0.913   1.00 11.78 ? 74  TYR A CA  1 
ATOM   502  C C   . TYR A 1 74  ? -4.461  -2.833  0.240   1.00 12.32 ? 74  TYR A C   1 
ATOM   503  O O   . TYR A 1 74  ? -4.739  -3.896  0.813   1.00 13.17 ? 74  TYR A O   1 
ATOM   504  C CB  . TYR A 1 74  ? -3.519  -1.096  1.747   1.00 11.42 ? 74  TYR A CB  1 
ATOM   505  C CG  . TYR A 1 74  ? -3.796  0.157   2.531   1.00 11.67 ? 74  TYR A CG  1 
ATOM   506  C CD1 . TYR A 1 74  ? -3.920  0.106   3.921   1.00 14.32 ? 74  TYR A CD1 1 
ATOM   507  C CD2 . TYR A 1 74  ? -3.976  1.388   1.884   1.00 11.12 ? 74  TYR A CD2 1 
ATOM   508  C CE1 . TYR A 1 74  ? -4.205  1.248   4.657   1.00 14.56 ? 74  TYR A CE1 1 
ATOM   509  C CE2 . TYR A 1 74  ? -4.235  2.548   2.625   1.00 14.01 ? 74  TYR A CE2 1 
ATOM   510  C CZ  . TYR A 1 74  ? -4.354  2.462   4.000   1.00 15.60 ? 74  TYR A CZ  1 
ATOM   511  O OH  . TYR A 1 74  ? -4.628  3.618   4.728   1.00 17.59 ? 74  TYR A OH  1 
ATOM   512  N N   . ASN A 1 75  ? -3.910  -2.766  -0.965  1.00 11.82 ? 75  ASN A N   1 
ATOM   513  C CA  . ASN A 1 75  ? -3.402  -3.987  -1.607  1.00 13.48 ? 75  ASN A CA  1 
ATOM   514  C C   . ASN A 1 75  ? -2.191  -4.563  -0.875  1.00 12.12 ? 75  ASN A C   1 
ATOM   515  O O   . ASN A 1 75  ? -2.104  -5.790  -0.696  1.00 12.22 ? 75  ASN A O   1 
ATOM   516  C CB  . ASN A 1 75  ? -3.097  -3.736  -3.082  1.00 12.75 ? 75  ASN A CB  1 
ATOM   517  C CG  . ASN A 1 75  ? -4.350  -3.440  -3.851  1.00 15.66 ? 75  ASN A CG  1 
ATOM   518  O OD1 . ASN A 1 75  ? -5.141  -4.354  -4.154  1.00 17.70 ? 75  ASN A OD1 1 
ATOM   519  N ND2 . ASN A 1 75  ? -4.609  -2.167  -4.073  1.00 12.33 ? 75  ASN A ND2 1 
ATOM   520  N N   . PHE A 1 76  ? -1.307  -3.673  -0.426  1.00 11.94 ? 76  PHE A N   1 
ATOM   521  C CA  . PHE A 1 76  ? -0.148  -4.060  0.395   1.00 12.06 ? 76  PHE A CA  1 
ATOM   522  C C   . PHE A 1 76  ? 0.153   -2.993  1.421   1.00 12.06 ? 76  PHE A C   1 
ATOM   523  O O   . PHE A 1 76  ? -0.110  -1.811  1.187   1.00 13.19 ? 76  PHE A O   1 
ATOM   524  C CB  . PHE A 1 76  ? 1.093   -4.258  -0.475  1.00 11.61 ? 76  PHE A CB  1 
ATOM   525  C CG  . PHE A 1 76  ? 0.903   -5.296  -1.529  1.00 12.47 ? 76  PHE A CG  1 
ATOM   526  C CD1 . PHE A 1 76  ? 0.443   -4.949  -2.784  1.00 14.39 ? 76  PHE A CD1 1 
ATOM   527  C CD2 . PHE A 1 76  ? 1.133   -6.633  -1.242  1.00 11.84 ? 76  PHE A CD2 1 
ATOM   528  C CE1 . PHE A 1 76  ? 0.236   -5.926  -3.743  1.00 14.10 ? 76  PHE A CE1 1 
ATOM   529  C CE2 . PHE A 1 76  ? 0.924   -7.601  -2.191  1.00 13.06 ? 76  PHE A CE2 1 
ATOM   530  C CZ  . PHE A 1 76  ? 0.473   -7.246  -3.441  1.00 14.53 ? 76  PHE A CZ  1 
ATOM   531  N N   . LEU A 1 77  ? 0.711   -3.412  2.549   1.00 11.91 ? 77  LEU A N   1 
ATOM   532  C CA  . LEU A 1 77  ? 1.173   -2.469  3.555   1.00 11.95 ? 77  LEU A CA  1 
ATOM   533  C C   . LEU A 1 77  ? 2.685   -2.643  3.735   1.00 12.57 ? 77  LEU A C   1 
ATOM   534  O O   . LEU A 1 77  ? 3.215   -3.770  3.618   1.00 12.59 ? 77  LEU A O   1 
ATOM   535  C CB  . LEU A 1 77  ? 0.449   -2.714  4.875   1.00 11.58 ? 77  LEU A CB  1 
ATOM   536  C CG  . LEU A 1 77  ? -1.091  -2.659  4.771   1.00 12.62 ? 77  LEU A CG  1 
ATOM   537  C CD1 . LEU A 1 77  ? -1.646  -4.038  4.477   1.00 14.86 ? 77  LEU A CD1 1 
ATOM   538  C CD2 . LEU A 1 77  ? -1.665  -2.121  6.084   1.00 16.81 ? 77  LEU A CD2 1 
ATOM   539  N N   . ILE A 1 78  ? 3.372   -1.542  4.011   1.00 13.17 ? 78  ILE A N   1 
ATOM   540  C CA  . ILE A 1 78  ? 4.824   -1.574  4.137   1.00 13.27 ? 78  ILE A CA  1 
ATOM   541  C C   . ILE A 1 78  ? 5.154   -1.218  5.590   1.00 13.67 ? 78  ILE A C   1 
ATOM   542  O O   . ILE A 1 78  ? 4.697   -0.168  6.096   1.00 13.65 ? 78  ILE A O   1 
ATOM   543  C CB  . ILE A 1 78  ? 5.508   -0.552  3.225   1.00 13.87 ? 78  ILE A CB  1 
ATOM   544  C CG1 . ILE A 1 78  ? 5.061   -0.664  1.749   1.00 15.51 ? 78  ILE A CG1 1 
ATOM   545  C CG2 . ILE A 1 78  ? 7.037   -0.674  3.347   1.00 13.94 ? 78  ILE A CG2 1 
ATOM   546  C CD1 . ILE A 1 78  ? 5.311   -2.018  1.095   1.00 16.83 ? 78  ILE A CD1 1 
ATOM   547  N N   . GLY A 1 79  ? 5.918   -2.087  6.247   1.00 13.83 ? 79  GLY A N   1 
ATOM   548  C CA  . GLY A 1 79  ? 6.426   -1.788  7.579   1.00 14.17 ? 79  GLY A CA  1 
ATOM   549  C C   . GLY A 1 79  ? 7.846   -1.258  7.611   1.00 15.15 ? 79  GLY A C   1 
ATOM   550  O O   . GLY A 1 79  ? 8.641   -1.506  6.708   1.00 14.86 ? 79  GLY A O   1 
ATOM   551  N N   . GLU A 1 80  ? 8.188   -0.531  8.678   1.00 14.76 ? 80  GLU A N   1 
ATOM   552  C CA  . GLU A 1 80  ? 9.581   -0.103  8.831   1.00 15.50 ? 80  GLU A CA  1 
ATOM   553  C C   . GLU A 1 80  ? 10.461  -1.221  9.390   1.00 14.94 ? 80  GLU A C   1 
ATOM   554  O O   . GLU A 1 80  ? 11.631  -0.989  9.672   1.00 16.91 ? 80  GLU A O   1 
ATOM   555  C CB  . GLU A 1 80  ? 9.682   1.191   9.642   1.00 15.26 ? 80  GLU A CB  1 
ATOM   556  C CG  . GLU A 1 80  ? 9.296   2.388   8.779   1.00 17.91 ? 80  GLU A CG  1 
ATOM   557  C CD  . GLU A 1 80  ? 9.369   3.700   9.518   1.00 20.10 ? 80  GLU A CD  1 
ATOM   558  O OE1 . GLU A 1 80  ? 8.601   3.868   10.499  1.00 24.00 ? 80  GLU A OE1 1 
ATOM   559  O OE2 . GLU A 1 80  ? 10.186  4.556   9.116   1.00 20.21 ? 80  GLU A OE2 1 
ATOM   560  N N   . ASP A 1 81  ? 9.892   -2.414  9.541   1.00 13.63 ? 81  ASP A N   1 
ATOM   561  C CA  . ASP A 1 81  ? 10.699  -3.636  9.717   1.00 13.88 ? 81  ASP A CA  1 
ATOM   562  C C   . ASP A 1 81  ? 11.315  -4.072  8.386   1.00 14.22 ? 81  ASP A C   1 
ATOM   563  O O   . ASP A 1 81  ? 12.084  -5.024  8.321   1.00 14.46 ? 81  ASP A O   1 
ATOM   564  C CB  . ASP A 1 81  ? 9.866   -4.762  10.323  1.00 12.91 ? 81  ASP A CB  1 
ATOM   565  C CG  . ASP A 1 81  ? 8.675   -5.171  9.456   1.00 13.39 ? 81  ASP A CG  1 
ATOM   566  O OD1 . ASP A 1 81  ? 8.006   -6.148  9.819   1.00 13.98 ? 81  ASP A OD1 1 
ATOM   567  O OD2 . ASP A 1 81  ? 8.338   -4.595  8.406   1.00 12.60 ? 81  ASP A OD2 1 
ATOM   568  N N   . GLY A 1 82  ? 10.950  -3.385  7.306   1.00 13.39 ? 82  GLY A N   1 
ATOM   569  C CA  . GLY A 1 82  ? 11.478  -3.751  5.993   1.00 13.51 ? 82  GLY A CA  1 
ATOM   570  C C   . GLY A 1 82  ? 10.673  -4.857  5.316   1.00 13.45 ? 82  GLY A C   1 
ATOM   571  O O   . GLY A 1 82  ? 11.084  -5.374  4.267   1.00 13.11 ? 82  GLY A O   1 
ATOM   572  N N   . LEU A 1 83  ? 9.541   -5.224  5.910   1.00 12.89 ? 83  LEU A N   1 
ATOM   573  C CA  . LEU A 1 83  ? 8.700   -6.275  5.302   1.00 13.12 ? 83  LEU A CA  1 
ATOM   574  C C   . LEU A 1 83  ? 7.433   -5.728  4.614   1.00 14.10 ? 83  LEU A C   1 
ATOM   575  O O   . LEU A 1 83  ? 6.922   -4.656  4.961   1.00 14.59 ? 83  LEU A O   1 
ATOM   576  C CB  . LEU A 1 83  ? 8.336   -7.345  6.314   1.00 13.33 ? 83  LEU A CB  1 
ATOM   577  C CG  . LEU A 1 83  ? 9.533   -7.969  7.021   1.00 12.84 ? 83  LEU A CG  1 
ATOM   578  C CD1 . LEU A 1 83  ? 8.980   -8.989  7.988   1.00 10.55 ? 83  LEU A CD1 1 
ATOM   579  C CD2 . LEU A 1 83  ? 10.405  -8.625  5.982   1.00 13.93 ? 83  LEU A CD2 1 
ATOM   580  N N   . VAL A 1 84  ? 6.971   -6.453  3.595   1.00 13.31 ? 84  VAL A N   1 
ATOM   581  C CA  . VAL A 1 84  ? 5.733   -6.113  2.912   1.00 13.66 ? 84  VAL A CA  1 
ATOM   582  C C   . VAL A 1 84  ? 4.655   -7.056  3.437   1.00 13.42 ? 84  VAL A C   1 
ATOM   583  O O   . VAL A 1 84  ? 4.865   -8.270  3.519   1.00 13.61 ? 84  VAL A O   1 
ATOM   584  C CB  . VAL A 1 84  ? 5.862   -6.316  1.385   1.00 14.53 ? 84  VAL A CB  1 
ATOM   585  C CG1 . VAL A 1 84  ? 4.507   -6.030  0.693   1.00 14.93 ? 84  VAL A CG1 1 
ATOM   586  C CG2 . VAL A 1 84  ? 6.955   -5.422  0.818   1.00 15.68 ? 84  VAL A CG2 1 
ATOM   587  N N   . TYR A 1 85  ? 3.508   -6.499  3.802   1.00 12.43 ? 85  TYR A N   1 
ATOM   588  C CA  . TYR A 1 85  ? 2.405   -7.282  4.345   1.00 12.58 ? 85  TYR A CA  1 
ATOM   589  C C   . TYR A 1 85  ? 1.311   -7.360  3.309   1.00 12.73 ? 85  TYR A C   1 
ATOM   590  O O   . TYR A 1 85  ? 0.844   -6.316  2.812   1.00 12.88 ? 85  TYR A O   1 
ATOM   591  C CB  . TYR A 1 85  ? 1.884   -6.624  5.633   1.00 12.17 ? 85  TYR A CB  1 
ATOM   592  C CG  . TYR A 1 85  ? 2.924   -6.829  6.700   1.00 12.03 ? 85  TYR A CG  1 
ATOM   593  C CD1 . TYR A 1 85  ? 4.050   -6.035  6.734   1.00 13.13 ? 85  TYR A CD1 1 
ATOM   594  C CD2 . TYR A 1 85  ? 2.819   -7.877  7.601   1.00 12.81 ? 85  TYR A CD2 1 
ATOM   595  C CE1 . TYR A 1 85  ? 5.063   -6.257  7.661   1.00 14.23 ? 85  TYR A CE1 1 
ATOM   596  C CE2 . TYR A 1 85  ? 3.808   -8.116  8.519   1.00 13.07 ? 85  TYR A CE2 1 
ATOM   597  C CZ  . TYR A 1 85  ? 4.930   -7.310  8.547   1.00 14.36 ? 85  TYR A CZ  1 
ATOM   598  O OH  . TYR A 1 85  ? 5.898   -7.577  9.475   1.00 14.86 ? 85  TYR A OH  1 
ATOM   599  N N   . GLU A 1 86  ? 0.937   -8.586  2.950   1.00 12.77 ? 86  GLU A N   1 
ATOM   600  C CA  . GLU A 1 86  ? -0.107  -8.800  1.954   1.00 12.83 ? 86  GLU A CA  1 
ATOM   601  C C   . GLU A 1 86  ? -1.427  -8.254  2.475   1.00 13.46 ? 86  GLU A C   1 
ATOM   602  O O   . GLU A 1 86  ? -1.881  -8.669  3.539   1.00 13.60 ? 86  GLU A O   1 
ATOM   603  C CB  . GLU A 1 86  ? -0.275  -10.297 1.688   1.00 13.15 ? 86  GLU A CB  1 
ATOM   604  C CG  . GLU A 1 86  ? -1.352  -10.576 0.646   1.00 16.97 ? 86  GLU A CG  1 
ATOM   605  C CD  . GLU A 1 86  ? -1.555  -12.056 0.395   1.00 23.46 ? 86  GLU A CD  1 
ATOM   606  O OE1 . GLU A 1 86  ? -1.406  -12.882 1.344   1.00 24.92 ? 86  GLU A OE1 1 
ATOM   607  O OE2 . GLU A 1 86  ? -1.893  -12.388 -0.765  1.00 28.97 ? 86  GLU A OE2 1 
ATOM   608  N N   . GLY A 1 87  ? -2.041  -7.331  1.725   1.00 12.79 ? 87  GLY A N   1 
ATOM   609  C CA  . GLY A 1 87  ? -3.385  -6.849  2.056   1.00 12.45 ? 87  GLY A CA  1 
ATOM   610  C C   . GLY A 1 87  ? -4.369  -7.527  1.110   1.00 12.61 ? 87  GLY A C   1 
ATOM   611  O O   . GLY A 1 87  ? -4.451  -8.755  1.059   1.00 13.25 ? 87  GLY A O   1 
ATOM   612  N N   . ARG A 1 88  ? -5.090  -6.746  0.300   1.00 13.32 ? 88  ARG A N   1 
ATOM   613  C CA  . ARG A 1 88  ? -5.943  -7.373  -0.707  1.00 14.07 ? 88  ARG A CA  1 
ATOM   614  C C   . ARG A 1 88  ? -5.157  -8.076  -1.810  1.00 14.97 ? 88  ARG A C   1 
ATOM   615  O O   . ARG A 1 88  ? -5.725  -8.888  -2.540  1.00 15.59 ? 88  ARG A O   1 
ATOM   616  C CB  . ARG A 1 88  ? -6.937  -6.360  -1.301  1.00 13.56 ? 88  ARG A CB  1 
ATOM   617  C CG  . ARG A 1 88  ? -7.752  -5.661  -0.230  1.00 15.47 ? 88  ARG A CG  1 
ATOM   618  C CD  . ARG A 1 88  ? -9.150  -5.240  -0.669  1.00 13.38 ? 88  ARG A CD  1 
ATOM   619  N NE  . ARG A 1 88  ? -9.798  -4.480  0.402   1.00 15.39 ? 88  ARG A NE  1 
ATOM   620  C CZ  . ARG A 1 88  ? -10.955 -3.822  0.304   1.00 16.72 ? 88  ARG A CZ  1 
ATOM   621  N NH1 . ARG A 1 88  ? -11.610 -3.760  -0.855  1.00 17.16 ? 88  ARG A NH1 1 
ATOM   622  N NH2 . ARG A 1 88  ? -11.457 -3.224  1.375   1.00 17.28 ? 88  ARG A NH2 1 
ATOM   623  N N   . GLY A 1 89  ? -3.871  -7.757  -1.943  1.00 14.71 ? 89  GLY A N   1 
ATOM   624  C CA  . GLY A 1 89  ? -2.994  -8.400  -2.904  1.00 16.12 ? 89  GLY A CA  1 
ATOM   625  C C   . GLY A 1 89  ? -3.150  -7.840  -4.313  1.00 17.00 ? 89  GLY A C   1 
ATOM   626  O O   . GLY A 1 89  ? -3.792  -6.799  -4.514  1.00 15.96 ? 89  GLY A O   1 
ATOM   627  N N   . TRP A 1 90  ? -2.551  -8.523  -5.289  1.00 16.52 ? 90  TRP A N   1 
ATOM   628  C CA  . TRP A 1 90  ? -2.502  -8.008  -6.644  1.00 17.80 ? 90  TRP A CA  1 
ATOM   629  C C   . TRP A 1 90  ? -3.847  -8.146  -7.368  1.00 18.04 ? 90  TRP A C   1 
ATOM   630  O O   . TRP A 1 90  ? -4.112  -7.428  -8.349  1.00 18.12 ? 90  TRP A O   1 
ATOM   631  C CB  . TRP A 1 90  ? -1.451  -8.760  -7.458  1.00 18.13 ? 90  TRP A CB  1 
ATOM   632  C CG  . TRP A 1 90  ? -0.028  -8.544  -7.036  1.00 17.96 ? 90  TRP A CG  1 
ATOM   633  C CD1 . TRP A 1 90  ? 0.799   -9.473  -6.484  1.00 18.65 ? 90  TRP A CD1 1 
ATOM   634  C CD2 . TRP A 1 90  ? 0.749   -7.333  -7.150  1.00 19.09 ? 90  TRP A CD2 1 
ATOM   635  N NE1 . TRP A 1 90  ? 2.036   -8.921  -6.250  1.00 17.13 ? 90  TRP A NE1 1 
ATOM   636  C CE2 . TRP A 1 90  ? 2.033   -7.612  -6.634  1.00 17.31 ? 90  TRP A CE2 1 
ATOM   637  C CE3 . TRP A 1 90  ? 0.484   -6.037  -7.614  1.00 17.79 ? 90  TRP A CE3 1 
ATOM   638  C CZ2 . TRP A 1 90  ? 3.053   -6.655  -6.585  1.00 18.39 ? 90  TRP A CZ2 1 
ATOM   639  C CZ3 . TRP A 1 90  ? 1.504   -5.082  -7.571  1.00 18.54 ? 90  TRP A CZ3 1 
ATOM   640  C CH2 . TRP A 1 90  ? 2.772   -5.400  -7.054  1.00 19.19 ? 90  TRP A CH2 1 
ATOM   641  N N   . ASN A 1 91  ? -4.683  -9.069  -6.910  1.00 18.46 ? 91  ASN A N   1 
ATOM   642  C CA  . ASN A 1 91  ? -5.867  -9.453  -7.682  1.00 19.33 ? 91  ASN A CA  1 
ATOM   643  C C   . ASN A 1 91  ? -7.211  -8.880  -7.274  1.00 19.20 ? 91  ASN A C   1 
ATOM   644  O O   . ASN A 1 91  ? -8.180  -8.999  -8.025  1.00 20.10 ? 91  ASN A O   1 
ATOM   645  C CB  . ASN A 1 91  ? -5.999  -10.979 -7.719  1.00 19.86 ? 91  ASN A CB  1 
ATOM   646  C CG  . ASN A 1 91  ? -4.911  -11.618 -8.528  1.00 22.69 ? 91  ASN A CG  1 
ATOM   647  O OD1 . ASN A 1 91  ? -4.816  -11.403 -9.743  1.00 27.81 ? 91  ASN A OD1 1 
ATOM   648  N ND2 . ASN A 1 91  ? -4.046  -12.376 -7.860  1.00 28.76 ? 91  ASN A ND2 1 
ATOM   649  N N   . PHE A 1 92  ? -7.290  -8.279  -6.093  1.00 18.03 ? 92  PHE A N   1 
ATOM   650  C CA  . PHE A 1 92  ? -8.568  -7.832  -5.566  1.00 17.90 ? 92  PHE A CA  1 
ATOM   651  C C   . PHE A 1 92  ? -8.603  -6.335  -5.450  1.00 17.36 ? 92  PHE A C   1 
ATOM   652  O O   . PHE A 1 92  ? -7.641  -5.720  -5.004  1.00 17.69 ? 92  PHE A O   1 
ATOM   653  C CB  . PHE A 1 92  ? -8.866  -8.482  -4.209  1.00 18.12 ? 92  PHE A CB  1 
ATOM   654  C CG  . PHE A 1 92  ? -9.379  -9.888  -4.337  1.00 19.85 ? 92  PHE A CG  1 
ATOM   655  C CD1 . PHE A 1 92  ? -10.738 -10.161 -4.215  1.00 23.05 ? 92  PHE A CD1 1 
ATOM   656  C CD2 . PHE A 1 92  ? -8.506  -10.923 -4.636  1.00 22.41 ? 92  PHE A CD2 1 
ATOM   657  C CE1 . PHE A 1 92  ? -11.216 -11.465 -4.351  1.00 24.74 ? 92  PHE A CE1 1 
ATOM   658  C CE2 . PHE A 1 92  ? -8.972  -12.219 -4.784  1.00 24.84 ? 92  PHE A CE2 1 
ATOM   659  C CZ  . PHE A 1 92  ? -10.326 -12.489 -4.634  1.00 24.73 ? 92  PHE A CZ  1 
ATOM   660  N N   . THR A 1 93  ? -9.714  -5.747  -5.874  1.00 17.12 ? 93  THR A N   1 
ATOM   661  C CA  . THR A 1 93  ? -9.863  -4.306  -5.838  1.00 16.13 ? 93  THR A CA  1 
ATOM   662  C C   . THR A 1 93  ? -9.753  -3.807  -4.412  1.00 15.86 ? 93  THR A C   1 
ATOM   663  O O   . THR A 1 93  ? -10.415 -4.334  -3.530  1.00 15.72 ? 93  THR A O   1 
ATOM   664  C CB  . THR A 1 93  ? -11.207 -3.958  -6.406  1.00 16.76 ? 93  THR A CB  1 
ATOM   665  O OG1 . THR A 1 93  ? -11.249 -4.469  -7.745  1.00 17.87 ? 93  THR A OG1 1 
ATOM   666  C CG2 . THR A 1 93  ? -11.345 -2.454  -6.590  1.00 16.88 ? 93  THR A CG2 1 
ATOM   667  N N   . GLY A 1 94  ? -8.900  -2.799  -4.220  1.00 15.64 ? 94  GLY A N   1 
ATOM   668  C CA  . GLY A 1 94  ? -8.678  -2.196  -2.919  1.00 16.71 ? 94  GLY A CA  1 
ATOM   669  C C   . GLY A 1 94  ? -9.727  -1.164  -2.534  1.00 16.87 ? 94  GLY A C   1 
ATOM   670  O O   . GLY A 1 94  ? -10.688 -0.907  -3.269  1.00 17.49 ? 94  GLY A O   1 
ATOM   671  N N   . ALA A 1 95  ? -9.543  -0.586  -1.357  1.00 16.51 ? 95  ALA A N   1 
ATOM   672  C CA  . ALA A 1 95  ? -10.355 0.528   -0.876  1.00 16.88 ? 95  ALA A CA  1 
ATOM   673  C C   . ALA A 1 95  ? -9.353  1.484   -0.238  1.00 17.57 ? 95  ALA A C   1 
ATOM   674  O O   . ALA A 1 95  ? -9.093  1.438   0.975   1.00 18.89 ? 95  ALA A O   1 
ATOM   675  C CB  . ALA A 1 95  ? -11.377 0.050   0.124   1.00 16.62 ? 95  ALA A CB  1 
ATOM   676  N N   . HIS A 1 96  ? -8.749  2.320   -1.066  1.00 17.58 ? 96  HIS A N   1 
ATOM   677  C CA  . HIS A 1 96  ? -7.659  3.157   -0.594  1.00 17.96 ? 96  HIS A CA  1 
ATOM   678  C C   . HIS A 1 96  ? -7.650  4.553   -1.207  1.00 18.95 ? 96  HIS A C   1 
ATOM   679  O O   . HIS A 1 96  ? -7.107  5.481   -0.608  1.00 17.85 ? 96  HIS A O   1 
ATOM   680  C CB  . HIS A 1 96  ? -6.303  2.476   -0.883  1.00 17.00 ? 96  HIS A CB  1 
ATOM   681  C CG  . HIS A 1 96  ? -6.226  1.824   -2.235  1.00 16.33 ? 96  HIS A CG  1 
ATOM   682  N ND1 . HIS A 1 96  ? -6.000  2.532   -3.392  1.00 14.98 ? 96  HIS A ND1 1 
ATOM   683  C CD2 . HIS A 1 96  ? -6.354  0.526   -2.611  1.00 15.13 ? 96  HIS A CD2 1 
ATOM   684  C CE1 . HIS A 1 96  ? -6.002  1.706   -4.425  1.00 15.89 ? 96  HIS A CE1 1 
ATOM   685  N NE2 . HIS A 1 96  ? -6.199  0.479   -3.976  1.00 14.06 ? 96  HIS A NE2 1 
ATOM   686  N N   . SER A 1 97  ? -8.212  4.710   -2.400  1.00 19.27 ? 97  SER A N   1 
ATOM   687  C CA  . SER A 1 97  ? -7.931  5.919   -3.179  1.00 19.89 ? 97  SER A CA  1 
ATOM   688  C C   . SER A 1 97  ? -9.165  6.542   -3.837  1.00 20.97 ? 97  SER A C   1 
ATOM   689  O O   . SER A 1 97  ? -9.046  7.367   -4.753  1.00 21.31 ? 97  SER A O   1 
ATOM   690  C CB  . SER A 1 97  ? -6.878  5.645   -4.249  1.00 20.52 ? 97  SER A CB  1 
ATOM   691  O OG  . SER A 1 97  ? -5.618  5.257   -3.698  1.00 19.62 ? 97  SER A OG  1 
ATOM   692  N N   . GLY A 1 98  ? -10.330 6.151   -3.368  1.00 21.77 ? 98  GLY A N   1 
ATOM   693  C CA  . GLY A 1 98  ? -11.578 6.640   -3.935  1.00 23.50 ? 98  GLY A CA  1 
ATOM   694  C C   . GLY A 1 98  ? -12.133 5.692   -4.986  1.00 24.33 ? 98  GLY A C   1 
ATOM   695  O O   . GLY A 1 98  ? -11.373 4.990   -5.649  1.00 23.95 ? 98  GLY A O   1 
ATOM   696  N N   . HIS A 1 99  ? -13.458 5.703   -5.149  1.00 24.93 ? 99  HIS A N   1 
ATOM   697  C CA  . HIS A 1 99  ? -14.183 4.736   -5.984  1.00 25.90 ? 99  HIS A CA  1 
ATOM   698  C C   . HIS A 1 99  ? -13.694 4.641   -7.421  1.00 25.19 ? 99  HIS A C   1 
ATOM   699  O O   . HIS A 1 99  ? -13.790 3.580   -8.043  1.00 25.84 ? 99  HIS A O   1 
ATOM   700  C CB  . HIS A 1 99  ? -15.694 5.038   -5.972  1.00 26.79 ? 99  HIS A CB  1 
ATOM   701  C CG  . HIS A 1 99  ? -16.356 4.801   -4.651  0.50 28.03 ? 99  HIS A CG  1 
ATOM   702  N ND1 . HIS A 1 99  ? -17.472 4.003   -4.515  0.50 30.74 ? 99  HIS A ND1 1 
ATOM   703  C CD2 . HIS A 1 99  ? -16.072 5.267   -3.410  0.50 29.45 ? 99  HIS A CD2 1 
ATOM   704  C CE1 . HIS A 1 99  ? -17.841 3.978   -3.245  0.50 30.70 ? 99  HIS A CE1 1 
ATOM   705  N NE2 . HIS A 1 99  ? -17.009 4.738   -2.555  0.50 30.78 ? 99  HIS A NE2 1 
ATOM   706  N N   . LEU A 1 100 ? -13.178 5.732   -7.971  1.00 24.09 ? 100 LEU A N   1 
ATOM   707  C CA  . LEU A 1 100 ? -12.710 5.710   -9.347  1.00 23.52 ? 100 LEU A CA  1 
ATOM   708  C C   . LEU A 1 100 ? -11.276 5.204   -9.495  1.00 22.76 ? 100 LEU A C   1 
ATOM   709  O O   . LEU A 1 100 ? -10.886 4.679   -10.553 1.00 23.54 ? 100 LEU A O   1 
ATOM   710  C CB  . LEU A 1 100 ? -12.840 7.101   -9.957  1.00 23.95 ? 100 LEU A CB  1 
ATOM   711  C CG  . LEU A 1 100 ? -14.308 7.447   -10.193 1.00 24.06 ? 100 LEU A CG  1 
ATOM   712  C CD1 . LEU A 1 100 ? -14.470 8.947   -10.361 1.00 24.29 ? 100 LEU A CD1 1 
ATOM   713  C CD2 . LEU A 1 100 ? -14.818 6.691   -11.405 1.00 24.01 ? 100 LEU A CD2 1 
ATOM   714  N N   . TRP A 1 101 ? -10.481 5.379   -8.443  1.00 20.20 ? 101 TRP A N   1 
ATOM   715  C CA  . TRP A 1 101 ? -9.082  4.980   -8.497  1.00 18.48 ? 101 TRP A CA  1 
ATOM   716  C C   . TRP A 1 101 ? -8.876  3.533   -8.077  1.00 17.39 ? 101 TRP A C   1 
ATOM   717  O O   . TRP A 1 101 ? -8.000  2.860   -8.609  1.00 17.24 ? 101 TRP A O   1 
ATOM   718  C CB  . TRP A 1 101 ? -8.246  5.938   -7.640  1.00 18.17 ? 101 TRP A CB  1 
ATOM   719  C CG  . TRP A 1 101 ? -8.073  7.208   -8.378  1.00 17.34 ? 101 TRP A CG  1 
ATOM   720  C CD1 . TRP A 1 101 ? -8.879  8.310   -8.319  1.00 17.55 ? 101 TRP A CD1 1 
ATOM   721  C CD2 . TRP A 1 101 ? -7.095  7.473   -9.368  1.00 17.62 ? 101 TRP A CD2 1 
ATOM   722  N NE1 . TRP A 1 101 ? -8.424  9.267   -9.191  1.00 17.60 ? 101 TRP A NE1 1 
ATOM   723  C CE2 . TRP A 1 101 ? -7.342  8.770   -9.866  1.00 17.54 ? 101 TRP A CE2 1 
ATOM   724  C CE3 . TRP A 1 101 ? -6.023  6.748   -9.894  1.00 18.28 ? 101 TRP A CE3 1 
ATOM   725  C CZ2 . TRP A 1 101 ? -6.546  9.354   -10.830 1.00 17.17 ? 101 TRP A CZ2 1 
ATOM   726  C CZ3 . TRP A 1 101 ? -5.228  7.333   -10.853 1.00 19.97 ? 101 TRP A CZ3 1 
ATOM   727  C CH2 . TRP A 1 101 ? -5.497  8.627   -11.315 1.00 19.58 ? 101 TRP A CH2 1 
ATOM   728  N N   . ASN A 1 102 ? -9.674  3.077   -7.129  1.00 18.00 ? 102 ASN A N   1 
ATOM   729  C CA  . ASN A 1 102 ? -9.575  1.703   -6.634  1.00 18.34 ? 102 ASN A CA  1 
ATOM   730  C C   . ASN A 1 102 ? -9.449  0.645   -7.739  1.00 18.99 ? 102 ASN A C   1 
ATOM   731  O O   . ASN A 1 102 ? -8.535  -0.173  -7.723  1.00 18.62 ? 102 ASN A O   1 
ATOM   732  C CB  . ASN A 1 102 ? -10.690 1.384   -5.640  1.00 18.71 ? 102 ASN A CB  1 
ATOM   733  C CG  . ASN A 1 102 ? -10.527 2.139   -4.304  1.00 19.21 ? 102 ASN A CG  1 
ATOM   734  O OD1 . ASN A 1 102 ? -9.405  2.461   -3.886  1.00 19.75 ? 102 ASN A OD1 1 
ATOM   735  N ND2 . ASN A 1 102 ? -11.634 2.378   -3.621  1.00 17.19 ? 102 ASN A ND2 1 
ATOM   736  N N   . PRO A 1 103 ? -10.363 0.655   -8.703  1.00 20.04 ? 103 PRO A N   1 
ATOM   737  C CA  . PRO A 1 103 ? -10.331 -0.352  -9.765  1.00 20.69 ? 103 PRO A CA  1 
ATOM   738  C C   . PRO A 1 103 ? -9.211  -0.159  -10.771 1.00 20.51 ? 103 PRO A C   1 
ATOM   739  O O   . PRO A 1 103 ? -9.021  -1.039  -11.610 1.00 22.23 ? 103 PRO A O   1 
ATOM   740  C CB  . PRO A 1 103 ? -11.712 -0.232  -10.440 1.00 21.26 ? 103 PRO A CB  1 
ATOM   741  C CG  . PRO A 1 103 ? -12.308 1.028   -9.981  1.00 22.38 ? 103 PRO A CG  1 
ATOM   742  C CD  . PRO A 1 103 ? -11.527 1.553   -8.788  1.00 20.36 ? 103 PRO A CD  1 
ATOM   743  N N   . MET A 1 104 ? -8.477  0.946   -10.742 1.00 20.34 ? 104 MET A N   1 
ATOM   744  C CA  . MET A 1 104 ? -7.433  1.075   -11.747 1.00 19.65 ? 104 MET A CA  1 
ATOM   745  C C   . MET A 1 104 ? -6.044  1.251   -11.168 1.00 18.73 ? 104 MET A C   1 
ATOM   746  O O   . MET A 1 104 ? -5.119  1.611   -11.880 1.00 18.59 ? 104 MET A O   1 
ATOM   747  C CB  . MET A 1 104 ? -7.731  2.174   -12.761 1.00 21.69 ? 104 MET A CB  1 
ATOM   748  C CG  . MET A 1 104 ? -8.372  3.389   -12.197 1.00 21.28 ? 104 MET A CG  1 
ATOM   749  S SD  . MET A 1 104 ? -8.512  4.611   -13.572 1.00 27.11 ? 104 MET A SD  1 
ATOM   750  C CE  . MET A 1 104 ? -8.386  6.116   -12.618 1.00 23.29 ? 104 MET A CE  1 
ATOM   751  N N   . SER A 1 105 ? -5.898  0.937   -9.889  1.00 17.90 ? 105 SER A N   1 
ATOM   752  C CA  . SER A 1 105 ? -4.598  1.118   -9.240  1.00 16.36 ? 105 SER A CA  1 
ATOM   753  C C   . SER A 1 105 ? -4.285  0.014   -8.241  1.00 16.48 ? 105 SER A C   1 
ATOM   754  O O   . SER A 1 105 ? -5.182  -0.695  -7.778  1.00 16.27 ? 105 SER A O   1 
ATOM   755  C CB  . SER A 1 105 ? -4.551  2.473   -8.521  1.00 15.89 ? 105 SER A CB  1 
ATOM   756  O OG  . SER A 1 105 ? -5.497  2.516   -7.474  1.00 16.38 ? 105 SER A OG  1 
ATOM   757  N N   . ILE A 1 106 ? -2.992  -0.135  -7.937  1.00 15.29 ? 106 ILE A N   1 
ATOM   758  C CA  . ILE A 1 106 ? -2.582  -0.868  -6.736  1.00 15.14 ? 106 ILE A CA  1 
ATOM   759  C C   . ILE A 1 106 ? -2.276  0.189   -5.669  1.00 13.65 ? 106 ILE A C   1 
ATOM   760  O O   . ILE A 1 106 ? -1.502  1.108   -5.919  1.00 14.78 ? 106 ILE A O   1 
ATOM   761  C CB  . ILE A 1 106 ? -1.327  -1.714  -7.013  1.00 15.47 ? 106 ILE A CB  1 
ATOM   762  C CG1 . ILE A 1 106 ? -1.654  -2.883  -7.963  1.00 15.93 ? 106 ILE A CG1 1 
ATOM   763  C CG2 . ILE A 1 106 ? -0.741  -2.262  -5.714  1.00 16.59 ? 106 ILE A CG2 1 
ATOM   764  C CD1 . ILE A 1 106 ? -2.631  -3.897  -7.376  1.00 18.29 ? 106 ILE A CD1 1 
ATOM   765  N N   . GLY A 1 107 ? -2.881  0.035   -4.498  1.00 13.98 ? 107 GLY A N   1 
ATOM   766  C CA  . GLY A 1 107 ? -2.652  0.952   -3.400  1.00 13.15 ? 107 GLY A CA  1 
ATOM   767  C C   . GLY A 1 107 ? -1.706  0.308   -2.418  1.00 13.36 ? 107 GLY A C   1 
ATOM   768  O O   . GLY A 1 107 ? -2.021  -0.733  -1.842  1.00 12.31 ? 107 GLY A O   1 
ATOM   769  N N   . ILE A 1 108 ? -0.551  0.946   -2.234  1.00 12.69 ? 108 ILE A N   1 
ATOM   770  C CA  . ILE A 1 108 ? 0.411   0.528   -1.215  1.00 13.08 ? 108 ILE A CA  1 
ATOM   771  C C   . ILE A 1 108 ? 0.502   1.595   -0.151  1.00 12.87 ? 108 ILE A C   1 
ATOM   772  O O   . ILE A 1 108 ? 0.522   2.779   -0.461  1.00 12.01 ? 108 ILE A O   1 
ATOM   773  C CB  . ILE A 1 108 ? 1.788   0.183   -1.815  1.00 13.50 ? 108 ILE A CB  1 
ATOM   774  C CG1 . ILE A 1 108 ? 2.548   1.404   -2.322  1.00 16.03 ? 108 ILE A CG1 1 
ATOM   775  C CG2 . ILE A 1 108 ? 1.628   -0.848  -2.931  1.00 14.24 ? 108 ILE A CG2 1 
ATOM   776  C CD1 . ILE A 1 108 ? 4.061   1.090   -2.512  1.00 18.83 ? 108 ILE A CD1 1 
ATOM   777  N N   . SER A 1 109 ? 0.526   1.173   1.105   1.00 11.87 ? 109 SER A N   1 
ATOM   778  C CA  . SER A 1 109 ? 0.523   2.148   2.195   1.00 12.55 ? 109 SER A CA  1 
ATOM   779  C C   . SER A 1 109 ? 1.641   1.871   3.145   1.00 12.21 ? 109 SER A C   1 
ATOM   780  O O   . SER A 1 109 ? 1.798   0.739   3.599   1.00 12.47 ? 109 SER A O   1 
ATOM   781  C CB  . SER A 1 109 ? -0.800  2.090   2.962   1.00 12.29 ? 109 SER A CB  1 
ATOM   782  O OG  . SER A 1 109 ? -0.961  3.254   3.769   1.00 13.08 ? 109 SER A OG  1 
ATOM   783  N N   . PHE A 1 110 ? 2.396   2.911   3.455   1.00 12.17 ? 110 PHE A N   1 
ATOM   784  C CA  . PHE A 1 110 ? 3.378   2.853   4.538   1.00 13.42 ? 110 PHE A CA  1 
ATOM   785  C C   . PHE A 1 110 ? 2.688   3.019   5.877   1.00 13.64 ? 110 PHE A C   1 
ATOM   786  O O   . PHE A 1 110 ? 1.975   3.998   6.094   1.00 14.14 ? 110 PHE A O   1 
ATOM   787  C CB  . PHE A 1 110 ? 4.418   3.959   4.342   1.00 13.18 ? 110 PHE A CB  1 
ATOM   788  C CG  . PHE A 1 110 ? 5.344   3.716   3.180   1.00 12.95 ? 110 PHE A CG  1 
ATOM   789  C CD1 . PHE A 1 110 ? 4.949   4.020   1.882   1.00 14.44 ? 110 PHE A CD1 1 
ATOM   790  C CD2 . PHE A 1 110 ? 6.618   3.198   3.383   1.00 14.68 ? 110 PHE A CD2 1 
ATOM   791  C CE1 . PHE A 1 110 ? 5.806   3.825   0.805   1.00 14.07 ? 110 PHE A CE1 1 
ATOM   792  C CE2 . PHE A 1 110 ? 7.465   2.974   2.303   1.00 14.92 ? 110 PHE A CE2 1 
ATOM   793  C CZ  . PHE A 1 110 ? 7.068   3.288   1.026   1.00 15.31 ? 110 PHE A CZ  1 
ATOM   794  N N   . MET A 1 111 ? 2.887   2.063   6.780   1.00 14.35 ? 111 MET A N   1 
ATOM   795  C CA  . MET A 1 111 ? 2.276   2.139   8.108   1.00 14.45 ? 111 MET A CA  1 
ATOM   796  C C   . MET A 1 111 ? 2.995   3.190   8.956   1.00 15.65 ? 111 MET A C   1 
ATOM   797  O O   . MET A 1 111 ? 4.179   3.025   9.283   1.00 16.42 ? 111 MET A O   1 
ATOM   798  C CB  . MET A 1 111 ? 2.303   0.756   8.777   1.00 14.72 ? 111 MET A CB  1 
ATOM   799  C CG  . MET A 1 111 ? 1.383   -0.266  8.063   1.00 15.76 ? 111 MET A CG  1 
ATOM   800  S SD  . MET A 1 111 ? 1.279   -1.856  8.922   1.00 15.54 ? 111 MET A SD  1 
ATOM   801  C CE  . MET A 1 111 ? 2.858   -2.635  8.491   1.00 13.16 ? 111 MET A CE  1 
ATOM   802  N N   . GLY A 1 112 ? 2.287   4.261   9.302   1.00 15.09 ? 112 GLY A N   1 
ATOM   803  C CA  . GLY A 1 112 ? 2.889   5.393   10.010  1.00 15.95 ? 112 GLY A CA  1 
ATOM   804  C C   . GLY A 1 112 ? 2.448   6.734   9.451   1.00 15.95 ? 112 GLY A C   1 
ATOM   805  O O   . GLY A 1 112 ? 1.558   6.801   8.596   1.00 15.59 ? 112 GLY A O   1 
ATOM   806  N N   . ASN A 1 113 ? 3.040   7.807   9.973   1.00 16.06 ? 113 ASN A N   1 
ATOM   807  C CA  . ASN A 1 113 ? 2.758   9.173   9.501   1.00 16.59 ? 113 ASN A CA  1 
ATOM   808  C C   . ASN A 1 113 ? 4.082   9.813   9.054   1.00 16.45 ? 113 ASN A C   1 
ATOM   809  O O   . ASN A 1 113 ? 5.009   9.968   9.854   1.00 16.49 ? 113 ASN A O   1 
ATOM   810  C CB  . ASN A 1 113 ? 2.039   10.037  10.576  1.00 17.87 ? 113 ASN A CB  1 
ATOM   811  C CG  . ASN A 1 113 ? 1.637   11.431  10.032  1.00 20.47 ? 113 ASN A CG  1 
ATOM   812  O OD1 . ASN A 1 113 ? 0.462   11.919  10.146  1.00 24.40 ? 113 ASN A OD1 1 
ATOM   813  N ND2 . ASN A 1 113 ? 2.586   12.068  9.415   1.00 16.15 ? 113 ASN A ND2 1 
ATOM   814  N N   . TYR A 1 114 ? 4.166   10.160  7.769   1.00 15.40 ? 114 TYR A N   1 
ATOM   815  C CA  . TYR A 1 114 ? 5.406   10.619  7.159   1.00 15.57 ? 114 TYR A CA  1 
ATOM   816  C C   . TYR A 1 114 ? 5.333   12.085  6.756   1.00 15.40 ? 114 TYR A C   1 
ATOM   817  O O   . TYR A 1 114 ? 5.938   12.499  5.762   1.00 15.50 ? 114 TYR A O   1 
ATOM   818  C CB  . TYR A 1 114 ? 5.818   9.659   6.013   1.00 15.09 ? 114 TYR A CB  1 
ATOM   819  C CG  . TYR A 1 114 ? 5.957   8.268   6.580   1.00 15.52 ? 114 TYR A CG  1 
ATOM   820  C CD1 . TYR A 1 114 ? 4.930   7.326   6.485   1.00 14.54 ? 114 TYR A CD1 1 
ATOM   821  C CD2 . TYR A 1 114 ? 7.093   7.923   7.308   1.00 16.06 ? 114 TYR A CD2 1 
ATOM   822  C CE1 . TYR A 1 114 ? 5.055   6.084   7.071   1.00 16.38 ? 114 TYR A CE1 1 
ATOM   823  C CE2 . TYR A 1 114 ? 7.224   6.683   7.894   1.00 15.91 ? 114 TYR A CE2 1 
ATOM   824  C CZ  . TYR A 1 114 ? 6.213   5.766   7.765   1.00 15.90 ? 114 TYR A CZ  1 
ATOM   825  O OH  . TYR A 1 114 ? 6.345   4.538   8.351   1.00 18.89 ? 114 TYR A OH  1 
ATOM   826  N N   . MET A 1 115 ? 4.610   12.882  7.558   1.00 16.09 ? 115 MET A N   1 
ATOM   827  C CA  . MET A 1 115 ? 4.548   14.327  7.307   1.00 16.92 ? 115 MET A CA  1 
ATOM   828  C C   . MET A 1 115 ? 5.919   14.937  7.550   1.00 17.32 ? 115 MET A C   1 
ATOM   829  O O   . MET A 1 115 ? 6.345   15.824  6.824   1.00 17.82 ? 115 MET A O   1 
ATOM   830  C CB  . MET A 1 115 ? 3.558   15.035  8.240   1.00 15.89 ? 115 MET A CB  1 
ATOM   831  C CG  . MET A 1 115 ? 2.121   14.984  7.781   1.00 18.33 ? 115 MET A CG  1 
ATOM   832  S SD  . MET A 1 115 ? 1.864   15.855  6.218   1.00 20.12 ? 115 MET A SD  1 
ATOM   833  C CE  . MET A 1 115 ? 2.165   17.509  6.598   1.00 22.62 ? 115 MET A CE  1 
ATOM   834  N N   . ASP A 1 116 ? 6.583   14.461  8.594   1.00 18.27 ? 116 ASP A N   1 
ATOM   835  C CA  . ASP A 1 116 ? 7.770   15.138  9.118   1.00 19.52 ? 116 ASP A CA  1 
ATOM   836  C C   . ASP A 1 116 ? 9.048   14.309  9.052   1.00 20.47 ? 116 ASP A C   1 
ATOM   837  O O   . ASP A 1 116 ? 10.113  14.750  9.518   1.00 21.40 ? 116 ASP A O   1 
ATOM   838  C CB  . ASP A 1 116 ? 7.541   15.586  10.558  1.00 20.31 ? 116 ASP A CB  1 
ATOM   839  C CG  . ASP A 1 116 ? 6.475   16.639  10.681  1.00 21.63 ? 116 ASP A CG  1 
ATOM   840  O OD1 . ASP A 1 116 ? 6.367   17.507  9.786   1.00 20.62 ? 116 ASP A OD1 1 
ATOM   841  O OD2 . ASP A 1 116 ? 5.711   16.689  11.672  1.00 26.30 ? 116 ASP A OD2 1 
ATOM   842  N N   . ARG A 1 117 ? 8.961   13.107  8.499   1.00 19.67 ? 117 ARG A N   1 
ATOM   843  C CA  . ARG A 1 117 ? 10.144  12.262  8.366   1.00 20.08 ? 117 ARG A CA  1 
ATOM   844  C C   . ARG A 1 117 ? 9.882   11.257  7.265   1.00 19.81 ? 117 ARG A C   1 
ATOM   845  O O   . ARG A 1 117 ? 8.732   11.028  6.906   1.00 19.35 ? 117 ARG A O   1 
ATOM   846  C CB  . ARG A 1 117 ? 10.463  11.547  9.676   1.00 19.98 ? 117 ARG A CB  1 
ATOM   847  C CG  . ARG A 1 117 ? 9.456   10.490  10.113  1.00 22.66 ? 117 ARG A CG  1 
ATOM   848  C CD  . ARG A 1 117 ? 9.910   9.671   11.322  1.00 25.49 ? 117 ARG A CD  1 
ATOM   849  N NE  . ARG A 1 117 ? 8.983   8.585   11.631  1.00 26.74 ? 117 ARG A NE  1 
ATOM   850  C CZ  . ARG A 1 117 ? 9.090   7.343   11.148  1.00 25.88 ? 117 ARG A CZ  1 
ATOM   851  N NH1 . ARG A 1 117 ? 10.076  7.023   10.319  1.00 24.45 ? 117 ARG A NH1 1 
ATOM   852  N NH2 . ARG A 1 117 ? 8.193   6.427   11.491  1.00 26.52 ? 117 ARG A NH2 1 
ATOM   853  N N   . VAL A 1 118 ? 10.933  10.663  6.716   1.00 20.04 ? 118 VAL A N   1 
ATOM   854  C CA  . VAL A 1 118 ? 10.707  9.602   5.723   1.00 19.11 ? 118 VAL A CA  1 
ATOM   855  C C   . VAL A 1 118 ? 10.746  8.217   6.385   1.00 18.44 ? 118 VAL A C   1 
ATOM   856  O O   . VAL A 1 118 ? 11.269  8.060   7.473   1.00 18.46 ? 118 VAL A O   1 
ATOM   857  C CB  . VAL A 1 118 ? 11.720  9.683   4.573   1.00 19.34 ? 118 VAL A CB  1 
ATOM   858  C CG1 . VAL A 1 118 ? 11.545  10.988  3.768   1.00 20.57 ? 118 VAL A CG1 1 
ATOM   859  C CG2 . VAL A 1 118 ? 13.141  9.572   5.127   1.00 20.63 ? 118 VAL A CG2 1 
ATOM   860  N N   . PRO A 1 119 ? 10.157  7.210   5.739   1.00 17.58 ? 119 PRO A N   1 
ATOM   861  C CA  . PRO A 1 119 ? 10.302  5.830   6.219   1.00 17.62 ? 119 PRO A CA  1 
ATOM   862  C C   . PRO A 1 119 ? 11.771  5.465   6.116   1.00 17.59 ? 119 PRO A C   1 
ATOM   863  O O   . PRO A 1 119 ? 12.457  6.044   5.279   1.00 17.28 ? 119 PRO A O   1 
ATOM   864  C CB  . PRO A 1 119 ? 9.529   4.996   5.186   1.00 17.12 ? 119 PRO A CB  1 
ATOM   865  C CG  . PRO A 1 119 ? 8.678   5.977   4.412   1.00 16.63 ? 119 PRO A CG  1 
ATOM   866  C CD  . PRO A 1 119 ? 9.362   7.313   4.510   1.00 17.48 ? 119 PRO A CD  1 
ATOM   867  N N   . THR A 1 120 ? 12.196  4.500   6.915   1.00 18.25 ? 120 THR A N   1 
ATOM   868  C CA  . THR A 1 120 ? 13.593  4.043   6.937   1.00 19.87 ? 120 THR A CA  1 
ATOM   869  C C   . THR A 1 120 ? 13.899  3.400   5.600   1.00 18.98 ? 120 THR A C   1 
ATOM   870  O O   . THR A 1 120 ? 12.994  2.958   4.893   1.00 17.64 ? 120 THR A O   1 
ATOM   871  C CB  . THR A 1 120 ? 13.785  3.006   8.046   1.00 20.13 ? 120 THR A CB  1 
ATOM   872  O OG1 . THR A 1 120 ? 12.852  1.939   7.875   1.00 22.08 ? 120 THR A OG1 1 
ATOM   873  C CG2 . THR A 1 120 ? 13.425  3.581   9.422   1.00 24.94 ? 120 THR A CG2 1 
ATOM   874  N N   . PRO A 1 121 ? 15.173  3.352   5.239   1.00 17.92 ? 121 PRO A N   1 
ATOM   875  C CA  . PRO A 1 121 ? 15.568  2.767   3.959   1.00 17.72 ? 121 PRO A CA  1 
ATOM   876  C C   . PRO A 1 121 ? 15.044  1.347   3.746   1.00 16.77 ? 121 PRO A C   1 
ATOM   877  O O   . PRO A 1 121 ? 14.702  1.032   2.599   1.00 16.70 ? 121 PRO A O   1 
ATOM   878  C CB  . PRO A 1 121 ? 17.097  2.768   4.028   1.00 17.71 ? 121 PRO A CB  1 
ATOM   879  C CG  . PRO A 1 121 ? 17.407  3.914   4.942   1.00 19.33 ? 121 PRO A CG  1 
ATOM   880  C CD  . PRO A 1 121 ? 16.330  3.834   6.029   1.00 18.78 ? 121 PRO A CD  1 
ATOM   881  N N   . GLN A 1 122 ? 15.006  0.486   4.766   1.00 16.01 ? 122 GLN A N   1 
ATOM   882  C CA  . GLN A 1 122 ? 14.511  -0.853  4.485   1.00 15.78 ? 122 GLN A CA  1 
ATOM   883  C C   . GLN A 1 122 ? 13.048  -0.815  4.064   1.00 15.09 ? 122 GLN A C   1 
ATOM   884  O O   . GLN A 1 122 ? 12.604  -1.660  3.302   1.00 14.74 ? 122 GLN A O   1 
ATOM   885  C CB  . GLN A 1 122 ? 14.739  -1.839  5.643   1.00 17.35 ? 122 GLN A CB  1 
ATOM   886  C CG  . GLN A 1 122 ? 13.857  -1.615  6.838   1.00 22.00 ? 122 GLN A CG  1 
ATOM   887  C CD  . GLN A 1 122 ? 14.646  -1.322  8.073   1.00 29.39 ? 122 GLN A CD  1 
ATOM   888  O OE1 . GLN A 1 122 ? 14.463  -1.971  9.120   1.00 31.15 ? 122 GLN A OE1 1 
ATOM   889  N NE2 . GLN A 1 122 ? 15.534  -0.333  7.973   1.00 33.56 ? 122 GLN A NE2 1 
ATOM   890  N N   . ALA A 1 123 ? 12.294  0.168   4.545   1.00 13.35 ? 123 ALA A N   1 
ATOM   891  C CA  . ALA A 1 123 ? 10.892  0.281   4.100   1.00 13.62 ? 123 ALA A CA  1 
ATOM   892  C C   . ALA A 1 123 ? 10.802  0.733   2.632   1.00 13.01 ? 123 ALA A C   1 
ATOM   893  O O   . ALA A 1 123 ? 9.993   0.206   1.856   1.00 12.04 ? 123 ALA A O   1 
ATOM   894  C CB  . ALA A 1 123 ? 10.111  1.223   5.024   1.00 13.57 ? 123 ALA A CB  1 
ATOM   895  N N   . ILE A 1 124 ? 11.621  1.718   2.265   1.00 14.19 ? 124 ILE A N   1 
ATOM   896  C CA  . ILE A 1 124 ? 11.651  2.236   0.916   1.00 14.52 ? 124 ILE A CA  1 
ATOM   897  C C   . ILE A 1 124 ? 12.058  1.106   -0.043  1.00 15.37 ? 124 ILE A C   1 
ATOM   898  O O   . ILE A 1 124 ? 11.433  0.898   -1.074  1.00 15.62 ? 124 ILE A O   1 
ATOM   899  C CB  . ILE A 1 124 ? 12.635  3.429   0.833   1.00 15.46 ? 124 ILE A CB  1 
ATOM   900  C CG1 . ILE A 1 124 ? 12.176  4.573   1.733   1.00 15.71 ? 124 ILE A CG1 1 
ATOM   901  C CG2 . ILE A 1 124 ? 12.823  3.891   -0.593  1.00 15.89 ? 124 ILE A CG2 1 
ATOM   902  C CD1 . ILE A 1 124 ? 10.727  5.033   1.478   1.00 18.19 ? 124 ILE A CD1 1 
ATOM   903  N N   . ARG A 1 125 ? 13.090  0.348   0.320   1.00 15.22 ? 125 ARG A N   1 
ATOM   904  C CA  . ARG A 1 125 ? 13.512  -0.784  -0.517  1.00 15.21 ? 125 ARG A CA  1 
ATOM   905  C C   . ARG A 1 125 ? 12.412  -1.814  -0.718  1.00 15.08 ? 125 ARG A C   1 
ATOM   906  O O   . ARG A 1 125 ? 12.242  -2.376  -1.809  1.00 14.87 ? 125 ARG A O   1 
ATOM   907  C CB  . ARG A 1 125 ? 14.696  -1.501  0.111   1.00 15.78 ? 125 ARG A CB  1 
ATOM   908  C CG  . ARG A 1 125 ? 15.990  -0.780  -0.019  1.00 17.68 ? 125 ARG A CG  1 
ATOM   909  C CD  . ARG A 1 125 ? 17.170  -1.726  0.214   1.00 18.01 ? 125 ARG A CD  1 
ATOM   910  N NE  . ARG A 1 125 ? 17.106  -2.315  1.549   1.00 18.64 ? 125 ARG A NE  1 
ATOM   911  C CZ  . ARG A 1 125 ? 17.564  -1.708  2.638   1.00 17.89 ? 125 ARG A CZ  1 
ATOM   912  N NH1 . ARG A 1 125 ? 17.490  -2.303  3.821   1.00 17.05 ? 125 ARG A NH1 1 
ATOM   913  N NH2 . ARG A 1 125 ? 18.081  -0.480  2.555   1.00 20.55 ? 125 ARG A NH2 1 
ATOM   914  N N   . ALA A 1 126 ? 11.682  -2.108  0.355   1.00 14.49 ? 126 ALA A N   1 
ATOM   915  C CA  . ALA A 1 126 ? 10.614  -3.090  0.275   1.00 14.08 ? 126 ALA A CA  1 
ATOM   916  C C   . ALA A 1 126 ? 9.553   -2.606  -0.699  1.00 14.15 ? 126 ALA A C   1 
ATOM   917  O O   . ALA A 1 126 ? 9.042   -3.388  -1.516  1.00 13.81 ? 126 ALA A O   1 
ATOM   918  C CB  . ALA A 1 126 ? 9.999   -3.324  1.640   1.00 14.72 ? 126 ALA A CB  1 
ATOM   919  N N   . ALA A 1 127 ? 9.201   -1.325  -0.605  1.00 14.28 ? 127 ALA A N   1 
ATOM   920  C CA  . ALA A 1 127 ? 8.163   -0.808  -1.511  1.00 14.43 ? 127 ALA A CA  1 
ATOM   921  C C   . ALA A 1 127 ? 8.664   -0.863  -2.951  1.00 15.38 ? 127 ALA A C   1 
ATOM   922  O O   . ALA A 1 127 ? 7.936   -1.232  -3.882  1.00 15.15 ? 127 ALA A O   1 
ATOM   923  C CB  . ALA A 1 127 ? 7.763   0.625   -1.140  1.00 14.76 ? 127 ALA A CB  1 
ATOM   924  N N   . GLN A 1 128 ? 9.915   -0.507  -3.149  1.00 15.98 ? 128 GLN A N   1 
ATOM   925  C CA  . GLN A 1 128 ? 10.418  -0.433  -4.515  1.00 17.10 ? 128 GLN A CA  1 
ATOM   926  C C   . GLN A 1 128 ? 10.534  -1.812  -5.140  1.00 17.57 ? 128 GLN A C   1 
ATOM   927  O O   . GLN A 1 128 ? 10.178  -1.997  -6.315  1.00 17.68 ? 128 GLN A O   1 
ATOM   928  C CB  . GLN A 1 128 ? 11.695  0.396   -4.570  1.00 17.01 ? 128 GLN A CB  1 
ATOM   929  C CG  . GLN A 1 128 ? 11.321  1.856   -4.298  1.00 20.67 ? 128 GLN A CG  1 
ATOM   930  C CD  . GLN A 1 128 ? 12.359  2.843   -4.739  1.00 26.54 ? 128 GLN A CD  1 
ATOM   931  O OE1 . GLN A 1 128 ? 12.146  3.585   -5.710  1.00 30.05 ? 128 GLN A OE1 1 
ATOM   932  N NE2 . GLN A 1 128 ? 13.478  2.886   -4.024  1.00 26.46 ? 128 GLN A NE2 1 
ATOM   933  N N   . GLY A 1 129 ? 10.923  -2.793  -4.328  1.00 18.06 ? 129 GLY A N   1 
ATOM   934  C CA  . GLY A 1 129 ? 10.977  -4.181  -4.759  1.00 18.07 ? 129 GLY A CA  1 
ATOM   935  C C   . GLY A 1 129 ? 9.610   -4.678  -5.164  1.00 18.27 ? 129 GLY A C   1 
ATOM   936  O O   . GLY A 1 129 ? 9.455   -5.374  -6.186  1.00 18.64 ? 129 GLY A O   1 
ATOM   937  N N   . LEU A 1 130 ? 8.609   -4.316  -4.359  1.00 17.16 ? 130 LEU A N   1 
ATOM   938  C CA  . LEU A 1 130 ? 7.255   -4.761  -4.596  1.00 17.28 ? 130 LEU A CA  1 
ATOM   939  C C   . LEU A 1 130 ? 6.769   -4.273  -5.959  1.00 17.71 ? 130 LEU A C   1 
ATOM   940  O O   . LEU A 1 130 ? 6.146   -5.015  -6.728  1.00 17.76 ? 130 LEU A O   1 
ATOM   941  C CB  . LEU A 1 130 ? 6.345   -4.213  -3.505  1.00 16.62 ? 130 LEU A CB  1 
ATOM   942  C CG  . LEU A 1 130 ? 4.880   -4.593  -3.631  1.00 17.34 ? 130 LEU A CG  1 
ATOM   943  C CD1 . LEU A 1 130 ? 4.626   -6.109  -3.531  1.00 17.93 ? 130 LEU A CD1 1 
ATOM   944  C CD2 . LEU A 1 130 ? 4.145   -3.865  -2.513  1.00 15.39 ? 130 LEU A CD2 1 
ATOM   945  N N   . LEU A 1 131 ? 7.055   -3.018  -6.252  1.00 18.43 ? 131 LEU A N   1 
ATOM   946  C CA  . LEU A 1 131 ? 6.589   -2.436  -7.507  1.00 19.34 ? 131 LEU A CA  1 
ATOM   947  C C   . LEU A 1 131 ? 7.326   -3.056  -8.689  1.00 20.36 ? 131 LEU A C   1 
ATOM   948  O O   . LEU A 1 131 ? 6.730   -3.318  -9.733  1.00 19.99 ? 131 LEU A O   1 
ATOM   949  C CB  . LEU A 1 131 ? 6.760   -0.925  -7.484  1.00 19.77 ? 131 LEU A CB  1 
ATOM   950  C CG  . LEU A 1 131 ? 5.955   -0.257  -6.366  1.00 19.87 ? 131 LEU A CG  1 
ATOM   951  C CD1 . LEU A 1 131 ? 5.970   1.248   -6.548  1.00 22.95 ? 131 LEU A CD1 1 
ATOM   952  C CD2 . LEU A 1 131 ? 4.508   -0.784  -6.339  1.00 20.13 ? 131 LEU A CD2 1 
ATOM   953  N N   . ALA A 1 132 ? 8.619   -3.284  -8.516  1.00 20.96 ? 132 ALA A N   1 
ATOM   954  C CA  . ALA A 1 132 ? 9.405   -3.984  -9.531  1.00 21.69 ? 132 ALA A CA  1 
ATOM   955  C C   . ALA A 1 132 ? 8.822   -5.369  -9.788  1.00 22.52 ? 132 ALA A C   1 
ATOM   956  O O   . ALA A 1 132 ? 8.697   -5.788  -10.930 1.00 22.68 ? 132 ALA A O   1 
ATOM   957  C CB  . ALA A 1 132 ? 10.869  -4.076  -9.105  1.00 20.96 ? 132 ALA A CB  1 
ATOM   958  N N   . CYS A 1 133 ? 8.425   -6.075  -8.736  1.00 23.25 ? 133 CYS A N   1 
ATOM   959  C CA  . CYS A 1 133 ? 7.772   -7.370  -8.924  1.00 25.12 ? 133 CYS A CA  1 
ATOM   960  C C   . CYS A 1 133 ? 6.427   -7.213  -9.639  1.00 24.10 ? 133 CYS A C   1 
ATOM   961  O O   . CYS A 1 133 ? 6.059   -8.027  -10.514 1.00 24.11 ? 133 CYS A O   1 
ATOM   962  C CB  . CYS A 1 133 ? 7.610   -8.086  -7.578  1.00 26.78 ? 133 CYS A CB  1 
ATOM   963  S SG  . CYS A 1 133 ? 6.493   -9.519  -7.587  1.00 36.64 ? 133 CYS A SG  1 
ATOM   964  N N   . GLY A 1 134 ? 5.693   -6.164  -9.283  1.00 22.99 ? 134 GLY A N   1 
ATOM   965  C CA  . GLY A 1 134 ? 4.411   -5.896  -9.910  1.00 23.22 ? 134 GLY A CA  1 
ATOM   966  C C   . GLY A 1 134 ? 4.577   -5.778  -11.418 1.00 23.06 ? 134 GLY A C   1 
ATOM   967  O O   . GLY A 1 134 ? 3.778   -6.310  -12.177 1.00 23.43 ? 134 GLY A O   1 
ATOM   968  N N   . VAL A 1 135 ? 5.615   -5.077  -11.848 1.00 23.28 ? 135 VAL A N   1 
ATOM   969  C CA  . VAL A 1 135 ? 5.892   -4.909  -13.281 1.00 23.96 ? 135 VAL A CA  1 
ATOM   970  C C   . VAL A 1 135 ? 6.387   -6.205  -13.912 1.00 24.53 ? 135 VAL A C   1 
ATOM   971  O O   . VAL A 1 135 ? 5.986   -6.569  -15.023 1.00 23.97 ? 135 VAL A O   1 
ATOM   972  C CB  . VAL A 1 135 ? 6.960   -3.830  -13.521 1.00 23.85 ? 135 VAL A CB  1 
ATOM   973  C CG1 . VAL A 1 135 ? 7.450   -3.872  -14.992 1.00 23.47 ? 135 VAL A CG1 1 
ATOM   974  C CG2 . VAL A 1 135 ? 6.412   -2.481  -13.178 1.00 24.01 ? 135 VAL A CG2 1 
ATOM   975  N N   . ALA A 1 136 ? 7.293   -6.885  -13.220 1.00 24.38 ? 136 ALA A N   1 
ATOM   976  C CA  . ALA A 1 136 ? 7.858   -8.129  -13.740 1.00 24.82 ? 136 ALA A CA  1 
ATOM   977  C C   . ALA A 1 136 ? 6.775   -9.163  -14.001 1.00 24.96 ? 136 ALA A C   1 
ATOM   978  O O   . ALA A 1 136 ? 6.811   -9.842  -15.039 1.00 25.83 ? 136 ALA A O   1 
ATOM   979  C CB  . ALA A 1 136 ? 8.894   -8.692  -12.785 1.00 24.78 ? 136 ALA A CB  1 
ATOM   980  N N   . GLN A 1 137 ? 5.804   -9.251  -13.083 1.00 24.95 ? 137 GLN A N   1 
ATOM   981  C CA  . GLN A 1 137 ? 4.810   -10.323 -13.063 1.00 24.98 ? 137 GLN A CA  1 
ATOM   982  C C   . GLN A 1 137 ? 3.496   -9.984  -13.762 1.00 23.87 ? 137 GLN A C   1 
ATOM   983  O O   . GLN A 1 137 ? 2.575   -10.804 -13.793 1.00 24.47 ? 137 GLN A O   1 
ATOM   984  C CB  . GLN A 1 137 ? 4.483   -10.713 -11.632 1.00 25.06 ? 137 GLN A CB  1 
ATOM   985  C CG  . GLN A 1 137 ? 5.629   -11.294 -10.816 1.00 28.44 ? 137 GLN A CG  1 
ATOM   986  C CD  . GLN A 1 137 ? 5.132   -11.883 -9.483  1.00 33.22 ? 137 GLN A CD  1 
ATOM   987  O OE1 . GLN A 1 137 ? 5.779   -12.770 -8.905  1.00 36.53 ? 137 GLN A OE1 1 
ATOM   988  N NE2 . GLN A 1 137 ? 3.979   -11.406 -9.007  1.00 34.06 ? 137 GLN A NE2 1 
ATOM   989  N N   . GLY A 1 138 ? 3.389   -8.776  -14.269 1.00 22.90 ? 138 GLY A N   1 
ATOM   990  C CA  . GLY A 1 138 ? 2.240   -8.401  -15.071 1.00 22.55 ? 138 GLY A CA  1 
ATOM   991  C C   . GLY A 1 138 ? 1.065   -7.758  -14.351 1.00 21.40 ? 138 GLY A C   1 
ATOM   992  O O   . GLY A 1 138 ? -0.009  -7.627  -14.933 1.00 21.54 ? 138 GLY A O   1 
ATOM   993  N N   . ALA A 1 139 ? 1.254   -7.365  -13.090 1.00 20.17 ? 139 ALA A N   1 
ATOM   994  C CA  . ALA A 1 139 ? 0.184   -6.681  -12.367 1.00 19.89 ? 139 ALA A CA  1 
ATOM   995  C C   . ALA A 1 139 ? 0.136   -5.231  -12.799 1.00 19.24 ? 139 ALA A C   1 
ATOM   996  O O   . ALA A 1 139 ? -0.925  -4.631  -12.836 1.00 19.05 ? 139 ALA A O   1 
ATOM   997  C CB  . ALA A 1 139 ? 0.382   -6.773  -10.855 1.00 19.78 ? 139 ALA A CB  1 
ATOM   998  N N   . LEU A 1 140 ? 1.299   -4.675  -13.106 1.00 19.78 ? 140 LEU A N   1 
ATOM   999  C CA  . LEU A 1 140 ? 1.418   -3.282  -13.493 1.00 20.39 ? 140 LEU A CA  1 
ATOM   1000 C C   . LEU A 1 140 ? 1.976   -3.200  -14.904 1.00 21.26 ? 140 LEU A C   1 
ATOM   1001 O O   . LEU A 1 140 ? 2.914   -3.932  -15.231 1.00 22.15 ? 140 LEU A O   1 
ATOM   1002 C CB  . LEU A 1 140 ? 2.399   -2.567  -12.581 1.00 20.17 ? 140 LEU A CB  1 
ATOM   1003 C CG  . LEU A 1 140 ? 1.997   -2.581  -11.106 1.00 19.72 ? 140 LEU A CG  1 
ATOM   1004 C CD1 . LEU A 1 140 ? 3.148   -1.956  -10.306 1.00 20.45 ? 140 LEU A CD1 1 
ATOM   1005 C CD2 . LEU A 1 140 ? 0.744   -1.797  -10.926 1.00 20.12 ? 140 LEU A CD2 1 
ATOM   1006 N N   . ARG A 1 141 ? 1.430   -2.297  -15.709 1.00 21.91 ? 141 ARG A N   1 
ATOM   1007 C CA  . ARG A 1 141 ? 2.053   -1.949  -16.987 1.00 23.77 ? 141 ARG A CA  1 
ATOM   1008 C C   . ARG A 1 141 ? 3.498   -1.522  -16.770 1.00 24.01 ? 141 ARG A C   1 
ATOM   1009 O O   . ARG A 1 141 ? 3.839   -0.855  -15.793 1.00 23.93 ? 141 ARG A O   1 
ATOM   1010 C CB  . ARG A 1 141 ? 1.259   -0.856  -17.701 1.00 24.09 ? 141 ARG A CB  1 
ATOM   1011 C CG  . ARG A 1 141 ? -0.104  -1.328  -18.187 1.00 26.05 ? 141 ARG A CG  1 
ATOM   1012 C CD  . ARG A 1 141 ? -1.049  -0.232  -18.659 1.00 31.47 ? 141 ARG A CD  1 
ATOM   1013 N NE  . ARG A 1 141 ? -2.360  -0.760  -19.067 1.00 33.86 ? 141 ARG A NE  1 
ATOM   1014 C CZ  . ARG A 1 141 ? -2.610  -1.318  -20.260 1.00 34.34 ? 141 ARG A CZ  1 
ATOM   1015 N NH1 . ARG A 1 141 ? -3.825  -1.766  -20.547 1.00 33.28 ? 141 ARG A NH1 1 
ATOM   1016 N NH2 . ARG A 1 141 ? -1.642  -1.439  -21.161 1.00 35.61 ? 141 ARG A NH2 1 
ATOM   1017 N N   . SER A 1 142 ? 4.356   -1.915  -17.703 1.00 24.40 ? 142 SER A N   1 
ATOM   1018 C CA  . SER A 1 142 ? 5.772   -1.631  -17.631 1.00 25.76 ? 142 SER A CA  1 
ATOM   1019 C C   . SER A 1 142 ? 6.018   -0.135  -17.475 1.00 25.83 ? 142 SER A C   1 
ATOM   1020 O O   . SER A 1 142 ? 7.022   0.277   -16.897 1.00 26.43 ? 142 SER A O   1 
ATOM   1021 C CB  . SER A 1 142 ? 6.403   -2.089  -18.945 1.00 25.92 ? 142 SER A CB  1 
ATOM   1022 O OG  . SER A 1 142 ? 5.497   -1.766  -20.009 1.00 29.63 ? 142 SER A OG  1 
ATOM   1023 N N   . ASN A 1 143 ? 5.127   0.666   -18.046 1.00 26.05 ? 143 ASN A N   1 
ATOM   1024 C CA  . ASN A 1 143 ? 5.259   2.119   -17.988 1.00 26.60 ? 143 ASN A CA  1 
ATOM   1025 C C   . ASN A 1 143 ? 4.261   2.780   -17.028 1.00 25.91 ? 143 ASN A C   1 
ATOM   1026 O O   . ASN A 1 143 ? 3.887   3.938   -17.211 1.00 26.40 ? 143 ASN A O   1 
ATOM   1027 C CB  . ASN A 1 143 ? 5.175   2.743   -19.399 1.00 27.04 ? 143 ASN A CB  1 
ATOM   1028 C CG  . ASN A 1 143 ? 3.912   2.339   -20.166 1.00 29.62 ? 143 ASN A CG  1 
ATOM   1029 O OD1 . ASN A 1 143 ? 3.018   1.660   -19.638 1.00 31.18 ? 143 ASN A OD1 1 
ATOM   1030 N ND2 . ASN A 1 143 ? 3.835   2.765   -21.433 1.00 31.37 ? 143 ASN A ND2 1 
ATOM   1031 N N   . TYR A 1 144 ? 3.842   2.049   -15.993 1.00 24.34 ? 144 TYR A N   1 
ATOM   1032 C CA  . TYR A 1 144 ? 2.802   2.548   -15.094 1.00 22.00 ? 144 TYR A CA  1 
ATOM   1033 C C   . TYR A 1 144 ? 3.139   3.944   -14.567 1.00 21.02 ? 144 TYR A C   1 
ATOM   1034 O O   . TYR A 1 144 ? 4.295   4.353   -14.552 1.00 20.86 ? 144 TYR A O   1 
ATOM   1035 C CB  . TYR A 1 144 ? 2.563   1.572   -13.920 1.00 21.24 ? 144 TYR A CB  1 
ATOM   1036 C CG  . TYR A 1 144 ? 3.679   1.559   -12.897 1.00 21.76 ? 144 TYR A CG  1 
ATOM   1037 C CD1 . TYR A 1 144 ? 3.633   2.385   -11.781 1.00 22.47 ? 144 TYR A CD1 1 
ATOM   1038 C CD2 . TYR A 1 144 ? 4.782   0.729   -13.045 1.00 20.82 ? 144 TYR A CD2 1 
ATOM   1039 C CE1 . TYR A 1 144 ? 4.636   2.384   -10.852 1.00 19.98 ? 144 TYR A CE1 1 
ATOM   1040 C CE2 . TYR A 1 144 ? 5.809   0.724   -12.108 1.00 21.41 ? 144 TYR A CE2 1 
ATOM   1041 C CZ  . TYR A 1 144 ? 5.723   1.563   -11.013 1.00 21.48 ? 144 TYR A CZ  1 
ATOM   1042 O OH  . TYR A 1 144 ? 6.726   1.579   -10.075 1.00 24.12 ? 144 TYR A OH  1 
ATOM   1043 N N   . VAL A 1 145 ? 2.106   4.647   -14.114 1.00 20.30 ? 145 VAL A N   1 
ATOM   1044 C CA  . VAL A 1 145 ? 2.247   5.947   -13.474 1.00 19.39 ? 145 VAL A CA  1 
ATOM   1045 C C   . VAL A 1 145 ? 2.120   5.829   -11.954 1.00 18.68 ? 145 VAL A C   1 
ATOM   1046 O O   . VAL A 1 145 ? 1.147   5.274   -11.463 1.00 19.10 ? 145 VAL A O   1 
ATOM   1047 C CB  . VAL A 1 145 ? 1.164   6.923   -13.960 1.00 19.20 ? 145 VAL A CB  1 
ATOM   1048 C CG1 . VAL A 1 145 ? 1.323   8.285   -13.278 1.00 19.78 ? 145 VAL A CG1 1 
ATOM   1049 C CG2 . VAL A 1 145 ? 1.264   7.091   -15.462 1.00 20.76 ? 145 VAL A CG2 1 
ATOM   1050 N N   . LEU A 1 146 ? 3.119   6.328   -11.239 1.00 18.56 ? 146 LEU A N   1 
ATOM   1051 C CA  . LEU A 1 146 ? 3.067   6.416   -9.789  1.00 18.19 ? 146 LEU A CA  1 
ATOM   1052 C C   . LEU A 1 146 ? 2.442   7.744   -9.363  1.00 18.02 ? 146 LEU A C   1 
ATOM   1053 O O   . LEU A 1 146 ? 2.850   8.814   -9.853  1.00 17.83 ? 146 LEU A O   1 
ATOM   1054 C CB  . LEU A 1 146 ? 4.475   6.294   -9.226  1.00 19.34 ? 146 LEU A CB  1 
ATOM   1055 C CG  . LEU A 1 146 ? 4.692   6.367   -7.725  1.00 19.92 ? 146 LEU A CG  1 
ATOM   1056 C CD1 . LEU A 1 146 ? 4.273   5.052   -7.085  1.00 23.90 ? 146 LEU A CD1 1 
ATOM   1057 C CD2 . LEU A 1 146 ? 6.141   6.717   -7.416  1.00 20.15 ? 146 LEU A CD2 1 
ATOM   1058 N N   . LYS A 1 147 ? 1.481   7.670   -8.437  1.00 17.33 ? 147 LYS A N   1 
ATOM   1059 C CA  . LYS A 1 147 ? 0.811   8.854   -7.903  1.00 17.27 ? 147 LYS A CA  1 
ATOM   1060 C C   . LYS A 1 147 ? 0.868   8.815   -6.393  1.00 16.29 ? 147 LYS A C   1 
ATOM   1061 O O   . LYS A 1 147 ? 0.895   7.740   -5.803  1.00 16.05 ? 147 LYS A O   1 
ATOM   1062 C CB  . LYS A 1 147 ? -0.642  8.914   -8.376  1.00 17.76 ? 147 LYS A CB  1 
ATOM   1063 C CG  . LYS A 1 147 ? -0.775  8.932   -9.904  1.00 20.33 ? 147 LYS A CG  1 
ATOM   1064 C CD  . LYS A 1 147 ? -2.104  9.523   -10.352 1.00 24.92 ? 147 LYS A CD  1 
ATOM   1065 C CE  . LYS A 1 147 ? -1.913  10.401  -11.582 1.00 29.02 ? 147 LYS A CE  1 
ATOM   1066 N NZ  . LYS A 1 147 ? -1.750  11.834  -11.202 1.00 27.16 ? 147 LYS A NZ  1 
ATOM   1067 N N   . GLY A 1 148 ? 0.894   9.985   -5.766  1.00 15.49 ? 148 GLY A N   1 
ATOM   1068 C CA  . GLY A 1 148 ? 0.739   10.065  -4.319  1.00 14.84 ? 148 GLY A CA  1 
ATOM   1069 C C   . GLY A 1 148 ? -0.751  10.097  -4.023  1.00 14.27 ? 148 GLY A C   1 
ATOM   1070 O O   . GLY A 1 148 ? -1.540  10.534  -4.867  1.00 14.32 ? 148 GLY A O   1 
ATOM   1071 N N   . HIS A 1 149 ? -1.143  9.604   -2.848  1.00 14.84 ? 149 HIS A N   1 
ATOM   1072 C CA  . HIS A 1 149 ? -2.541  9.579   -2.440  1.00 15.03 ? 149 HIS A CA  1 
ATOM   1073 C C   . HIS A 1 149 ? -3.161  10.975  -2.615  1.00 15.83 ? 149 HIS A C   1 
ATOM   1074 O O   . HIS A 1 149 ? -4.288  11.133  -3.112  1.00 15.34 ? 149 HIS A O   1 
ATOM   1075 C CB  . HIS A 1 149 ? -2.616  9.135   -0.976  1.00 15.46 ? 149 HIS A CB  1 
ATOM   1076 C CG  . HIS A 1 149 ? -3.997  8.834   -0.492  1.00 14.20 ? 149 HIS A CG  1 
ATOM   1077 N ND1 . HIS A 1 149 ? -4.251  8.482   0.809   1.00 16.12 ? 149 HIS A ND1 1 
ATOM   1078 C CD2 . HIS A 1 149 ? -5.197  8.835   -1.127  1.00 16.11 ? 149 HIS A CD2 1 
ATOM   1079 C CE1 . HIS A 1 149 ? -5.548  8.280   0.965   1.00 16.96 ? 149 HIS A CE1 1 
ATOM   1080 N NE2 . HIS A 1 149 ? -6.142  8.495   -0.196  1.00 16.17 ? 149 HIS A NE2 1 
ATOM   1081 N N   . ARG A 1 150 ? -2.410  11.989  -2.205  1.00 16.12 ? 150 ARG A N   1 
ATOM   1082 C CA  . ARG A 1 150 ? -2.894  13.370  -2.285  1.00 17.15 ? 150 ARG A CA  1 
ATOM   1083 C C   . ARG A 1 150 ? -3.104  13.841  -3.730  1.00 17.70 ? 150 ARG A C   1 
ATOM   1084 O O   . ARG A 1 150 ? -3.759  14.851  -3.955  1.00 18.55 ? 150 ARG A O   1 
ATOM   1085 C CB  . ARG A 1 150 ? -1.931  14.317  -1.540  1.00 17.68 ? 150 ARG A CB  1 
ATOM   1086 C CG  . ARG A 1 150 ? -0.553  14.475  -2.214  1.00 18.20 ? 150 ARG A CG  1 
ATOM   1087 C CD  . ARG A 1 150 ? 0.256   15.647  -1.651  1.00 19.15 ? 150 ARG A CD  1 
ATOM   1088 N NE  . ARG A 1 150 ? 0.576   15.429  -0.256  1.00 19.82 ? 150 ARG A NE  1 
ATOM   1089 C CZ  . ARG A 1 150 ? 1.376   16.229  0.434   1.00 20.70 ? 150 ARG A CZ  1 
ATOM   1090 N NH1 . ARG A 1 150 ? 1.911   17.301  -0.166  1.00 19.62 ? 150 ARG A NH1 1 
ATOM   1091 N NH2 . ARG A 1 150 ? 1.623   15.969  1.710   1.00 18.59 ? 150 ARG A NH2 1 
ATOM   1092 N N   . ASP A 1 151 ? -2.521  13.141  -4.702  1.00 17.82 ? 151 ASP A N   1 
ATOM   1093 C CA  . ASP A 1 151 ? -2.674  13.519  -6.107  1.00 17.73 ? 151 ASP A CA  1 
ATOM   1094 C C   . ASP A 1 151 ? -4.025  13.099  -6.652  1.00 18.45 ? 151 ASP A C   1 
ATOM   1095 O O   . ASP A 1 151 ? -4.410  13.555  -7.733  1.00 19.11 ? 151 ASP A O   1 
ATOM   1096 C CB  . ASP A 1 151 ? -1.601  12.859  -6.964  1.00 17.02 ? 151 ASP A CB  1 
ATOM   1097 C CG  . ASP A 1 151 ? -0.220  13.367  -6.662  1.00 17.21 ? 151 ASP A CG  1 
ATOM   1098 O OD1 . ASP A 1 151 ? -0.088  14.549  -6.232  1.00 16.64 ? 151 ASP A OD1 1 
ATOM   1099 O OD2 . ASP A 1 151 ? 0.793   12.650  -6.837  1.00 17.65 ? 151 ASP A OD2 1 
ATOM   1100 N N   . VAL A 1 152 ? -4.723  12.222  -5.932  1.00 18.28 ? 152 VAL A N   1 
ATOM   1101 C CA  . VAL A 1 152 ? -6.003  11.664  -6.406  1.00 17.72 ? 152 VAL A CA  1 
ATOM   1102 C C   . VAL A 1 152 ? -7.149  11.745  -5.385  1.00 18.17 ? 152 VAL A C   1 
ATOM   1103 O O   . VAL A 1 152 ? -8.277  11.393  -5.703  1.00 19.21 ? 152 VAL A O   1 
ATOM   1104 C CB  . VAL A 1 152 ? -5.843  10.205  -6.879  1.00 17.99 ? 152 VAL A CB  1 
ATOM   1105 C CG1 . VAL A 1 152 ? -4.750  10.114  -7.908  1.00 17.66 ? 152 VAL A CG1 1 
ATOM   1106 C CG2 . VAL A 1 152 ? -5.529  9.271   -5.690  1.00 17.43 ? 152 VAL A CG2 1 
ATOM   1107 N N   . GLN A 1 153 ? -6.857  12.178  -4.160  1.00 17.62 ? 153 GLN A N   1 
ATOM   1108 C CA  . GLN A 1 153 ? -7.865  12.336  -3.102  1.00 18.09 ? 153 GLN A CA  1 
ATOM   1109 C C   . GLN A 1 153 ? -7.552  13.544  -2.230  1.00 18.89 ? 153 GLN A C   1 
ATOM   1110 O O   . GLN A 1 153 ? -6.417  14.024  -2.202  1.00 19.34 ? 153 GLN A O   1 
ATOM   1111 C CB  . GLN A 1 153 ? -7.893  11.132  -2.164  1.00 18.97 ? 153 GLN A CB  1 
ATOM   1112 C CG  . GLN A 1 153 ? -8.416  9.829   -2.773  1.00 18.47 ? 153 GLN A CG  1 
ATOM   1113 C CD  . GLN A 1 153 ? -9.923  9.835   -2.888  1.00 19.99 ? 153 GLN A CD  1 
ATOM   1114 O OE1 . GLN A 1 153 ? -10.456 10.327  -3.889  1.00 24.41 ? 153 GLN A OE1 1 
ATOM   1115 N NE2 . GLN A 1 153 ? -10.620 9.340   -1.866  1.00 18.26 ? 153 GLN A NE2 1 
ATOM   1116 N N   . ARG A 1 154 ? -8.552  13.992  -1.470  1.00 19.37 ? 154 ARG A N   1 
ATOM   1117 C CA  . ARG A 1 154 ? -8.372  15.115  -0.553  1.00 19.61 ? 154 ARG A CA  1 
ATOM   1118 C C   . ARG A 1 154 ? -7.749  14.660  0.764   1.00 18.90 ? 154 ARG A C   1 
ATOM   1119 O O   . ARG A 1 154 ? -8.442  14.222  1.689   1.00 19.30 ? 154 ARG A O   1 
ATOM   1120 C CB  . ARG A 1 154 ? -9.711  15.826  -0.299  1.00 20.75 ? 154 ARG A CB  1 
ATOM   1121 C CG  . ARG A 1 154 ? -10.378 16.340  -1.560  1.00 23.14 ? 154 ARG A CG  1 
ATOM   1122 C CD  . ARG A 1 154 ? -11.835 16.790  -1.340  1.00 29.01 ? 154 ARG A CD  1 
ATOM   1123 N NE  . ARG A 1 154 ? -12.640 15.686  -0.819  1.00 33.05 ? 154 ARG A NE  1 
ATOM   1124 C CZ  . ARG A 1 154 ? -13.904 15.803  -0.415  1.00 37.26 ? 154 ARG A CZ  1 
ATOM   1125 N NH1 . ARG A 1 154 ? -14.564 14.741  0.042   1.00 37.08 ? 154 ARG A NH1 1 
ATOM   1126 N NH2 . ARG A 1 154 ? -14.515 16.983  -0.482  1.00 38.84 ? 154 ARG A NH2 1 
ATOM   1127 N N   . THR A 1 155 ? -6.431  14.792  0.835   1.00 17.62 ? 155 THR A N   1 
ATOM   1128 C CA  . THR A 1 155 ? -5.649  14.277  1.944   1.00 17.23 ? 155 THR A CA  1 
ATOM   1129 C C   . THR A 1 155 ? -4.220  14.795  1.815   1.00 16.14 ? 155 THR A C   1 
ATOM   1130 O O   . THR A 1 155 ? -3.807  15.250  0.742   1.00 16.48 ? 155 THR A O   1 
ATOM   1131 C CB  . THR A 1 155 ? -5.649  12.732  1.909   1.00 16.98 ? 155 THR A CB  1 
ATOM   1132 O OG1 . THR A 1 155 ? -4.871  12.224  3.008   1.00 18.21 ? 155 THR A OG1 1 
ATOM   1133 C CG2 . THR A 1 155 ? -4.933  12.226  0.655   1.00 17.22 ? 155 THR A CG2 1 
ATOM   1134 N N   . LEU A 1 156 ? -3.475  14.752  2.922   1.00 16.44 ? 156 LEU A N   1 
ATOM   1135 C CA  . LEU A 1 156 ? -2.045  15.064  2.926   1.00 16.44 ? 156 LEU A CA  1 
ATOM   1136 C C   . LEU A 1 156 ? -1.242  13.780  2.751   1.00 15.81 ? 156 LEU A C   1 
ATOM   1137 O O   . LEU A 1 156 ? -0.042  13.817  2.526   1.00 16.00 ? 156 LEU A O   1 
ATOM   1138 C CB  . LEU A 1 156 ? -1.638  15.678  4.273   1.00 17.35 ? 156 LEU A CB  1 
ATOM   1139 C CG  . LEU A 1 156 ? -2.320  17.017  4.563   1.00 19.66 ? 156 LEU A CG  1 
ATOM   1140 C CD1 . LEU A 1 156 ? -1.966  18.029  3.518   1.00 19.38 ? 156 LEU A CD1 1 
ATOM   1141 C CD2 . LEU A 1 156 ? -3.816  16.810  4.602   1.00 26.52 ? 156 LEU A CD2 1 
ATOM   1142 N N   . SER A 1 157 ? -1.914  12.641  2.874   1.00 14.97 ? 157 SER A N   1 
ATOM   1143 C CA  . SER A 1 157 ? -1.263  11.345  2.642   1.00 14.64 ? 157 SER A CA  1 
ATOM   1144 C C   . SER A 1 157 ? -0.550  11.439  1.279   1.00 14.96 ? 157 SER A C   1 
ATOM   1145 O O   . SER A 1 157 ? -1.107  12.004  0.324   1.00 14.20 ? 157 SER A O   1 
ATOM   1146 C CB  . SER A 1 157 ? -2.337  10.261  2.636   1.00 14.47 ? 157 SER A CB  1 
ATOM   1147 O OG  . SER A 1 157 ? -1.831  8.982   2.254   1.00 12.44 ? 157 SER A OG  1 
ATOM   1148 N N   . PRO A 1 158 ? 0.660   10.888  1.125   1.00 14.77 ? 158 PRO A N   1 
ATOM   1149 C CA  . PRO A 1 158 ? 1.364   10.052  2.105   1.00 14.36 ? 158 PRO A CA  1 
ATOM   1150 C C   . PRO A 1 158 ? 2.264   10.821  3.066   1.00 14.72 ? 158 PRO A C   1 
ATOM   1151 O O   . PRO A 1 158 ? 3.208   10.199  3.590   1.00 13.88 ? 158 PRO A O   1 
ATOM   1152 C CB  . PRO A 1 158 ? 2.265   9.188   1.209   1.00 15.31 ? 158 PRO A CB  1 
ATOM   1153 C CG  . PRO A 1 158 ? 2.659   10.125  0.065   1.00 13.54 ? 158 PRO A CG  1 
ATOM   1154 C CD  . PRO A 1 158 ? 1.394   10.997  -0.148  1.00 15.42 ? 158 PRO A CD  1 
ATOM   1155 N N   . GLY A 1 159 ? 1.986   12.101  3.320   1.00 14.44 ? 159 GLY A N   1 
ATOM   1156 C CA  . GLY A 1 159 ? 2.820   12.898  4.209   1.00 15.14 ? 159 GLY A CA  1 
ATOM   1157 C C   . GLY A 1 159 ? 3.800   13.724  3.407   1.00 16.16 ? 159 GLY A C   1 
ATOM   1158 O O   . GLY A 1 159 ? 4.374   13.242  2.417   1.00 15.88 ? 159 GLY A O   1 
ATOM   1159 N N   . ASN A 1 160 ? 4.027   14.971  3.829   1.00 16.91 ? 160 ASN A N   1 
ATOM   1160 C CA  . ASN A 1 160 ? 4.932   15.851  3.107   1.00 17.42 ? 160 ASN A CA  1 
ATOM   1161 C C   . ASN A 1 160 ? 6.262   15.195  2.706   1.00 17.21 ? 160 ASN A C   1 
ATOM   1162 O O   . ASN A 1 160 ? 6.669   15.287  1.550   1.00 18.50 ? 160 ASN A O   1 
ATOM   1163 C CB  . ASN A 1 160 ? 5.247   17.106  3.921   1.00 17.97 ? 160 ASN A CB  1 
ATOM   1164 C CG  . ASN A 1 160 ? 4.097   18.118  3.946   1.00 19.14 ? 160 ASN A CG  1 
ATOM   1165 O OD1 . ASN A 1 160 ? 4.247   19.220  4.504   1.00 24.00 ? 160 ASN A OD1 1 
ATOM   1166 N ND2 . ASN A 1 160 ? 2.962   17.762  3.375   1.00 17.34 ? 160 ASN A ND2 1 
ATOM   1167 N N   . GLN A 1 161 ? 6.951   14.577  3.656   1.00 17.02 ? 161 GLN A N   1 
ATOM   1168 C CA  . GLN A 1 161 ? 8.310   14.119  3.382   1.00 17.86 ? 161 GLN A CA  1 
ATOM   1169 C C   . GLN A 1 161 ? 8.323   12.903  2.470   1.00 17.40 ? 161 GLN A C   1 
ATOM   1170 O O   . GLN A 1 161 ? 9.110   12.845  1.534   1.00 17.41 ? 161 GLN A O   1 
ATOM   1171 C CB  . GLN A 1 161 ? 9.076   13.844  4.664   1.00 18.92 ? 161 GLN A CB  1 
ATOM   1172 C CG  . GLN A 1 161 ? 9.119   15.046  5.576   1.00 23.33 ? 161 GLN A CG  1 
ATOM   1173 C CD  . GLN A 1 161 ? 10.508  15.347  6.054   1.00 30.47 ? 161 GLN A CD  1 
ATOM   1174 O OE1 . GLN A 1 161 ? 11.454  14.621  5.729   1.00 34.82 ? 161 GLN A OE1 1 
ATOM   1175 N NE2 . GLN A 1 161 ? 10.648  16.414  6.849   1.00 33.79 ? 161 GLN A NE2 1 
ATOM   1176 N N   . LEU A 1 162 ? 7.426   11.951  2.725   1.00 16.83 ? 162 LEU A N   1 
ATOM   1177 C CA  . LEU A 1 162 ? 7.307   10.792  1.856   1.00 16.22 ? 162 LEU A CA  1 
ATOM   1178 C C   . LEU A 1 162 ? 6.846   11.193  0.462   1.00 16.40 ? 162 LEU A C   1 
ATOM   1179 O O   . LEU A 1 162 ? 7.332   10.650  -0.534  1.00 16.83 ? 162 LEU A O   1 
ATOM   1180 C CB  . LEU A 1 162 ? 6.370   9.725   2.467   1.00 15.86 ? 162 LEU A CB  1 
ATOM   1181 C CG  . LEU A 1 162 ? 6.102   8.449   1.637   1.00 14.73 ? 162 LEU A CG  1 
ATOM   1182 C CD1 . LEU A 1 162 ? 7.405   7.797   1.096   1.00 16.40 ? 162 LEU A CD1 1 
ATOM   1183 C CD2 . LEU A 1 162 ? 5.313   7.447   2.461   1.00 14.07 ? 162 LEU A CD2 1 
ATOM   1184 N N   . TYR A 1 163 ? 5.899   12.132  0.372   1.00 15.88 ? 163 TYR A N   1 
ATOM   1185 C CA  . TYR A 1 163 ? 5.479   12.638  -0.933  1.00 17.45 ? 163 TYR A CA  1 
ATOM   1186 C C   . TYR A 1 163 ? 6.670   13.202  -1.715  1.00 18.73 ? 163 TYR A C   1 
ATOM   1187 O O   . TYR A 1 163 ? 6.861   12.902  -2.897  1.00 18.16 ? 163 TYR A O   1 
ATOM   1188 C CB  . TYR A 1 163 ? 4.412   13.719  -0.733  1.00 16.52 ? 163 TYR A CB  1 
ATOM   1189 C CG  . TYR A 1 163 ? 3.792   14.245  -2.013  1.00 17.40 ? 163 TYR A CG  1 
ATOM   1190 C CD1 . TYR A 1 163 ? 3.099   13.413  -2.879  1.00 15.76 ? 163 TYR A CD1 1 
ATOM   1191 C CD2 . TYR A 1 163 ? 3.880   15.576  -2.327  1.00 17.72 ? 163 TYR A CD2 1 
ATOM   1192 C CE1 . TYR A 1 163 ? 2.511   13.928  -4.062  1.00 16.84 ? 163 TYR A CE1 1 
ATOM   1193 C CE2 . TYR A 1 163 ? 3.305   16.099  -3.461  1.00 17.92 ? 163 TYR A CE2 1 
ATOM   1194 C CZ  . TYR A 1 163 ? 2.632   15.288  -4.332  1.00 18.03 ? 163 TYR A CZ  1 
ATOM   1195 O OH  . TYR A 1 163 ? 2.079   15.866  -5.454  1.00 18.81 ? 163 TYR A OH  1 
ATOM   1196 N N   . HIS A 1 164 ? 7.495   14.008  -1.061  1.00 20.48 ? 164 HIS A N   1 
ATOM   1197 C CA  . HIS A 1 164 ? 8.661   14.575  -1.755  1.00 22.20 ? 164 HIS A CA  1 
ATOM   1198 C C   . HIS A 1 164 ? 9.577   13.474  -2.256  1.00 21.73 ? 164 HIS A C   1 
ATOM   1199 O O   . HIS A 1 164 ? 10.115  13.553  -3.359  1.00 22.26 ? 164 HIS A O   1 
ATOM   1200 C CB  . HIS A 1 164 ? 9.404   15.560  -0.847  1.00 23.22 ? 164 HIS A CB  1 
ATOM   1201 C CG  . HIS A 1 164 ? 8.558   16.734  -0.433  1.00 29.00 ? 164 HIS A CG  1 
ATOM   1202 N ND1 . HIS A 1 164 ? 8.924   17.610  0.572   1.00 34.11 ? 164 HIS A ND1 1 
ATOM   1203 C CD2 . HIS A 1 164 ? 7.362   17.174  -0.894  1.00 32.59 ? 164 HIS A CD2 1 
ATOM   1204 C CE1 . HIS A 1 164 ? 7.989   18.534  0.711   1.00 34.78 ? 164 HIS A CE1 1 
ATOM   1205 N NE2 . HIS A 1 164 ? 7.028   18.290  -0.163  1.00 35.04 ? 164 HIS A NE2 1 
ATOM   1206 N N   . LEU A 1 165 ? 9.735   12.433  -1.451  1.00 21.49 ? 165 LEU A N   1 
ATOM   1207 C CA  . LEU A 1 165 ? 10.529  11.279  -1.830  1.00 22.16 ? 165 LEU A CA  1 
ATOM   1208 C C   . LEU A 1 165 ? 10.004  10.618  -3.118  1.00 21.97 ? 165 LEU A C   1 
ATOM   1209 O O   . LEU A 1 165 ? 10.756  10.416  -4.091  1.00 22.59 ? 165 LEU A O   1 
ATOM   1210 C CB  . LEU A 1 165 ? 10.537  10.272  -0.672  1.00 22.58 ? 165 LEU A CB  1 
ATOM   1211 C CG  . LEU A 1 165 ? 11.827  9.539   -0.323  1.00 26.10 ? 165 LEU A CG  1 
ATOM   1212 C CD1 . LEU A 1 165 ? 13.023  10.500  -0.351  1.00 26.47 ? 165 LEU A CD1 1 
ATOM   1213 C CD2 . LEU A 1 165 ? 11.694  8.862   1.046   1.00 26.79 ? 165 LEU A CD2 1 
ATOM   1214 N N   . ILE A 1 166 ? 8.723   10.273  -3.136  1.00 21.14 ? 166 ILE A N   1 
ATOM   1215 C CA  . ILE A 1 166 ? 8.182   9.532   -4.278  1.00 20.67 ? 166 ILE A CA  1 
ATOM   1216 C C   . ILE A 1 166 ? 8.107   10.376  -5.551  1.00 21.62 ? 166 ILE A C   1 
ATOM   1217 O O   . ILE A 1 166 ? 8.080   9.829   -6.656  1.00 20.86 ? 166 ILE A O   1 
ATOM   1218 C CB  . ILE A 1 166 ? 6.818   8.859   -3.954  1.00 21.30 ? 166 ILE A CB  1 
ATOM   1219 C CG1 . ILE A 1 166 ? 5.709   9.899   -3.816  1.00 20.72 ? 166 ILE A CG1 1 
ATOM   1220 C CG2 . ILE A 1 166 ? 6.910   8.028   -2.685  1.00 19.83 ? 166 ILE A CG2 1 
ATOM   1221 C CD1 . ILE A 1 166 ? 5.251   10.437  -5.118  1.00 27.47 ? 166 ILE A CD1 1 
ATOM   1222 N N   . GLN A 1 167 ? 8.063   11.696  -5.415  1.00 22.52 ? 167 GLN A N   1 
ATOM   1223 C CA  . GLN A 1 167 ? 8.064   12.551  -6.601  1.00 24.06 ? 167 GLN A CA  1 
ATOM   1224 C C   . GLN A 1 167 ? 9.342   12.334  -7.428  1.00 25.24 ? 167 GLN A C   1 
ATOM   1225 O O   . GLN A 1 167 ? 9.408   12.678  -8.621  1.00 25.30 ? 167 GLN A O   1 
ATOM   1226 C CB  . GLN A 1 167 ? 7.870   14.019  -6.212  1.00 24.58 ? 167 GLN A CB  1 
ATOM   1227 C CG  . GLN A 1 167 ? 6.431   14.300  -5.747  1.00 24.74 ? 167 GLN A CG  1 
ATOM   1228 C CD  . GLN A 1 167 ? 6.050   15.762  -5.805  1.00 28.51 ? 167 GLN A CD  1 
ATOM   1229 O OE1 . GLN A 1 167 ? 4.998   16.123  -6.376  1.00 29.68 ? 167 GLN A OE1 1 
ATOM   1230 N NE2 . GLN A 1 167 ? 6.867   16.604  -5.196  1.00 27.58 ? 167 GLN A NE2 1 
ATOM   1231 N N   . ASN A 1 168 ? 10.341  11.734  -6.790  1.00 25.87 ? 168 ASN A N   1 
ATOM   1232 C CA  . ASN A 1 168 ? 11.602  11.423  -7.452  1.00 27.72 ? 168 ASN A CA  1 
ATOM   1233 C C   . ASN A 1 168 ? 11.713  9.951   -7.882  1.00 27.74 ? 168 ASN A C   1 
ATOM   1234 O O   . ASN A 1 168 ? 12.728  9.531   -8.452  1.00 28.50 ? 168 ASN A O   1 
ATOM   1235 C CB  . ASN A 1 168 ? 12.776  11.823  -6.551  1.00 28.03 ? 168 ASN A CB  1 
ATOM   1236 C CG  . ASN A 1 168 ? 12.902  13.335  -6.403  1.00 31.91 ? 168 ASN A CG  1 
ATOM   1237 O OD1 . ASN A 1 168 ? 12.656  14.084  -7.355  1.00 34.70 ? 168 ASN A OD1 1 
ATOM   1238 N ND2 . ASN A 1 168 ? 13.266  13.796  -5.201  1.00 34.56 ? 168 ASN A ND2 1 
ATOM   1239 N N   . TRP A 1 169 ? 10.687  9.152   -7.616  1.00 27.45 ? 169 TRP A N   1 
ATOM   1240 C CA  . TRP A 1 169 ? 10.766  7.747   -8.002  1.00 27.59 ? 169 TRP A CA  1 
ATOM   1241 C C   . TRP A 1 169 ? 10.540  7.633   -9.491  1.00 28.44 ? 169 TRP A C   1 
ATOM   1242 O O   . TRP A 1 169 ? 9.937   8.507   -10.104 1.00 27.92 ? 169 TRP A O   1 
ATOM   1243 C CB  . TRP A 1 169 ? 9.735   6.889   -7.279  1.00 27.09 ? 169 TRP A CB  1 
ATOM   1244 C CG  . TRP A 1 169 ? 10.055  6.598   -5.851  1.00 25.59 ? 169 TRP A CG  1 
ATOM   1245 C CD1 . TRP A 1 169 ? 11.076  7.122   -5.107  1.00 24.40 ? 169 TRP A CD1 1 
ATOM   1246 C CD2 . TRP A 1 169 ? 9.329   5.731   -4.977  1.00 23.82 ? 169 TRP A CD2 1 
ATOM   1247 N NE1 . TRP A 1 169 ? 11.026  6.630   -3.825  1.00 23.74 ? 169 TRP A NE1 1 
ATOM   1248 C CE2 . TRP A 1 169 ? 9.965   5.773   -3.715  1.00 23.99 ? 169 TRP A CE2 1 
ATOM   1249 C CE3 . TRP A 1 169 ? 8.190   4.930   -5.123  1.00 25.84 ? 169 TRP A CE3 1 
ATOM   1250 C CZ2 . TRP A 1 169 ? 9.502   5.043   -2.613  1.00 24.78 ? 169 TRP A CZ2 1 
ATOM   1251 C CZ3 . TRP A 1 169 ? 7.737   4.197   -4.037  1.00 26.05 ? 169 TRP A CZ3 1 
ATOM   1252 C CH2 . TRP A 1 169 ? 8.390   4.268   -2.789  1.00 25.19 ? 169 TRP A CH2 1 
ATOM   1253 N N   . PRO A 1 170 ? 11.006  6.536   -10.081 1.00 29.88 ? 170 PRO A N   1 
ATOM   1254 C CA  . PRO A 1 170 ? 10.680  6.266   -11.479 1.00 30.38 ? 170 PRO A CA  1 
ATOM   1255 C C   . PRO A 1 170 ? 9.172   6.112   -11.528 1.00 30.75 ? 170 PRO A C   1 
ATOM   1256 O O   . PRO A 1 170 ? 8.545   5.673   -10.547 1.00 32.42 ? 170 PRO A O   1 
ATOM   1257 C CB  . PRO A 1 170 ? 11.372  4.918   -11.757 1.00 30.53 ? 170 PRO A CB  1 
ATOM   1258 C CG  . PRO A 1 170 ? 11.548  4.288   -10.370 1.00 30.74 ? 170 PRO A CG  1 
ATOM   1259 C CD  . PRO A 1 170 ? 11.806  5.463   -9.458  1.00 30.06 ? 170 PRO A CD  1 
ATOM   1260 N N   . HIS A 1 171 ? 8.587   6.477   -12.649 1.00 30.67 ? 171 HIS A N   1 
ATOM   1261 C CA  . HIS A 1 171 ? 7.173   6.297   -12.856 1.00 30.16 ? 171 HIS A CA  1 
ATOM   1262 C C   . HIS A 1 171 ? 6.393   7.441   -12.252 1.00 29.79 ? 171 HIS A C   1 
ATOM   1263 O O   . HIS A 1 171 ? 5.238   7.600   -12.585 1.00 29.54 ? 171 HIS A O   1 
ATOM   1264 C CB  . HIS A 1 171 ? 6.684   4.943   -12.323 1.00 30.09 ? 171 HIS A CB  1 
ATOM   1265 C CG  . HIS A 1 171 ? 7.302   3.774   -13.023 1.00 30.23 ? 171 HIS A CG  1 
ATOM   1266 N ND1 . HIS A 1 171 ? 8.478   3.191   -12.599 1.00 31.07 ? 171 HIS A ND1 1 
ATOM   1267 C CD2 . HIS A 1 171 ? 6.928   3.103   -14.137 1.00 28.49 ? 171 HIS A CD2 1 
ATOM   1268 C CE1 . HIS A 1 171 ? 8.794   2.200   -13.413 1.00 30.54 ? 171 HIS A CE1 1 
ATOM   1269 N NE2 . HIS A 1 171 ? 7.870   2.127   -14.356 1.00 30.43 ? 171 HIS A NE2 1 
ATOM   1270 N N   . TYR A 1 172 ? 7.016   8.260   -11.402 1.00 30.27 ? 172 TYR A N   1 
ATOM   1271 C CA  . TYR A 1 172 ? 6.296   9.460   -10.950 1.00 31.33 ? 172 TYR A CA  1 
ATOM   1272 C C   . TYR A 1 172 ? 6.147   10.441  -12.108 1.00 33.73 ? 172 TYR A C   1 
ATOM   1273 O O   . TYR A 1 172 ? 7.037   10.559  -12.937 1.00 33.57 ? 172 TYR A O   1 
ATOM   1274 C CB  . TYR A 1 172 ? 6.924   10.169  -9.741  1.00 30.30 ? 172 TYR A CB  1 
ATOM   1275 C CG  . TYR A 1 172 ? 5.945   11.167  -9.149  1.00 27.33 ? 172 TYR A CG  1 
ATOM   1276 C CD1 . TYR A 1 172 ? 4.972   10.762  -8.240  1.00 23.92 ? 172 TYR A CD1 1 
ATOM   1277 C CD2 . TYR A 1 172 ? 5.945   12.493  -9.558  1.00 26.80 ? 172 TYR A CD2 1 
ATOM   1278 C CE1 . TYR A 1 172 ? 4.049   11.667  -7.724  1.00 23.63 ? 172 TYR A CE1 1 
ATOM   1279 C CE2 . TYR A 1 172 ? 5.026   13.410  -9.048  1.00 24.40 ? 172 TYR A CE2 1 
ATOM   1280 C CZ  . TYR A 1 172 ? 4.082   12.994  -8.133  1.00 23.97 ? 172 TYR A CZ  1 
ATOM   1281 O OH  . TYR A 1 172 ? 3.155   13.898  -7.626  1.00 22.47 ? 172 TYR A OH  1 
ATOM   1282 N N   . ARG A 1 173 ? 5.018   11.135  -12.153 1.00 36.84 ? 173 ARG A N   1 
ATOM   1283 C CA  . ARG A 1 173 ? 4.794   12.178  -13.142 1.00 40.57 ? 173 ARG A CA  1 
ATOM   1284 C C   . ARG A 1 173 ? 3.682   13.138  -12.680 1.00 42.13 ? 173 ARG A C   1 
ATOM   1285 O O   . ARG A 1 173 ? 2.638   12.699  -12.182 1.00 43.49 ? 173 ARG A O   1 
ATOM   1286 C CB  . ARG A 1 173 ? 4.486   11.549  -14.506 1.00 40.96 ? 173 ARG A CB  1 
ATOM   1287 C CG  . ARG A 1 173 ? 3.076   11.786  -15.026 1.00 44.35 ? 173 ARG A CG  1 
ATOM   1288 C CD  . ARG A 1 173 ? 2.873   11.266  -16.445 1.00 48.96 ? 173 ARG A CD  1 
ATOM   1289 N NE  . ARG A 1 173 ? 3.912   10.291  -16.778 1.00 52.16 ? 173 ARG A NE  1 
ATOM   1290 C CZ  . ARG A 1 173 ? 3.830   9.412   -17.773 1.00 54.03 ? 173 ARG A CZ  1 
ATOM   1291 N NH1 . ARG A 1 173 ? 4.827   8.564   -17.993 1.00 54.49 ? 173 ARG A NH1 1 
ATOM   1292 N NH2 . ARG A 1 173 ? 2.758   9.382   -18.557 1.00 55.01 ? 173 ARG A NH2 1 
ATOM   1293 N N   . SER A 1 174 ? 3.932   14.439  -12.805 1.00 43.87 ? 174 SER A N   1 
ATOM   1294 C CA  . SER A 1 174 ? 2.941   15.483  -12.497 1.00 45.39 ? 174 SER A CA  1 
ATOM   1295 C C   . SER A 1 174 ? 2.693   15.673  -11.001 1.00 45.89 ? 174 SER A C   1 
ATOM   1296 O O   . SER A 1 174 ? 3.632   15.565  -10.220 1.00 46.72 ? 174 SER A O   1 
ATOM   1297 C CB  . SER A 1 174 ? 1.636   15.240  -13.257 1.00 45.53 ? 174 SER A CB  1 
ATOM   1298 O OG  . SER A 1 174 ? 1.765   15.702  -14.593 1.00 47.11 ? 174 SER A OG  1 
ATOM   1299 N N   . PRO A 1 175 ? 1.459   15.955  -10.586 1.00 46.30 ? 175 PRO A N   1 
ATOM   1300 C CA  . PRO A 1 175 ? 0.275   15.965  -11.459 1.00 46.47 ? 175 PRO A CA  1 
ATOM   1301 C C   . PRO A 1 175 ? 0.077   17.280  -12.217 1.00 46.95 ? 175 PRO A C   1 
ATOM   1302 O O   . PRO A 1 175 ? 0.581   18.352  -11.848 1.00 46.54 ? 175 PRO A O   1 
ATOM   1303 C CB  . PRO A 1 175 ? -0.869  15.799  -10.464 1.00 46.56 ? 175 PRO A CB  1 
ATOM   1304 C CG  . PRO A 1 175 ? -0.394  16.512  -9.244  1.00 46.38 ? 175 PRO A CG  1 
ATOM   1305 C CD  . PRO A 1 175 ? 1.119   16.332  -9.201  1.00 46.19 ? 175 PRO A CD  1 
ATOM   1306 O OXT . PRO A 1 175 ? -0.625  17.306  -13.233 1.00 47.49 ? 175 PRO A OXT 1 
HETATM 1307 O O   . HOH B 2 .   ? -7.146  -1.426  -5.901  1.00 16.15 ? 176 HOH A O   1 
HETATM 1308 O O   . HOH B 2 .   ? 8.441   -9.051  2.953   1.00 21.05 ? 177 HOH A O   1 
HETATM 1309 O O   . HOH B 2 .   ? -12.108 -13.986 9.381   0.50 17.34 ? 178 HOH A O   1 
HETATM 1310 O O   . HOH B 2 .   ? 13.444  -4.256  3.023   1.00 16.14 ? 179 HOH A O   1 
HETATM 1311 O O   . HOH B 2 .   ? -2.479  3.547   -1.064  1.00 16.47 ? 180 HOH A O   1 
HETATM 1312 O O   . HOH B 2 .   ? 12.218  -7.253  10.050  0.50 12.79 ? 181 HOH A O   1 
HETATM 1313 O O   . HOH B 2 .   ? -9.440  -8.963  0.048   1.00 17.95 ? 182 HOH A O   1 
HETATM 1314 O O   . HOH B 2 .   ? 11.730  14.070  1.620   1.00 25.78 ? 183 HOH A O   1 
HETATM 1315 O O   . HOH B 2 .   ? -9.142  -14.212 2.752   1.00 23.49 ? 184 HOH A O   1 
HETATM 1316 O O   . HOH B 2 .   ? -4.170  5.564   -1.554  1.00 18.79 ? 185 HOH A O   1 
HETATM 1317 O O   . HOH B 2 .   ? 7.793   18.227  6.863   1.00 41.77 ? 186 HOH A O   1 
HETATM 1318 O O   . HOH B 2 .   ? -12.292 -6.516  -3.730  1.00 18.77 ? 187 HOH A O   1 
HETATM 1319 O O   . HOH B 2 .   ? -16.653 -5.901  7.714   1.00 33.15 ? 188 HOH A O   1 
HETATM 1320 O O   . HOH B 2 .   ? 6.306   -10.479 9.758   1.00 23.69 ? 189 HOH A O   1 
HETATM 1321 O O   . HOH B 2 .   ? -11.638 4.385   -1.296  1.00 28.13 ? 190 HOH A O   1 
HETATM 1322 O O   . HOH B 2 .   ? 18.554  1.622   0.560   1.00 28.78 ? 191 HOH A O   1 
HETATM 1323 O O   . HOH B 2 .   ? 2.115   21.225  5.860   1.00 28.02 ? 192 HOH A O   1 
HETATM 1324 O O   . HOH B 2 .   ? -4.369  6.017   3.866   1.00 26.56 ? 193 HOH A O   1 
HETATM 1325 O O   . HOH B 2 .   ? -5.288  16.786  -2.727  1.00 35.36 ? 194 HOH A O   1 
HETATM 1326 O O   . HOH B 2 .   ? 11.015  -7.737  2.718   1.00 19.11 ? 195 HOH A O   1 
HETATM 1327 O O   . HOH B 2 .   ? -4.987  3.605   9.493   1.00 26.88 ? 196 HOH A O   1 
HETATM 1328 O O   . HOH B 2 .   ? 4.812   7.396   12.184  1.00 26.27 ? 197 HOH A O   1 
HETATM 1329 O O   . HOH B 2 .   ? 9.856   -9.571  15.861  1.00 23.47 ? 198 HOH A O   1 
HETATM 1330 O O   . HOH B 2 .   ? -4.825  -10.798 -4.434  1.00 22.43 ? 199 HOH A O   1 
HETATM 1331 O O   . HOH B 2 .   ? -13.485 -11.922 8.215   1.00 16.93 ? 200 HOH A O   1 
HETATM 1332 O O   . HOH B 2 .   ? 10.143  -7.768  0.192   1.00 21.78 ? 201 HOH A O   1 
HETATM 1333 O O   . HOH B 2 .   ? 16.080  -4.687  3.096   1.00 17.25 ? 202 HOH A O   1 
HETATM 1334 O O   . HOH B 2 .   ? 9.812   -6.098  -1.746  1.00 21.93 ? 203 HOH A O   1 
HETATM 1335 O O   . HOH B 2 .   ? -2.083  -16.517 3.755   1.00 20.75 ? 204 HOH A O   1 
HETATM 1336 O O   . HOH B 2 .   ? -10.245 -3.332  -12.323 1.00 22.15 ? 205 HOH A O   1 
HETATM 1337 O O   . HOH B 2 .   ? -1.783  -11.128 -4.429  1.00 32.42 ? 206 HOH A O   1 
HETATM 1338 O O   . HOH B 2 .   ? -7.020  -9.543  -14.068 1.00 24.14 ? 207 HOH A O   1 
HETATM 1339 O O   . HOH B 2 .   ? 16.220  3.028   0.212   1.00 29.13 ? 208 HOH A O   1 
HETATM 1340 O O   . HOH B 2 .   ? 10.684  -0.114  -8.250  1.00 22.02 ? 209 HOH A O   1 
HETATM 1341 O O   . HOH B 2 .   ? 8.945   -0.042  -10.530 1.00 30.46 ? 210 HOH A O   1 
HETATM 1342 O O   . HOH B 2 .   ? 6.246   1.367   9.982   1.00 25.67 ? 211 HOH A O   1 
HETATM 1343 O O   . HOH B 2 .   ? 1.545   -11.917 14.911  1.00 29.46 ? 212 HOH A O   1 
HETATM 1344 O O   . HOH B 2 .   ? -6.887  -6.715  -19.146 1.00 17.39 ? 213 HOH A O   1 
HETATM 1345 O O   . HOH B 2 .   ? -14.320 1.288   -4.330  1.00 30.32 ? 214 HOH A O   1 
HETATM 1346 O O   . HOH B 2 .   ? -0.401  2.221   10.685  1.00 17.77 ? 215 HOH A O   1 
HETATM 1347 O O   . HOH B 2 .   ? -3.099  2.598   13.415  1.00 27.11 ? 216 HOH A O   1 
HETATM 1348 O O   . HOH B 2 .   ? 8.277   3.655   -8.938  1.00 33.04 ? 217 HOH A O   1 
HETATM 1349 O O   . HOH B 2 .   ? -7.413  -7.697  12.253  1.00 24.73 ? 218 HOH A O   1 
HETATM 1350 O O   . HOH B 2 .   ? 6.420   -13.199 -3.023  1.00 36.10 ? 219 HOH A O   1 
HETATM 1351 O O   . HOH B 2 .   ? -6.723  -14.387 6.054   1.00 29.87 ? 220 HOH A O   1 
HETATM 1352 O O   . HOH B 2 .   ? -5.248  -15.613 9.931   1.00 30.98 ? 221 HOH A O   1 
HETATM 1353 O O   . HOH B 2 .   ? -4.378  -8.745  17.181  1.00 23.33 ? 222 HOH A O   1 
HETATM 1354 O O   . HOH B 2 .   ? -7.615  -0.783  15.217  1.00 24.80 ? 223 HOH A O   1 
HETATM 1355 O O   . HOH B 2 .   ? -6.344  -4.960  16.901  1.00 40.33 ? 224 HOH A O   1 
HETATM 1356 O O   . HOH B 2 .   ? 7.639   -1.007  16.930  1.00 35.28 ? 225 HOH A O   1 
HETATM 1357 O O   . HOH B 2 .   ? 2.242   7.886   13.848  1.00 26.19 ? 226 HOH A O   1 
HETATM 1358 O O   . HOH B 2 .   ? 6.084   12.443  10.578  1.00 19.70 ? 227 HOH A O   1 
HETATM 1359 O O   . HOH B 2 .   ? 14.872  6.574   3.820   1.00 25.87 ? 228 HOH A O   1 
HETATM 1360 O O   . HOH B 2 .   ? 13.462  8.450   8.625   1.00 34.28 ? 229 HOH A O   1 
HETATM 1361 O O   . HOH B 2 .   ? 1.477   18.926  -2.574  1.00 29.57 ? 230 HOH A O   1 
HETATM 1362 O O   . HOH B 2 .   ? 10.669  12.226  -10.924 1.00 40.94 ? 231 HOH A O   1 
HETATM 1363 O O   . HOH B 2 .   ? 13.473  9.641   -3.819  1.00 23.25 ? 232 HOH A O   1 
HETATM 1364 O O   . HOH B 2 .   ? 5.686   6.636   -16.290 1.00 38.41 ? 233 HOH A O   1 
HETATM 1365 O O   . HOH B 2 .   ? -14.163 -2.570  -0.309  1.00 32.22 ? 234 HOH A O   1 
HETATM 1366 O O   . HOH B 2 .   ? -6.194  3.711   7.069   1.00 23.35 ? 235 HOH A O   1 
HETATM 1367 O O   . HOH B 2 .   ? 14.734  5.113   -3.752  1.00 36.06 ? 236 HOH A O   1 
HETATM 1368 O O   . HOH B 2 .   ? 2.361   -9.584  16.782  1.00 27.32 ? 237 HOH A O   1 
HETATM 1369 O O   . HOH B 2 .   ? -6.623  -10.894 13.424  1.00 27.53 ? 238 HOH A O   1 
HETATM 1370 O O   . HOH B 2 .   ? -7.598  -10.727 -1.199  1.00 28.61 ? 239 HOH A O   1 
HETATM 1371 O O   . HOH B 2 .   ? -14.915 -9.423  -9.806  1.00 31.89 ? 240 HOH A O   1 
HETATM 1372 O O   . HOH B 2 .   ? -5.821  -3.581  -18.459 1.00 38.54 ? 241 HOH A O   1 
HETATM 1373 O O   . HOH B 2 .   ? -11.342 12.959  -1.647  1.00 28.86 ? 242 HOH A O   1 
HETATM 1374 O O   . HOH B 2 .   ? -14.821 7.565   -3.415  1.00 34.80 ? 243 HOH A O   1 
HETATM 1375 O O   . HOH B 2 .   ? -9.171  8.305   0.001   1.00 27.15 ? 244 HOH A O   1 
HETATM 1376 O O   . HOH B 2 .   ? -4.567  14.051  5.662   1.00 33.51 ? 245 HOH A O   1 
HETATM 1377 O O   . HOH B 2 .   ? 6.637   2.149   6.545   1.00 32.66 ? 246 HOH A O   1 
HETATM 1378 O O   . HOH B 2 .   ? -5.342  0.855   -14.716 1.00 35.08 ? 247 HOH A O   1 
HETATM 1379 O O   . HOH B 2 .   ? -1.698  17.160  -7.334  1.00 41.98 ? 248 HOH A O   1 
HETATM 1380 O O   . HOH B 2 .   ? 10.140  2.643   -7.627  1.00 30.70 ? 249 HOH A O   1 
HETATM 1381 O O   . HOH B 2 .   ? 10.100  -0.444  -12.798 1.00 37.25 ? 250 HOH A O   1 
HETATM 1382 O O   . HOH B 2 .   ? 15.256  7.291   -0.335  1.00 28.06 ? 251 HOH A O   1 
HETATM 1383 O O   . HOH B 2 .   ? -9.135  6.586   7.784   1.00 34.80 ? 252 HOH A O   1 
HETATM 1384 O O   . HOH B 2 .   ? 7.263   4.503   -17.532 1.00 32.93 ? 253 HOH A O   1 
HETATM 1385 O O   . HOH B 2 .   ? 8.578   -1.914  -17.786 1.00 41.06 ? 254 HOH A O   1 
HETATM 1386 O O   . HOH B 2 .   ? 0.642   12.495  -9.704  1.00 30.71 ? 255 HOH A O   1 
HETATM 1387 O O   . HOH B 2 .   ? 4.172   -14.690 0.316   1.00 30.81 ? 256 HOH A O   1 
HETATM 1388 O O   . HOH B 2 .   ? -2.104  12.796  6.750   1.00 31.33 ? 257 HOH A O   1 
HETATM 1389 O O   . HOH B 2 .   ? 13.333  1.071   10.355  1.00 31.87 ? 258 HOH A O   1 
HETATM 1390 O O   . HOH B 2 .   ? 9.879   -8.522  -7.122  1.00 31.76 ? 259 HOH A O   1 
HETATM 1391 O O   . HOH B 2 .   ? -13.588 -1.136  -3.320  1.00 33.03 ? 260 HOH A O   1 
HETATM 1392 O O   . HOH B 2 .   ? -3.043  14.346  -9.883  1.00 32.51 ? 261 HOH A O   1 
HETATM 1393 O O   . HOH B 2 .   ? -12.521 3.920   -12.620 1.00 32.67 ? 262 HOH A O   1 
HETATM 1394 O O   . HOH B 2 .   ? 16.077  7.574   7.145   1.00 37.70 ? 263 HOH A O   1 
HETATM 1395 O O   . HOH B 2 .   ? -5.044  -11.234 -0.152  1.00 34.87 ? 264 HOH A O   1 
HETATM 1396 O O   . HOH B 2 .   ? -15.396 2.875   -10.346 1.00 42.22 ? 265 HOH A O   1 
HETATM 1397 O O   . HOH B 2 .   ? -16.429 -6.924  -2.954  1.00 35.60 ? 266 HOH A O   1 
HETATM 1398 O O   . HOH B 2 .   ? -7.335  -10.145 -11.247 1.00 31.40 ? 267 HOH A O   1 
HETATM 1399 O O   . HOH B 2 .   ? -14.531 -5.075  -3.255  1.00 30.91 ? 268 HOH A O   1 
HETATM 1400 O O   . HOH B 2 .   ? 6.575   -14.127 -0.857  1.00 34.78 ? 269 HOH A O   1 
HETATM 1401 O O   . HOH B 2 .   ? -7.830  -13.899 0.575   1.00 35.76 ? 270 HOH A O   1 
HETATM 1402 O O   . HOH B 2 .   ? -6.270  7.568   4.682   1.00 33.23 ? 271 HOH A O   1 
HETATM 1403 O O   . HOH B 2 .   ? 16.094  5.208   1.307   1.00 28.11 ? 272 HOH A O   1 
HETATM 1404 O O   . HOH B 2 .   ? -1.553  -2.876  19.352  1.00 36.75 ? 273 HOH A O   1 
HETATM 1405 O O   . HOH B 2 .   ? -10.343 5.122   0.899   1.00 43.55 ? 274 HOH A O   1 
HETATM 1406 O O   . HOH B 2 .   ? -13.547 19.379  -0.965  1.00 27.41 ? 275 HOH A O   1 
HETATM 1407 O O   . HOH B 2 .   ? 18.611  5.967   1.659   1.00 32.50 ? 276 HOH A O   1 
HETATM 1408 O O   . HOH B 2 .   ? 2.381   -2.547  16.845  1.00 30.97 ? 277 HOH A O   1 
HETATM 1409 O O   . HOH B 2 .   ? 20.161  3.401   1.577   1.00 45.27 ? 278 HOH A O   1 
HETATM 1410 O O   . HOH B 2 .   ? -2.060  -15.338 0.994   1.00 27.18 ? 279 HOH A O   1 
HETATM 1411 O O   . HOH B 2 .   ? 3.232   -16.222 15.902  1.00 42.73 ? 280 HOH A O   1 
HETATM 1412 O O   . HOH B 2 .   ? 4.450   -5.597  -17.201 1.00 37.22 ? 281 HOH A O   1 
HETATM 1413 O O   . HOH B 2 .   ? -6.872  5.411   2.000   1.00 42.53 ? 282 HOH A O   1 
HETATM 1414 O O   . HOH B 2 .   ? -8.885  -12.834 -1.232  1.00 35.46 ? 283 HOH A O   1 
HETATM 1415 O O   . HOH B 2 .   ? 1.336   -13.687 16.677  0.50 26.49 ? 284 HOH A O   1 
HETATM 1416 O O   . HOH B 2 .   ? 2.076   -13.890 -0.769  1.00 43.58 ? 285 HOH A O   1 
HETATM 1417 O O   . HOH B 2 .   ? -3.343  -17.519 10.995  1.00 31.02 ? 286 HOH A O   1 
HETATM 1418 O O   . HOH B 2 .   ? -14.488 -9.789  10.330  1.00 35.73 ? 287 HOH A O   1 
HETATM 1419 O O   . HOH B 2 .   ? 12.921  2.394   12.751  1.00 30.99 ? 288 HOH A O   1 
HETATM 1420 O O   . HOH B 2 .   ? -10.463 11.907  1.385   1.00 35.44 ? 289 HOH A O   1 
HETATM 1421 O O   . HOH B 2 .   ? 14.955  1.505   -2.602  1.00 41.21 ? 290 HOH A O   1 
HETATM 1422 O O   . HOH B 2 .   ? 14.508  -3.031  -3.630  1.00 37.35 ? 291 HOH A O   1 
HETATM 1423 O O   . HOH B 2 .   ? 7.830   12.591  12.736  1.00 45.99 ? 292 HOH A O   1 
HETATM 1424 O O   . HOH B 2 .   ? -6.540  2.668   -16.438 1.00 23.88 ? 293 HOH A O   1 
HETATM 1425 O O   . HOH B 2 .   ? -1.181  1.631   17.357  1.00 39.93 ? 294 HOH A O   1 
HETATM 1426 O O   . HOH B 2 .   ? 8.527   13.758  -12.989 1.00 49.48 ? 295 HOH A O   1 
HETATM 1427 O O   . HOH B 2 .   ? -1.457  -13.032 -6.358  1.00 38.18 ? 296 HOH A O   1 
HETATM 1428 O O   . HOH B 2 .   ? 13.579  7.273   -2.280  1.00 29.60 ? 297 HOH A O   1 
HETATM 1429 O O   . HOH B 2 .   ? -12.415 -3.447  -9.955  1.00 34.87 ? 298 HOH A O   1 
HETATM 1430 O O   . HOH B 2 .   ? 9.392   -10.517 -8.843  1.00 45.74 ? 299 HOH A O   1 
HETATM 1431 O O   . HOH B 2 .   ? 3.492   12.404  11.975  1.00 43.90 ? 300 HOH A O   1 
HETATM 1432 O O   . HOH B 2 .   ? 0.588   11.787  -13.368 1.00 28.65 ? 301 HOH A O   1 
HETATM 1433 O O   . HOH B 2 .   ? 0.443   -18.099 5.650   1.00 42.57 ? 302 HOH A O   1 
HETATM 1434 O O   . HOH B 2 .   ? 4.807   -4.512  -20.406 1.00 46.08 ? 303 HOH A O   1 
HETATM 1435 O O   . HOH B 2 .   ? 8.946   -6.245  18.668  1.00 37.19 ? 304 HOH A O   1 
HETATM 1436 O O   . HOH B 2 .   ? -7.684  2.593   2.973   1.00 42.22 ? 305 HOH A O   1 
HETATM 1437 O O   . HOH B 2 .   ? -13.411 -7.410  13.472  1.00 54.85 ? 306 HOH A O   1 
HETATM 1438 O O   . HOH B 2 .   ? 10.071  -8.810  18.546  1.00 31.08 ? 307 HOH A O   1 
HETATM 1439 O O   . HOH B 2 .   ? -10.154 0.594   15.303  1.00 39.71 ? 308 HOH A O   1 
HETATM 1440 O O   . HOH B 2 .   ? 8.388   2.533   15.092  1.00 34.62 ? 309 HOH A O   1 
HETATM 1441 O O   . HOH B 2 .   ? 2.867   -2.994  -20.095 1.00 19.35 ? 310 HOH A O   1 
HETATM 1442 O O   . HOH B 2 .   ? -5.420  9.975   5.831   1.00 45.79 ? 311 HOH A O   1 
HETATM 1443 O O   . HOH B 2 .   ? 10.141  3.016   13.033  1.00 39.47 ? 312 HOH A O   1 
HETATM 1444 O O   . HOH B 2 .   ? -15.912 3.229   -3.314  1.00 42.36 ? 313 HOH A O   1 
HETATM 1445 O O   . HOH B 2 .   ? -12.247 -2.545  -14.146 1.00 37.57 ? 314 HOH A O   1 
HETATM 1446 O O   . HOH B 2 .   ? -14.646 -9.677  12.840  1.00 35.58 ? 315 HOH A O   1 
HETATM 1447 O O   . HOH B 2 .   ? 11.294  -5.749  20.102  1.00 36.13 ? 316 HOH A O   1 
HETATM 1448 O O   . HOH B 2 .   ? 1.388   -0.517  -21.006 1.00 46.29 ? 317 HOH A O   1 
HETATM 1449 O O   . HOH B 2 .   ? -18.122 -7.199  -0.088  1.00 48.11 ? 318 HOH A O   1 
HETATM 1450 O O   . HOH B 2 .   ? -2.545  17.824  -3.472  1.00 38.85 ? 319 HOH A O   1 
HETATM 1451 O O   . HOH B 2 .   ? -5.818  7.344   8.418   1.00 41.85 ? 320 HOH A O   1 
HETATM 1452 O O   . HOH B 2 .   ? -20.632 -2.986  6.630   1.00 44.28 ? 321 HOH A O   1 
HETATM 1453 O O   . HOH B 2 .   ? -16.047 -12.873 7.833   1.00 37.01 ? 322 HOH A O   1 
HETATM 1454 O O   . HOH B 2 .   ? 10.694  15.271  -13.346 1.00 46.97 ? 323 HOH A O   1 
HETATM 1455 O O   . HOH B 2 .   ? 0.802   -11.496 -2.818  1.00 46.51 ? 324 HOH A O   1 
HETATM 1456 O O   . HOH B 2 .   ? 6.659   -12.752 15.283  1.00 43.20 ? 325 HOH A O   1 
HETATM 1457 O O   . HOH B 2 .   ? 11.028  16.718  2.040   1.00 41.45 ? 326 HOH A O   1 
HETATM 1458 O O   . HOH B 2 .   ? 9.762   2.768   18.016  1.00 44.73 ? 327 HOH A O   1 
HETATM 1459 O O   . HOH B 2 .   ? -18.591 -3.956  12.251  1.00 51.34 ? 328 HOH A O   1 
HETATM 1460 O O   . HOH B 2 .   ? 7.685   8.797   -15.589 1.00 44.35 ? 329 HOH A O   1 
HETATM 1461 O O   . HOH B 2 .   ? 10.486  17.748  10.177  1.00 44.09 ? 330 HOH A O   1 
HETATM 1462 O O   . HOH B 2 .   ? -14.301 -8.868  -12.395 1.00 43.94 ? 331 HOH A O   1 
HETATM 1463 O O   . HOH B 2 .   ? -1.012  19.626  0.288   1.00 43.82 ? 332 HOH A O   1 
HETATM 1464 O O   . HOH B 2 .   ? 16.968  9.729   -0.731  1.00 42.05 ? 333 HOH A O   1 
HETATM 1465 O O   . HOH B 2 .   ? 7.501   6.401   14.947  1.00 34.28 ? 334 HOH A O   1 
HETATM 1466 O O   . HOH B 2 .   ? 6.323   9.470   12.414  1.00 45.13 ? 335 HOH A O   1 
HETATM 1467 O O   . HOH B 2 .   ? -6.671  12.232  4.921   1.00 50.44 ? 336 HOH A O   1 
HETATM 1468 O O   . HOH B 2 .   ? -6.565  -7.401  16.497  1.00 49.99 ? 337 HOH A O   1 
HETATM 1469 O O   . HOH B 2 .   ? 11.074  -5.273  -12.941 1.00 45.21 ? 338 HOH A O   1 
HETATM 1470 O O   . HOH B 2 .   ? 4.011   19.241  0.567   1.00 42.01 ? 339 HOH A O   1 
HETATM 1471 O O   . HOH B 2 .   ? 6.710   19.762  5.508   1.00 42.96 ? 340 HOH A O   1 
HETATM 1472 O O   . HOH B 2 .   ? 13.576  13.759  -1.186  1.00 47.47 ? 341 HOH A O   1 
HETATM 1473 O O   . HOH B 2 .   ? 13.464  11.182  7.821   1.00 52.45 ? 342 HOH A O   1 
HETATM 1474 O O   . HOH B 2 .   ? 15.291  12.431  -6.829  1.00 49.52 ? 343 HOH A O   1 
HETATM 1475 O O   . HOH B 2 .   ? 2.159   -5.708  -17.461 1.00 42.27 ? 344 HOH A O   1 
HETATM 1476 O O   . HOH B 2 .   ? -9.838  -2.936  -17.815 1.00 44.38 ? 345 HOH A O   1 
HETATM 1477 O O   . HOH B 2 .   ? -11.991 1.582   -13.973 1.00 43.98 ? 346 HOH A O   1 
HETATM 1478 O O   . HOH B 2 .   ? -13.294 8.840   -1.392  1.00 41.61 ? 347 HOH A O   1 
HETATM 1479 O O   . HOH B 2 .   ? -8.511  14.077  4.962   1.00 50.96 ? 348 HOH A O   1 
HETATM 1480 O O   . HOH B 2 .   ? 15.053  6.467   8.849   1.00 44.92 ? 349 HOH A O   1 
HETATM 1481 O O   . HOH B 2 .   ? 16.688  1.151   9.717   1.00 47.77 ? 350 HOH A O   1 
HETATM 1482 O O   . HOH B 2 .   ? -3.716  -15.832 -0.633  1.00 44.66 ? 351 HOH A O   1 
HETATM 1483 O O   . HOH B 2 .   ? 15.653  -0.578  -3.891  1.00 49.55 ? 352 HOH A O   1 
HETATM 1484 O O   . HOH B 2 .   ? 4.633   -0.377  17.346  1.00 50.86 ? 353 HOH A O   1 
HETATM 1485 O O   . HOH B 2 .   ? 2.711   2.027   18.891  1.00 41.70 ? 354 HOH A O   1 
HETATM 1486 O O   . HOH B 2 .   ? -3.166  17.697  -0.809  1.00 50.11 ? 355 HOH A O   1 
HETATM 1487 O O   . HOH B 2 .   ? -0.939  14.068  -13.577 1.00 54.79 ? 356 HOH A O   1 
HETATM 1488 O O   . HOH B 2 .   ? 12.773  -12.412 -6.576  1.00 52.22 ? 357 HOH A O   1 
HETATM 1489 O O   . HOH B 2 .   ? 17.387  5.621   8.994   1.00 53.68 ? 358 HOH A O   1 
HETATM 1490 O O   . HOH B 2 .   ? 13.151  -12.797 -9.516  1.00 49.45 ? 359 HOH A O   1 
HETATM 1491 O O   . HOH B 2 .   ? -7.889  -16.757 5.608   1.00 53.02 ? 360 HOH A O   1 
HETATM 1492 O O   . HOH B 2 .   ? -4.383  -0.418  -17.867 1.00 53.09 ? 361 HOH A O   1 
HETATM 1493 O O   . HOH B 2 .   ? -5.286  1.817   13.508  1.00 42.37 ? 362 HOH A O   1 
HETATM 1494 O O   . HOH B 2 .   ? 9.144   -11.828 15.241  1.00 51.51 ? 363 HOH A O   1 
HETATM 1495 O O   . HOH B 2 .   ? -19.789 5.189   -2.196  1.00 54.29 ? 364 HOH A O   1 
HETATM 1496 O O   . HOH B 2 .   ? -0.693  -14.923 -2.265  1.00 52.65 ? 365 HOH A O   1 
HETATM 1497 O O   . HOH B 2 .   ? -6.041  3.917   -18.180 1.00 50.06 ? 366 HOH A O   1 
HETATM 1498 O O   . HOH B 2 .   ? 11.052  4.842   20.008  1.00 52.24 ? 367 HOH A O   1 
HETATM 1499 O O   . HOH B 2 .   ? 10.006  7.181   -14.492 1.00 52.89 ? 368 HOH A O   1 
HETATM 1500 O O   . HOH B 2 .   ? 16.992  1.158   6.682   1.00 26.02 ? 369 HOH A O   1 
HETATM 1501 O O   . HOH B 2 .   ? 6.125   14.139  -13.712 1.00 50.02 ? 370 HOH A O   1 
HETATM 1502 O O   . HOH B 2 .   ? -3.355  3.048   11.101  1.00 50.02 ? 371 HOH A O   1 
HETATM 1503 O O   . HOH B 2 .   ? 9.938   17.204  4.389   1.00 50.02 ? 372 HOH A O   1 
HETATM 1504 O O   . HOH B 2 .   ? 4.385   -10.164 -5.582  1.00 51.02 ? 373 HOH A O   1 
HETATM 1505 O O   . HOH B 2 .   ? 6.429   -6.915  -17.367 1.00 52.02 ? 374 HOH A O   1 
HETATM 1506 O O   . HOH B 2 .   ? 8.118   18.981  3.512   1.00 54.02 ? 375 HOH A O   1 
# 
